data_8YMA
#
_entry.id   8YMA
#
_cell.length_a   81.834
_cell.length_b   81.834
_cell.length_c   667.371
_cell.angle_alpha   90.00
_cell.angle_beta   90.00
_cell.angle_gamma   120.00
#
_symmetry.space_group_name_H-M   'P 61'
#
loop_
_entity.id
_entity.type
_entity.pdbx_description
1 polymer 'Carboxylic ester hydrolase'
2 non-polymer 'SULFATE ION'
3 water water
#
_entity_poly.entity_id   1
_entity_poly.type   'polypeptide(L)'
_entity_poly.pdbx_seq_one_letter_code
;MHHHHHHENLYFQGAGAGAGAGAMATARELHDVIVETRYGAVRGRSDGTVCVWKGVPFARPPVGPLRFRPPEPPEPWSGV
RDATRFGPASVQPEDRLISNLTGGATLPQDEDCLYLNIWSPSPDGRRPVMVWIHGGAYLTGAGSIPWYDGTALAREGDVV
VVTLNYRLGALGFLYLEDAFGPEFTGSGNLGILDQIAALRWVRENIAAFGGDPDRVTIFGESAGAGSVGVLLAAPAARGL
FHRAILQSGSGALGVRTAASAARVAARVLQHAGVEPGDREALRSLPARAWANAVAALGPGLPLGPVVDGTVLPEHPMAAL
ARGAARDVAVLVGVNKDEYNLFALQDPAWLGDDEAALRQRVEAVVGPAAGRLIEFYRSRGEGSLGRRLLPLMSYAVFVRG
MLATADAQARVGAPVWAYRFDFETPVLGGVLGACHALEIPFVFNTLDRAGADRFTGTAPERYAVAQAMHRAWIAFAREGN
PQHDGLPEWPRYDLEERAVMVFAVEPRVERDPWRAEREVWAAAGVGA
;
_entity_poly.pdbx_strand_id   A,B,C,D
#
loop_
_chem_comp.id
_chem_comp.type
_chem_comp.name
_chem_comp.formula
SO4 non-polymer 'SULFATE ION' 'O4 S -2'
#
# COMPACT_ATOMS: atom_id res chain seq x y z
N GLU A 29 5.87 4.26 4.06
CA GLU A 29 5.96 3.66 5.42
C GLU A 29 4.57 3.54 6.04
N LEU A 30 3.58 3.26 5.20
CA LEU A 30 2.17 3.25 5.59
C LEU A 30 1.85 2.03 6.42
N HIS A 31 1.16 2.23 7.53
CA HIS A 31 0.84 1.16 8.46
C HIS A 31 -0.57 1.37 8.99
N ASP A 32 -1.26 0.27 9.34
CA ASP A 32 -2.53 0.30 10.04
C ASP A 32 -2.37 0.87 11.45
N VAL A 33 -3.36 1.67 11.89
CA VAL A 33 -3.40 2.23 13.23
C VAL A 33 -4.81 2.00 13.79
N ILE A 34 -4.88 1.32 14.94
CA ILE A 34 -6.21 0.97 15.53
C ILE A 34 -6.51 1.89 16.73
N VAL A 35 -7.73 2.42 16.78
CA VAL A 35 -8.17 3.30 17.89
C VAL A 35 -9.50 2.73 18.39
N GLU A 36 -9.80 2.88 19.68
CA GLU A 36 -11.04 2.26 20.21
C GLU A 36 -12.07 3.36 20.49
N THR A 37 -13.27 3.23 19.93
CA THR A 37 -14.35 4.20 20.17
C THR A 37 -15.30 3.60 21.18
N ARG A 38 -16.21 4.41 21.71
CA ARG A 38 -17.21 3.89 22.64
C ARG A 38 -17.97 2.73 22.04
N TYR A 39 -18.12 2.71 20.70
CA TYR A 39 -18.88 1.66 20.07
C TYR A 39 -17.99 0.49 19.68
N GLY A 40 -16.68 0.70 19.51
CA GLY A 40 -15.84 -0.39 19.04
C GLY A 40 -14.52 0.13 18.49
N ALA A 41 -13.64 -0.84 18.13
CA ALA A 41 -12.31 -0.54 17.62
C ALA A 41 -12.42 -0.24 16.13
N VAL A 42 -11.56 0.68 15.65
CA VAL A 42 -11.51 1.05 14.24
C VAL A 42 -10.07 0.98 13.77
N ARG A 43 -9.89 0.42 12.54
CA ARG A 43 -8.59 0.30 11.92
C ARG A 43 -8.44 1.34 10.83
N GLY A 44 -7.50 2.28 11.02
CA GLY A 44 -7.16 3.30 10.04
C GLY A 44 -5.71 3.15 9.57
N ARG A 45 -5.18 4.14 8.82
CA ARG A 45 -3.89 4.05 8.16
C ARG A 45 -3.08 5.28 8.55
N SER A 46 -1.74 5.13 8.68
CA SER A 46 -0.86 6.22 9.07
C SER A 46 0.48 6.06 8.37
N ASP A 47 1.04 7.16 7.88
CA ASP A 47 2.43 7.18 7.45
C ASP A 47 3.32 7.54 8.64
N GLY A 48 2.70 7.93 9.77
CA GLY A 48 3.43 8.38 10.93
C GLY A 48 3.44 9.90 11.01
N THR A 49 3.42 10.60 9.85
CA THR A 49 3.25 12.04 9.85
C THR A 49 1.79 12.35 10.19
N VAL A 50 0.86 11.61 9.58
CA VAL A 50 -0.56 11.85 9.78
C VAL A 50 -1.29 10.52 9.80
N CYS A 51 -2.44 10.47 10.47
CA CYS A 51 -3.31 9.29 10.47
C CYS A 51 -4.68 9.64 9.91
N VAL A 52 -5.35 8.65 9.25
CA VAL A 52 -6.68 8.85 8.74
C VAL A 52 -7.57 7.64 9.06
N TRP A 53 -8.80 7.92 9.50
CA TRP A 53 -9.83 6.93 9.69
C TRP A 53 -11.03 7.31 8.85
N LYS A 54 -11.45 6.40 7.97
CA LYS A 54 -12.47 6.68 7.00
C LYS A 54 -13.66 5.79 7.24
N GLY A 55 -14.86 6.34 7.01
CA GLY A 55 -16.06 5.51 6.99
C GLY A 55 -16.45 5.02 8.38
N VAL A 56 -16.14 5.85 9.39
CA VAL A 56 -16.48 5.54 10.77
C VAL A 56 -17.95 5.90 10.94
N PRO A 57 -18.81 4.98 11.46
CA PRO A 57 -20.24 5.26 11.59
C PRO A 57 -20.55 6.02 12.88
N PHE A 58 -21.30 7.12 12.76
CA PHE A 58 -21.65 7.96 13.92
C PHE A 58 -23.13 7.77 14.27
N ALA A 59 -23.83 6.96 13.45
CA ALA A 59 -25.24 6.69 13.65
C ALA A 59 -25.57 5.34 13.05
N ARG A 60 -26.67 4.75 13.48
CA ARG A 60 -27.18 3.56 12.84
C ARG A 60 -27.73 3.96 11.48
N PRO A 61 -27.61 3.08 10.45
CA PRO A 61 -28.13 3.35 9.13
C PRO A 61 -29.61 3.79 9.16
N PRO A 62 -29.94 4.93 8.53
CA PRO A 62 -31.30 5.48 8.56
C PRO A 62 -32.17 4.85 7.48
N VAL A 63 -32.51 3.58 7.73
CA VAL A 63 -33.25 2.74 6.79
C VAL A 63 -34.43 2.07 7.51
N GLY A 64 -35.43 1.66 6.73
CA GLY A 64 -36.64 1.02 7.24
C GLY A 64 -37.37 1.96 8.19
N PRO A 65 -37.56 1.56 9.47
CA PRO A 65 -38.18 2.42 10.47
C PRO A 65 -37.37 3.69 10.77
N LEU A 66 -36.04 3.63 10.60
CA LEU A 66 -35.19 4.79 10.83
C LEU A 66 -35.24 5.79 9.68
N ARG A 67 -35.73 5.37 8.53
CA ARG A 67 -35.92 6.27 7.40
C ARG A 67 -37.00 7.27 7.80
N PHE A 68 -36.77 8.55 7.41
CA PHE A 68 -37.64 9.67 7.74
C PHE A 68 -37.79 9.85 9.25
N ARG A 69 -36.83 9.37 10.02
CA ARG A 69 -36.90 9.44 11.47
C ARG A 69 -35.54 9.93 11.96
N PRO A 70 -35.43 10.54 13.18
CA PRO A 70 -34.17 11.09 13.65
C PRO A 70 -33.05 10.06 13.77
N PRO A 71 -31.78 10.52 13.66
CA PRO A 71 -30.62 9.62 13.64
C PRO A 71 -30.48 8.94 14.99
N GLU A 72 -30.07 7.65 14.96
CA GLU A 72 -29.97 6.88 16.17
C GLU A 72 -28.52 6.45 16.36
N PRO A 73 -28.03 6.40 17.61
CA PRO A 73 -26.64 6.05 17.87
C PRO A 73 -26.31 4.69 17.28
N PRO A 74 -25.05 4.48 16.84
CA PRO A 74 -24.69 3.21 16.20
C PRO A 74 -24.69 2.06 17.21
N GLU A 75 -25.02 0.86 16.73
CA GLU A 75 -24.93 -0.35 17.54
C GLU A 75 -23.45 -0.65 17.76
N PRO A 76 -23.02 -1.00 19.00
CA PRO A 76 -21.63 -1.39 19.25
C PRO A 76 -21.22 -2.63 18.46
N TRP A 77 -19.93 -2.72 18.09
CA TRP A 77 -19.44 -3.88 17.37
C TRP A 77 -18.30 -4.52 18.13
N SER A 78 -18.25 -5.85 18.02
CA SER A 78 -17.09 -6.62 18.41
C SER A 78 -16.11 -6.62 17.25
N GLY A 79 -14.83 -6.76 17.53
CA GLY A 79 -13.85 -6.87 16.47
C GLY A 79 -13.34 -5.49 16.06
N VAL A 80 -12.44 -5.49 15.06
CA VAL A 80 -11.80 -4.28 14.61
C VAL A 80 -12.46 -3.91 13.30
N ARG A 81 -13.13 -2.76 13.25
CA ARG A 81 -13.91 -2.36 12.08
C ARG A 81 -12.94 -1.72 11.11
N ASP A 82 -13.11 -1.98 9.80
CA ASP A 82 -12.22 -1.40 8.82
C ASP A 82 -12.56 0.08 8.67
N ALA A 83 -11.55 0.95 8.78
CA ALA A 83 -11.72 2.38 8.53
C ALA A 83 -10.77 2.84 7.42
N THR A 84 -10.44 1.91 6.50
CA THR A 84 -9.53 2.22 5.40
C THR A 84 -10.30 2.81 4.22
N ARG A 85 -11.63 2.57 4.15
CA ARG A 85 -12.44 3.00 3.02
C ARG A 85 -13.56 3.97 3.43
N PHE A 86 -13.83 4.92 2.53
CA PHE A 86 -14.84 5.93 2.74
C PHE A 86 -16.20 5.27 2.73
N GLY A 87 -17.13 5.83 3.53
CA GLY A 87 -18.52 5.41 3.44
C GLY A 87 -19.14 5.89 2.13
N PRO A 88 -20.21 5.24 1.67
CA PRO A 88 -21.06 5.78 0.59
C PRO A 88 -21.67 7.14 0.95
N ALA A 89 -21.86 7.97 -0.08
CA ALA A 89 -22.58 9.22 0.01
C ALA A 89 -24.08 8.98 0.05
N SER A 90 -24.79 10.01 0.56
CA SER A 90 -26.24 10.03 0.57
C SER A 90 -26.76 10.05 -0.88
N VAL A 91 -27.91 9.45 -1.13
CA VAL A 91 -28.49 9.44 -2.45
C VAL A 91 -28.70 10.87 -2.95
N GLN A 92 -28.25 11.10 -4.19
CA GLN A 92 -28.15 12.42 -4.77
C GLN A 92 -28.33 12.39 -6.30
N PRO A 93 -28.79 13.51 -6.90
CA PRO A 93 -28.76 13.70 -8.35
C PRO A 93 -27.33 13.91 -8.83
N GLU A 94 -27.15 13.87 -10.14
CA GLU A 94 -25.85 14.08 -10.78
C GLU A 94 -25.24 15.47 -10.48
N ASP A 95 -26.02 16.57 -10.50
CA ASP A 95 -25.50 17.88 -10.15
C ASP A 95 -24.03 17.97 -10.57
N ARG A 96 -23.84 18.04 -11.88
CA ARG A 96 -22.57 17.81 -12.51
C ARG A 96 -21.93 19.13 -12.92
N LEU A 97 -22.48 20.29 -12.51
CA LEU A 97 -21.93 21.57 -12.96
C LEU A 97 -20.42 21.66 -12.65
N ILE A 98 -20.06 21.48 -11.38
CA ILE A 98 -18.65 21.42 -11.00
C ILE A 98 -17.95 20.24 -11.68
N SER A 99 -18.65 19.11 -11.74
CA SER A 99 -18.15 17.87 -12.29
C SER A 99 -17.80 18.00 -13.77
N ASN A 100 -18.55 18.77 -14.56
CA ASN A 100 -18.27 18.88 -15.99
C ASN A 100 -16.94 19.60 -16.21
N LEU A 101 -16.66 20.65 -15.42
CA LEU A 101 -15.37 21.32 -15.49
C LEU A 101 -14.25 20.42 -14.94
N THR A 102 -14.57 19.68 -13.87
CA THR A 102 -13.66 18.76 -13.22
C THR A 102 -13.72 17.42 -13.96
N GLY A 103 -12.92 16.44 -13.51
CA GLY A 103 -13.05 15.09 -14.04
C GLY A 103 -13.88 14.17 -13.14
N GLY A 104 -14.53 14.71 -12.10
CA GLY A 104 -15.14 13.88 -11.08
C GLY A 104 -16.18 12.91 -11.64
N ALA A 105 -16.18 11.69 -11.11
CA ALA A 105 -17.21 10.69 -11.41
C ALA A 105 -18.38 10.90 -10.46
N THR A 106 -19.50 10.20 -10.76
CA THR A 106 -20.64 10.10 -9.85
C THR A 106 -20.16 9.46 -8.55
N LEU A 107 -20.67 9.97 -7.41
CA LEU A 107 -20.27 9.51 -6.10
C LEU A 107 -20.91 8.15 -5.85
N PRO A 108 -20.22 7.16 -5.24
CA PRO A 108 -20.85 5.94 -4.81
C PRO A 108 -21.84 6.31 -3.70
N GLN A 109 -23.03 5.71 -3.70
CA GLN A 109 -24.15 6.24 -2.94
C GLN A 109 -25.01 5.13 -2.37
N ASP A 110 -25.49 5.35 -1.14
CA ASP A 110 -26.43 4.44 -0.52
C ASP A 110 -27.23 5.22 0.53
N GLU A 111 -28.45 4.77 0.81
CA GLU A 111 -29.24 5.37 1.88
C GLU A 111 -28.49 5.24 3.21
N ASP A 112 -27.69 4.15 3.36
CA ASP A 112 -26.81 4.01 4.50
C ASP A 112 -25.52 4.81 4.25
N CYS A 113 -25.57 6.06 4.69
CA CYS A 113 -24.57 7.07 4.34
C CYS A 113 -23.98 7.73 5.59
N LEU A 114 -24.41 7.37 6.80
CA LEU A 114 -24.01 8.17 7.97
C LEU A 114 -22.61 7.76 8.45
N TYR A 115 -21.58 8.40 7.88
CA TYR A 115 -20.20 8.10 8.24
C TYR A 115 -19.43 9.40 8.33
N LEU A 116 -18.42 9.41 9.19
CA LEU A 116 -17.48 10.52 9.25
C LEU A 116 -16.03 10.02 9.07
N ASN A 117 -15.13 10.96 8.77
CA ASN A 117 -13.75 10.65 8.51
C ASN A 117 -12.91 11.57 9.36
N ILE A 118 -11.82 11.02 9.93
CA ILE A 118 -11.00 11.74 10.88
C ILE A 118 -9.54 11.73 10.42
N TRP A 119 -8.93 12.92 10.43
CA TRP A 119 -7.51 13.08 10.21
C TRP A 119 -6.87 13.68 11.45
N SER A 120 -5.78 13.07 11.91
CA SER A 120 -5.09 13.45 13.13
C SER A 120 -3.60 13.19 12.97
N PRO A 121 -2.72 14.03 13.58
CA PRO A 121 -1.29 13.68 13.65
C PRO A 121 -1.06 12.37 14.37
N SER A 122 -1.79 12.17 15.49
CA SER A 122 -1.56 11.02 16.37
C SER A 122 -2.80 10.78 17.23
N PRO A 123 -3.09 9.51 17.59
CA PRO A 123 -4.16 9.20 18.55
C PRO A 123 -3.94 9.80 19.93
N ASP A 124 -2.68 10.02 20.31
CA ASP A 124 -2.38 10.65 21.59
C ASP A 124 -2.39 12.17 21.45
N GLY A 125 -3.05 12.86 22.39
CA GLY A 125 -3.05 14.32 22.44
C GLY A 125 -4.43 14.89 22.76
N ARG A 126 -4.47 16.23 22.91
CA ARG A 126 -5.71 16.99 22.91
C ARG A 126 -5.58 18.20 21.99
N ARG A 127 -5.75 17.96 20.68
CA ARG A 127 -5.58 19.01 19.69
C ARG A 127 -6.88 19.76 19.42
N PRO A 128 -6.80 21.00 18.86
CA PRO A 128 -7.99 21.69 18.36
C PRO A 128 -8.61 20.89 17.22
N VAL A 129 -9.95 20.94 17.09
CA VAL A 129 -10.69 20.08 16.19
C VAL A 129 -11.46 20.95 15.18
N MET A 130 -11.39 20.59 13.89
CA MET A 130 -12.14 21.30 12.84
C MET A 130 -13.13 20.34 12.24
N VAL A 131 -14.43 20.68 12.27
CA VAL A 131 -15.47 19.79 11.76
C VAL A 131 -16.09 20.43 10.52
N TRP A 132 -16.06 19.72 9.39
CA TRP A 132 -16.47 20.26 8.11
C TRP A 132 -17.83 19.76 7.71
N ILE A 133 -18.71 20.70 7.35
CA ILE A 133 -20.00 20.40 6.74
C ILE A 133 -19.96 20.85 5.27
N HIS A 134 -20.12 19.89 4.37
CA HIS A 134 -20.02 20.12 2.93
C HIS A 134 -21.23 20.90 2.41
N GLY A 135 -21.05 21.58 1.26
CA GLY A 135 -22.13 22.25 0.55
C GLY A 135 -22.74 21.38 -0.54
N GLY A 136 -23.56 21.99 -1.41
CA GLY A 136 -24.24 21.31 -2.49
C GLY A 136 -25.77 21.39 -2.41
N ALA A 137 -26.28 22.48 -1.83
CA ALA A 137 -27.70 22.86 -1.94
C ALA A 137 -28.63 21.93 -1.18
N TYR A 138 -28.10 21.17 -0.20
CA TYR A 138 -28.87 20.26 0.64
C TYR A 138 -29.33 19.07 -0.22
N LEU A 139 -28.75 18.93 -1.43
CA LEU A 139 -29.17 17.88 -2.37
C LEU A 139 -27.98 16.99 -2.75
N THR A 140 -26.78 17.57 -2.77
CA THR A 140 -25.57 16.87 -3.22
C THR A 140 -24.40 17.12 -2.28
N GLY A 141 -23.28 16.43 -2.58
CA GLY A 141 -22.00 16.55 -1.88
C GLY A 141 -21.74 15.35 -0.95
N ALA A 142 -20.55 15.30 -0.34
CA ALA A 142 -20.20 14.28 0.64
C ALA A 142 -18.91 14.70 1.33
N GLY A 143 -18.70 14.16 2.51
CA GLY A 143 -17.48 14.42 3.25
C GLY A 143 -16.30 13.75 2.59
N SER A 144 -16.60 12.72 1.76
CA SER A 144 -15.59 11.85 1.19
C SER A 144 -14.87 12.52 0.01
N ILE A 145 -15.39 13.67 -0.47
CA ILE A 145 -14.78 14.31 -1.65
C ILE A 145 -13.31 14.66 -1.36
N PRO A 146 -12.35 14.35 -2.30
CA PRO A 146 -10.92 14.60 -2.06
C PRO A 146 -10.48 16.04 -1.76
N TRP A 147 -11.20 17.04 -2.22
CA TRP A 147 -10.83 18.44 -1.94
C TRP A 147 -10.98 18.77 -0.45
N TYR A 148 -11.75 17.93 0.27
CA TYR A 148 -12.00 18.11 1.70
C TYR A 148 -11.04 17.25 2.52
N ASP A 149 -10.05 16.64 1.87
CA ASP A 149 -9.00 15.91 2.55
C ASP A 149 -8.33 16.77 3.63
N GLY A 150 -8.29 16.17 4.84
CA GLY A 150 -7.87 16.83 6.05
C GLY A 150 -6.37 16.66 6.34
N THR A 151 -5.66 15.87 5.53
CA THR A 151 -4.26 15.57 5.81
C THR A 151 -3.47 16.85 5.99
N ALA A 152 -3.60 17.79 5.06
CA ALA A 152 -2.71 18.94 5.03
C ALA A 152 -2.97 19.85 6.24
N LEU A 153 -4.25 20.04 6.57
CA LEU A 153 -4.63 20.82 7.75
C LEU A 153 -4.00 20.20 9.00
N ALA A 154 -4.15 18.89 9.15
CA ALA A 154 -3.65 18.18 10.32
C ALA A 154 -2.14 18.34 10.44
N ARG A 155 -1.44 18.13 9.32
CA ARG A 155 0.02 18.15 9.28
C ARG A 155 0.55 19.55 9.60
N GLU A 156 0.04 20.55 8.88
CA GLU A 156 0.52 21.91 9.05
C GLU A 156 0.08 22.46 10.41
N GLY A 157 -1.14 22.15 10.88
CA GLY A 157 -1.73 22.89 12.00
C GLY A 157 -1.69 22.17 13.34
N ASP A 158 -1.26 20.89 13.34
CA ASP A 158 -1.35 20.00 14.48
C ASP A 158 -2.79 19.96 15.03
N VAL A 159 -3.74 19.66 14.13
CA VAL A 159 -5.16 19.73 14.46
C VAL A 159 -5.83 18.46 14.00
N VAL A 160 -7.01 18.19 14.56
CA VAL A 160 -7.83 17.09 14.11
C VAL A 160 -8.90 17.65 13.18
N VAL A 161 -9.07 17.00 12.02
CA VAL A 161 -10.06 17.39 11.03
C VAL A 161 -11.10 16.28 10.93
N VAL A 162 -12.38 16.67 10.91
CA VAL A 162 -13.47 15.73 10.74
C VAL A 162 -14.31 16.18 9.55
N THR A 163 -14.63 15.25 8.62
CA THR A 163 -15.59 15.49 7.55
C THR A 163 -16.70 14.47 7.71
N LEU A 164 -17.93 14.82 7.28
CA LEU A 164 -19.11 14.02 7.58
C LEU A 164 -20.09 14.03 6.43
N ASN A 165 -20.97 13.03 6.45
CA ASN A 165 -22.12 12.98 5.59
C ASN A 165 -23.40 13.22 6.41
N TYR A 166 -24.38 13.87 5.74
CA TYR A 166 -25.68 14.10 6.32
C TYR A 166 -26.70 13.76 5.26
N ARG A 167 -27.91 13.39 5.68
CA ARG A 167 -28.94 13.01 4.73
C ARG A 167 -29.27 14.20 3.84
N LEU A 168 -29.39 13.93 2.54
CA LEU A 168 -29.60 14.97 1.54
C LEU A 168 -30.98 14.79 0.91
N GLY A 169 -31.49 15.88 0.35
CA GLY A 169 -32.69 15.81 -0.46
C GLY A 169 -33.91 15.51 0.41
N ALA A 170 -34.81 14.71 -0.18
CA ALA A 170 -36.08 14.40 0.46
C ALA A 170 -35.83 13.64 1.76
N LEU A 171 -34.86 12.74 1.75
CA LEU A 171 -34.63 11.91 2.92
C LEU A 171 -34.09 12.74 4.08
N GLY A 172 -33.44 13.88 3.78
CA GLY A 172 -32.89 14.76 4.81
C GLY A 172 -33.82 15.92 5.19
N PHE A 173 -34.64 16.42 4.26
CA PHE A 173 -35.25 17.74 4.45
C PHE A 173 -36.72 17.78 4.05
N LEU A 174 -37.35 16.64 3.77
CA LEU A 174 -38.76 16.66 3.43
C LEU A 174 -39.59 16.88 4.69
N TYR A 175 -40.39 17.97 4.71
CA TYR A 175 -41.25 18.31 5.82
C TYR A 175 -42.57 17.52 5.69
N LEU A 176 -42.75 16.51 6.56
CA LEU A 176 -43.86 15.56 6.44
C LEU A 176 -44.83 15.76 7.61
N GLU A 177 -44.62 16.83 8.39
CA GLU A 177 -45.41 17.04 9.61
C GLU A 177 -46.89 17.14 9.25
N ASP A 178 -47.20 17.95 8.22
CA ASP A 178 -48.58 18.15 7.82
C ASP A 178 -49.14 16.86 7.19
N ALA A 179 -48.36 16.24 6.31
CA ALA A 179 -48.85 15.12 5.51
C ALA A 179 -48.98 13.84 6.32
N PHE A 180 -48.04 13.57 7.23
CA PHE A 180 -48.01 12.28 7.94
C PHE A 180 -48.12 12.45 9.45
N GLY A 181 -48.27 13.68 9.92
CA GLY A 181 -48.59 13.92 11.32
C GLY A 181 -47.35 13.99 12.21
N PRO A 182 -47.56 13.90 13.55
CA PRO A 182 -46.51 14.14 14.52
C PRO A 182 -45.38 13.11 14.63
N GLU A 183 -45.61 11.90 14.12
CA GLU A 183 -44.59 10.86 14.09
C GLU A 183 -43.37 11.36 13.29
N PHE A 184 -43.62 12.30 12.36
CA PHE A 184 -42.55 12.81 11.50
C PHE A 184 -42.16 14.22 11.93
N THR A 185 -42.40 14.58 13.20
CA THR A 185 -42.01 15.91 13.66
C THR A 185 -40.48 16.02 13.59
N GLY A 186 -39.97 17.14 13.07
CA GLY A 186 -38.53 17.35 12.87
C GLY A 186 -38.05 16.87 11.50
N SER A 187 -38.95 16.30 10.66
CA SER A 187 -38.58 15.68 9.39
C SER A 187 -37.89 16.65 8.43
N GLY A 188 -38.25 17.92 8.52
CA GLY A 188 -37.67 18.96 7.68
C GLY A 188 -36.18 19.22 7.95
N ASN A 189 -35.71 18.86 9.16
CA ASN A 189 -34.35 19.15 9.60
C ASN A 189 -33.54 17.87 9.87
N LEU A 190 -33.92 16.76 9.28
CA LEU A 190 -33.23 15.50 9.55
C LEU A 190 -31.72 15.59 9.26
N GLY A 191 -31.34 16.27 8.16
CA GLY A 191 -29.95 16.44 7.82
C GLY A 191 -29.20 17.22 8.89
N ILE A 192 -29.86 18.22 9.47
CA ILE A 192 -29.29 19.02 10.55
C ILE A 192 -29.11 18.11 11.78
N LEU A 193 -30.09 17.27 12.06
CA LEU A 193 -30.05 16.37 13.19
C LEU A 193 -28.92 15.36 13.02
N ASP A 194 -28.65 14.95 11.77
CA ASP A 194 -27.49 14.11 11.47
C ASP A 194 -26.20 14.86 11.83
N GLN A 195 -26.13 16.14 11.46
CA GLN A 195 -24.95 16.92 11.74
C GLN A 195 -24.76 17.02 13.25
N ILE A 196 -25.86 17.19 13.97
CA ILE A 196 -25.77 17.31 15.42
C ILE A 196 -25.32 15.97 16.03
N ALA A 197 -25.83 14.86 15.50
CA ALA A 197 -25.40 13.55 15.94
C ALA A 197 -23.89 13.37 15.74
N ALA A 198 -23.37 13.84 14.61
CA ALA A 198 -21.95 13.72 14.34
C ALA A 198 -21.16 14.53 15.37
N LEU A 199 -21.69 15.71 15.73
CA LEU A 199 -21.04 16.56 16.70
C LEU A 199 -21.08 15.92 18.09
N ARG A 200 -22.19 15.24 18.39
CA ARG A 200 -22.29 14.49 19.64
C ARG A 200 -21.22 13.37 19.64
N TRP A 201 -21.07 12.70 18.51
CA TRP A 201 -20.09 11.62 18.38
C TRP A 201 -18.69 12.17 18.63
N VAL A 202 -18.39 13.34 18.08
CA VAL A 202 -17.07 13.92 18.24
C VAL A 202 -16.82 14.23 19.72
N ARG A 203 -17.82 14.84 20.37
CA ARG A 203 -17.67 15.16 21.78
C ARG A 203 -17.27 13.90 22.56
N GLU A 204 -17.94 12.79 22.24
CA GLU A 204 -17.78 11.54 22.95
C GLU A 204 -16.46 10.82 22.63
N ASN A 205 -15.97 10.90 21.37
CA ASN A 205 -14.96 9.95 20.89
C ASN A 205 -13.66 10.61 20.42
N ILE A 206 -13.60 11.95 20.35
CA ILE A 206 -12.52 12.61 19.62
C ILE A 206 -11.18 12.43 20.35
N ALA A 207 -11.26 12.24 21.68
CA ALA A 207 -10.07 12.11 22.52
C ALA A 207 -9.20 10.94 22.06
N ALA A 208 -9.85 9.86 21.64
CA ALA A 208 -9.19 8.65 21.18
C ALA A 208 -8.39 8.91 19.91
N PHE A 209 -8.77 9.93 19.13
CA PHE A 209 -8.06 10.23 17.93
C PHE A 209 -7.15 11.44 18.15
N GLY A 210 -6.99 11.89 19.40
CA GLY A 210 -6.02 12.93 19.71
C GLY A 210 -6.63 14.33 19.65
N GLY A 211 -7.97 14.41 19.67
CA GLY A 211 -8.64 15.72 19.65
C GLY A 211 -9.09 16.16 21.04
N ASP A 212 -9.29 17.49 21.16
CA ASP A 212 -9.86 18.12 22.34
C ASP A 212 -11.35 18.37 22.12
N PRO A 213 -12.24 17.66 22.85
CA PRO A 213 -13.70 17.83 22.70
C PRO A 213 -14.24 19.21 23.08
N ASP A 214 -13.51 19.90 23.97
CA ASP A 214 -13.86 21.25 24.38
C ASP A 214 -13.39 22.29 23.34
N ARG A 215 -12.49 21.94 22.40
CA ARG A 215 -12.00 22.91 21.42
C ARG A 215 -12.39 22.54 19.99
N VAL A 216 -13.66 22.79 19.61
CA VAL A 216 -14.21 22.30 18.36
C VAL A 216 -14.72 23.48 17.57
N THR A 217 -14.20 23.61 16.34
CA THR A 217 -14.65 24.64 15.40
C THR A 217 -15.43 23.96 14.29
N ILE A 218 -16.61 24.51 13.95
CA ILE A 218 -17.35 24.03 12.80
C ILE A 218 -17.12 24.98 11.65
N PHE A 219 -16.87 24.41 10.46
CA PHE A 219 -16.71 25.21 9.26
C PHE A 219 -17.48 24.54 8.13
N GLY A 220 -18.10 25.37 7.29
CA GLY A 220 -18.79 24.90 6.10
C GLY A 220 -18.75 25.93 4.97
N GLU A 221 -19.06 25.46 3.76
CA GLU A 221 -19.19 26.31 2.59
C GLU A 221 -20.57 26.08 1.98
N SER A 222 -21.16 27.16 1.47
CA SER A 222 -22.43 27.14 0.78
C SER A 222 -23.53 26.61 1.71
N ALA A 223 -24.24 25.55 1.29
CA ALA A 223 -25.26 24.90 2.10
C ALA A 223 -24.66 24.41 3.42
N GLY A 224 -23.37 24.07 3.42
CA GLY A 224 -22.67 23.71 4.65
C GLY A 224 -22.52 24.89 5.60
N ALA A 225 -22.23 26.06 5.05
CA ALA A 225 -22.20 27.29 5.82
C ALA A 225 -23.62 27.66 6.29
N GLY A 226 -24.61 27.40 5.43
CA GLY A 226 -26.00 27.58 5.82
C GLY A 226 -26.35 26.67 7.00
N SER A 227 -25.86 25.41 6.93
CA SER A 227 -25.99 24.44 8.00
C SER A 227 -25.37 24.96 9.29
N VAL A 228 -24.15 25.55 9.20
CA VAL A 228 -23.47 26.09 10.36
C VAL A 228 -24.34 27.19 11.01
N GLY A 229 -24.87 28.09 10.17
CA GLY A 229 -25.73 29.17 10.63
C GLY A 229 -26.99 28.66 11.38
N VAL A 230 -27.56 27.57 10.89
CA VAL A 230 -28.67 26.91 11.56
C VAL A 230 -28.22 26.34 12.92
N LEU A 231 -27.01 25.76 12.96
CA LEU A 231 -26.52 25.11 14.16
C LEU A 231 -26.29 26.17 15.25
N LEU A 232 -25.91 27.38 14.88
CA LEU A 232 -25.82 28.46 15.85
C LEU A 232 -27.19 28.76 16.49
N ALA A 233 -28.27 28.55 15.75
CA ALA A 233 -29.62 28.82 16.25
C ALA A 233 -30.18 27.61 17.01
N ALA A 234 -29.82 26.40 16.62
CA ALA A 234 -30.47 25.17 17.08
C ALA A 234 -30.13 24.88 18.55
N PRO A 235 -31.14 24.73 19.45
CA PRO A 235 -30.90 24.38 20.86
C PRO A 235 -30.19 23.04 21.07
N ALA A 236 -30.50 22.06 20.22
CA ALA A 236 -29.85 20.76 20.33
C ALA A 236 -28.34 20.84 20.07
N ALA A 237 -27.87 21.81 19.27
CA ALA A 237 -26.45 21.93 18.89
C ALA A 237 -25.64 22.70 19.93
N ARG A 238 -26.35 23.34 20.88
CA ARG A 238 -25.70 24.25 21.82
C ARG A 238 -24.70 23.49 22.70
N GLY A 239 -23.52 24.10 22.87
CA GLY A 239 -22.42 23.56 23.63
C GLY A 239 -21.55 22.58 22.84
N LEU A 240 -21.89 22.24 21.58
CA LEU A 240 -21.16 21.17 20.87
C LEU A 240 -19.98 21.72 20.06
N PHE A 241 -19.82 23.05 20.04
CA PHE A 241 -18.77 23.75 19.31
C PHE A 241 -18.62 25.11 19.97
N HIS A 242 -17.44 25.74 19.83
CA HIS A 242 -17.12 26.99 20.50
C HIS A 242 -16.86 28.08 19.46
N ARG A 243 -16.68 27.68 18.19
CA ARG A 243 -16.25 28.58 17.13
C ARG A 243 -16.82 28.09 15.79
N ALA A 244 -17.07 29.06 14.87
CA ALA A 244 -17.74 28.75 13.60
C ALA A 244 -17.13 29.55 12.44
N ILE A 245 -16.90 28.89 11.30
CA ILE A 245 -16.50 29.56 10.07
C ILE A 245 -17.58 29.36 9.00
N LEU A 246 -18.05 30.46 8.37
CA LEU A 246 -19.11 30.36 7.36
C LEU A 246 -18.61 30.95 6.05
N GLN A 247 -18.40 30.08 5.05
CA GLN A 247 -17.80 30.48 3.78
C GLN A 247 -18.88 30.45 2.70
N SER A 248 -19.14 31.59 2.07
CA SER A 248 -20.09 31.70 0.98
C SER A 248 -21.44 31.12 1.39
N GLY A 249 -21.86 31.46 2.61
CA GLY A 249 -23.11 30.94 3.14
C GLY A 249 -23.36 31.48 4.55
N SER A 250 -24.62 31.42 4.97
CA SER A 250 -25.05 31.95 6.26
C SER A 250 -26.42 31.37 6.54
N GLY A 251 -26.91 31.61 7.76
CA GLY A 251 -28.25 31.30 8.17
C GLY A 251 -29.33 31.85 7.25
N ALA A 252 -29.08 32.97 6.53
CA ALA A 252 -30.07 33.46 5.58
C ALA A 252 -30.25 32.52 4.36
N LEU A 253 -29.18 31.82 3.98
CA LEU A 253 -29.18 31.00 2.77
C LEU A 253 -30.02 29.74 2.94
N GLY A 254 -31.14 29.61 2.21
CA GLY A 254 -31.84 28.34 2.02
C GLY A 254 -32.89 28.00 3.10
N VAL A 255 -33.07 28.86 4.10
CA VAL A 255 -33.94 28.53 5.22
C VAL A 255 -35.40 28.72 4.81
N ARG A 256 -36.25 27.76 5.17
CA ARG A 256 -37.62 27.71 4.69
C ARG A 256 -38.61 27.88 5.85
N THR A 257 -39.72 28.58 5.60
CA THR A 257 -40.81 28.58 6.57
C THR A 257 -41.50 27.22 6.49
N ALA A 258 -42.17 26.84 7.57
CA ALA A 258 -42.88 25.56 7.60
C ALA A 258 -43.90 25.49 6.45
N ALA A 259 -44.62 26.59 6.21
CA ALA A 259 -45.63 26.63 5.16
C ALA A 259 -45.02 26.43 3.77
N SER A 260 -43.93 27.15 3.48
CA SER A 260 -43.23 27.00 2.21
C SER A 260 -42.76 25.55 2.06
N ALA A 261 -42.24 24.99 3.16
CA ALA A 261 -41.68 23.65 3.15
C ALA A 261 -42.78 22.62 2.91
N ALA A 262 -43.95 22.82 3.53
CA ALA A 262 -45.06 21.89 3.35
C ALA A 262 -45.57 21.92 1.91
N ARG A 263 -45.57 23.11 1.27
CA ARG A 263 -46.00 23.20 -0.13
C ARG A 263 -45.03 22.43 -1.04
N VAL A 264 -43.73 22.60 -0.81
CA VAL A 264 -42.74 21.87 -1.58
C VAL A 264 -42.95 20.36 -1.38
N ALA A 265 -43.12 19.95 -0.12
CA ALA A 265 -43.25 18.54 0.19
C ALA A 265 -44.43 17.91 -0.54
N ALA A 266 -45.56 18.63 -0.61
CA ALA A 266 -46.72 18.16 -1.36
C ALA A 266 -46.35 17.87 -2.82
N ARG A 267 -45.58 18.77 -3.43
CA ARG A 267 -45.17 18.61 -4.82
C ARG A 267 -44.30 17.36 -4.97
N VAL A 268 -43.39 17.17 -4.02
CA VAL A 268 -42.47 16.04 -4.09
C VAL A 268 -43.27 14.74 -3.97
N LEU A 269 -44.23 14.71 -3.05
CA LEU A 269 -45.01 13.52 -2.81
C LEU A 269 -45.81 13.17 -4.07
N GLN A 270 -46.35 14.20 -4.71
CA GLN A 270 -47.08 14.03 -5.96
C GLN A 270 -46.17 13.36 -6.99
N HIS A 271 -44.96 13.88 -7.22
CA HIS A 271 -44.05 13.29 -8.20
C HIS A 271 -43.69 11.87 -7.78
N ALA A 272 -43.45 11.68 -6.47
CA ALA A 272 -43.09 10.38 -5.92
C ALA A 272 -44.20 9.37 -6.12
N GLY A 273 -45.46 9.84 -6.02
CA GLY A 273 -46.63 9.00 -6.17
C GLY A 273 -47.09 8.47 -4.81
N VAL A 274 -46.61 9.10 -3.73
CA VAL A 274 -47.01 8.72 -2.39
C VAL A 274 -48.13 9.66 -1.95
N GLU A 275 -49.29 9.07 -1.60
CA GLU A 275 -50.43 9.82 -1.09
C GLU A 275 -50.13 10.29 0.32
N PRO A 276 -50.53 11.51 0.71
CA PRO A 276 -50.34 11.96 2.09
C PRO A 276 -50.99 10.94 3.02
N GLY A 277 -50.27 10.57 4.09
CA GLY A 277 -50.80 9.68 5.12
C GLY A 277 -50.51 8.19 4.84
N ASP A 278 -49.92 7.87 3.68
CA ASP A 278 -49.67 6.48 3.31
C ASP A 278 -48.26 6.07 3.74
N ARG A 279 -48.15 5.49 4.94
CA ARG A 279 -46.89 5.23 5.60
C ARG A 279 -46.13 4.15 4.85
N GLU A 280 -46.87 3.16 4.35
CA GLU A 280 -46.22 2.01 3.73
C GLU A 280 -45.52 2.46 2.45
N ALA A 281 -46.23 3.26 1.63
CA ALA A 281 -45.67 3.79 0.39
C ALA A 281 -44.40 4.61 0.69
N LEU A 282 -44.45 5.43 1.75
CA LEU A 282 -43.34 6.28 2.13
C LEU A 282 -42.07 5.45 2.42
N ARG A 283 -42.21 4.39 3.21
CA ARG A 283 -41.07 3.53 3.55
C ARG A 283 -40.68 2.64 2.37
N SER A 284 -41.67 2.26 1.56
CA SER A 284 -41.48 1.36 0.43
C SER A 284 -40.69 2.02 -0.69
N LEU A 285 -40.88 3.32 -0.93
CA LEU A 285 -40.32 3.97 -2.11
C LEU A 285 -38.79 3.83 -2.10
N PRO A 286 -38.13 3.42 -3.22
CA PRO A 286 -36.68 3.41 -3.30
C PRO A 286 -36.13 4.84 -3.24
N ALA A 287 -34.91 4.94 -2.70
CA ALA A 287 -34.30 6.21 -2.36
C ALA A 287 -34.08 7.05 -3.60
N ARG A 288 -33.69 6.38 -4.70
CA ARG A 288 -33.44 7.03 -5.97
C ARG A 288 -34.69 7.74 -6.46
N ALA A 289 -35.87 7.12 -6.22
CA ALA A 289 -37.14 7.70 -6.66
C ALA A 289 -37.41 9.02 -5.93
N TRP A 290 -36.95 9.11 -4.67
CA TRP A 290 -37.04 10.37 -3.93
C TRP A 290 -36.19 11.44 -4.63
N ALA A 291 -34.96 11.07 -5.02
CA ALA A 291 -34.09 11.98 -5.72
C ALA A 291 -34.73 12.44 -7.03
N ASN A 292 -35.36 11.53 -7.75
CA ASN A 292 -35.98 11.85 -9.04
C ASN A 292 -37.15 12.82 -8.85
N ALA A 293 -37.93 12.62 -7.77
CA ALA A 293 -39.08 13.47 -7.49
C ALA A 293 -38.65 14.91 -7.20
N VAL A 294 -37.53 15.08 -6.49
CA VAL A 294 -37.03 16.41 -6.19
C VAL A 294 -36.51 17.04 -7.47
N ALA A 295 -35.80 16.26 -8.29
CA ALA A 295 -35.32 16.74 -9.59
C ALA A 295 -36.48 17.23 -10.44
N ALA A 296 -37.65 16.56 -10.34
CA ALA A 296 -38.83 16.90 -11.12
C ALA A 296 -39.34 18.32 -10.79
N LEU A 297 -39.09 18.79 -9.57
CA LEU A 297 -39.52 20.12 -9.18
C LEU A 297 -38.80 21.18 -10.00
N GLY A 298 -37.54 20.90 -10.34
CA GLY A 298 -36.76 21.78 -11.19
C GLY A 298 -35.62 22.46 -10.44
N PRO A 299 -34.72 23.17 -11.17
CA PRO A 299 -33.52 23.75 -10.57
C PRO A 299 -33.80 24.91 -9.60
N GLY A 300 -32.85 25.15 -8.70
CA GLY A 300 -33.00 26.09 -7.60
C GLY A 300 -32.65 25.45 -6.25
N LEU A 301 -33.16 26.02 -5.16
CA LEU A 301 -32.93 25.48 -3.83
C LEU A 301 -34.30 25.19 -3.19
N PRO A 302 -35.02 24.15 -3.63
CA PRO A 302 -36.39 23.91 -3.17
C PRO A 302 -36.42 23.30 -1.75
N LEU A 303 -35.34 22.61 -1.35
CA LEU A 303 -35.25 22.02 -0.02
C LEU A 303 -34.19 22.73 0.81
N GLY A 304 -34.40 22.72 2.11
CA GLY A 304 -33.56 23.49 3.00
C GLY A 304 -34.00 23.24 4.44
N PRO A 305 -33.23 23.73 5.42
CA PRO A 305 -33.62 23.61 6.81
C PRO A 305 -34.89 24.42 7.01
N VAL A 306 -35.74 23.97 7.94
CA VAL A 306 -37.07 24.53 8.12
C VAL A 306 -37.20 25.09 9.53
N VAL A 307 -37.80 26.29 9.63
CA VAL A 307 -38.22 26.83 10.90
C VAL A 307 -39.43 26.03 11.36
N ASP A 308 -39.18 24.88 11.97
CA ASP A 308 -40.21 23.95 12.38
C ASP A 308 -40.69 24.26 13.80
N GLY A 309 -39.96 25.13 14.50
CA GLY A 309 -40.30 25.46 15.88
C GLY A 309 -39.70 24.51 16.94
N THR A 310 -39.04 23.41 16.51
CA THR A 310 -38.38 22.49 17.43
C THR A 310 -36.87 22.50 17.20
N VAL A 311 -36.42 21.85 16.12
CA VAL A 311 -34.99 21.83 15.83
C VAL A 311 -34.58 23.26 15.55
N LEU A 312 -35.41 23.97 14.76
CA LEU A 312 -35.21 25.37 14.52
C LEU A 312 -36.42 26.14 15.05
N PRO A 313 -36.32 26.71 16.26
CA PRO A 313 -37.43 27.44 16.88
C PRO A 313 -37.73 28.75 16.16
N GLU A 314 -36.69 29.41 15.65
CA GLU A 314 -36.81 30.71 15.04
C GLU A 314 -35.89 30.74 13.81
N HIS A 315 -36.02 31.80 13.00
CA HIS A 315 -35.11 32.02 11.89
C HIS A 315 -33.72 32.27 12.45
N PRO A 316 -32.65 31.68 11.86
CA PRO A 316 -31.28 31.89 12.37
C PRO A 316 -30.81 33.33 12.50
N MET A 317 -31.25 34.21 11.62
CA MET A 317 -30.87 35.63 11.67
C MET A 317 -31.58 36.30 12.87
N ALA A 318 -32.79 35.83 13.19
CA ALA A 318 -33.48 36.35 14.39
C ALA A 318 -32.69 35.95 15.63
N ALA A 319 -32.22 34.71 15.67
CA ALA A 319 -31.45 34.20 16.83
C ALA A 319 -30.16 34.98 16.99
N LEU A 320 -29.49 35.26 15.88
CA LEU A 320 -28.20 36.01 15.93
C LEU A 320 -28.46 37.40 16.53
N ALA A 321 -29.56 38.03 16.11
CA ALA A 321 -29.89 39.39 16.61
C ALA A 321 -30.14 39.30 18.11
N ARG A 322 -30.75 38.21 18.54
CA ARG A 322 -31.07 38.04 19.96
C ARG A 322 -29.82 37.80 20.81
N GLY A 323 -28.70 37.42 20.19
CA GLY A 323 -27.46 37.21 20.91
C GLY A 323 -27.20 35.74 21.23
N ALA A 324 -27.82 34.84 20.45
CA ALA A 324 -27.77 33.42 20.74
C ALA A 324 -26.33 32.89 20.64
N ALA A 325 -25.51 33.52 19.80
CA ALA A 325 -24.15 33.08 19.53
C ALA A 325 -23.14 34.08 20.08
N ARG A 326 -23.55 34.84 21.09
CA ARG A 326 -22.72 35.92 21.60
C ARG A 326 -21.40 35.39 22.18
N ASP A 327 -21.35 34.13 22.60
CA ASP A 327 -20.10 33.56 23.12
C ASP A 327 -19.20 33.08 21.98
N VAL A 328 -19.81 32.74 20.83
CA VAL A 328 -19.13 32.00 19.78
C VAL A 328 -18.43 32.98 18.85
N ALA A 329 -17.19 32.64 18.52
CA ALA A 329 -16.37 33.43 17.62
C ALA A 329 -16.64 32.95 16.20
N VAL A 330 -16.73 33.91 15.28
CA VAL A 330 -17.14 33.66 13.92
C VAL A 330 -16.10 34.25 12.96
N LEU A 331 -15.72 33.43 11.96
CA LEU A 331 -15.08 33.90 10.72
C LEU A 331 -16.05 33.73 9.55
N VAL A 332 -16.36 34.82 8.85
CA VAL A 332 -17.39 34.81 7.83
C VAL A 332 -16.89 35.55 6.59
N GLY A 333 -17.22 35.04 5.39
CA GLY A 333 -16.81 35.73 4.18
C GLY A 333 -17.48 35.18 2.92
N VAL A 334 -17.06 35.78 1.79
CA VAL A 334 -17.60 35.56 0.46
C VAL A 334 -16.47 35.73 -0.56
N ASN A 335 -16.69 35.13 -1.73
CA ASN A 335 -15.80 35.33 -2.86
C ASN A 335 -16.27 36.55 -3.64
N LYS A 336 -15.33 37.21 -4.31
CA LYS A 336 -15.59 38.45 -5.02
C LYS A 336 -16.61 38.29 -6.16
N ASP A 337 -16.59 37.16 -6.88
CA ASP A 337 -17.51 37.00 -8.01
C ASP A 337 -18.33 35.73 -7.86
N GLU A 338 -19.04 35.59 -6.71
CA GLU A 338 -19.74 34.37 -6.34
C GLU A 338 -20.61 33.84 -7.48
N TYR A 339 -21.51 34.69 -8.02
CA TYR A 339 -22.61 34.15 -8.80
C TYR A 339 -22.13 33.68 -10.19
N ASN A 340 -20.91 34.09 -10.59
CA ASN A 340 -20.34 33.77 -11.90
C ASN A 340 -20.27 32.27 -12.12
N LEU A 341 -20.19 31.48 -11.05
CA LEU A 341 -20.20 30.03 -11.18
C LEU A 341 -21.42 29.58 -11.98
N PHE A 342 -22.54 30.25 -11.73
CA PHE A 342 -23.82 29.82 -12.30
C PHE A 342 -23.85 30.05 -13.81
N ALA A 343 -22.98 30.97 -14.29
CA ALA A 343 -22.82 31.21 -15.71
C ALA A 343 -22.50 29.90 -16.45
N LEU A 344 -21.81 28.94 -15.80
CA LEU A 344 -21.52 27.67 -16.47
C LEU A 344 -22.83 27.00 -16.91
N GLN A 345 -23.86 27.06 -16.08
CA GLN A 345 -25.15 26.48 -16.43
C GLN A 345 -25.91 27.42 -17.35
N ASP A 346 -25.80 28.72 -17.12
CA ASP A 346 -26.71 29.70 -17.72
C ASP A 346 -25.89 30.89 -18.20
N PRO A 347 -25.58 30.96 -19.52
CA PRO A 347 -24.65 31.96 -20.05
C PRO A 347 -25.22 33.36 -20.31
N ALA A 348 -26.48 33.60 -19.95
CA ALA A 348 -27.07 34.94 -20.06
C ALA A 348 -26.23 35.98 -19.31
N TRP A 349 -25.64 35.53 -18.22
CA TRP A 349 -24.85 36.40 -17.37
C TRP A 349 -23.62 36.90 -18.12
N LEU A 350 -23.23 36.23 -19.20
CA LEU A 350 -22.13 36.68 -20.05
C LEU A 350 -22.67 37.53 -21.20
N GLY A 351 -23.99 37.75 -21.22
CA GLY A 351 -24.63 38.44 -22.34
C GLY A 351 -25.26 39.78 -21.93
N ASP A 352 -25.88 40.44 -22.92
CA ASP A 352 -26.45 41.78 -22.76
C ASP A 352 -27.98 41.76 -22.93
N ASP A 353 -28.63 40.59 -22.83
CA ASP A 353 -30.07 40.50 -23.06
C ASP A 353 -30.85 41.05 -21.87
N GLU A 354 -31.59 42.16 -21.99
CA GLU A 354 -32.11 42.86 -20.82
C GLU A 354 -33.28 42.06 -20.23
N ALA A 355 -34.15 41.57 -21.10
CA ALA A 355 -35.37 40.89 -20.74
C ALA A 355 -35.07 39.65 -19.92
N ALA A 356 -34.08 38.88 -20.38
CA ALA A 356 -33.71 37.63 -19.74
C ALA A 356 -33.06 37.93 -18.38
N LEU A 357 -32.20 38.94 -18.35
CA LEU A 357 -31.48 39.31 -17.14
C LEU A 357 -32.47 39.82 -16.11
N ARG A 358 -33.43 40.64 -16.54
CA ARG A 358 -34.43 41.21 -15.63
C ARG A 358 -35.22 40.11 -14.94
N GLN A 359 -35.58 39.09 -15.73
CA GLN A 359 -36.36 38.00 -15.19
C GLN A 359 -35.62 37.31 -14.04
N ARG A 360 -34.33 37.03 -14.27
CA ARG A 360 -33.50 36.30 -13.33
C ARG A 360 -33.30 37.11 -12.06
N VAL A 361 -33.04 38.42 -12.20
CA VAL A 361 -32.89 39.31 -11.06
C VAL A 361 -34.20 39.34 -10.29
N GLU A 362 -35.32 39.47 -11.01
CA GLU A 362 -36.62 39.62 -10.39
C GLU A 362 -36.95 38.37 -9.57
N ALA A 363 -36.60 37.17 -10.08
CA ALA A 363 -36.75 35.92 -9.35
C ALA A 363 -36.13 36.02 -7.95
N VAL A 364 -34.97 36.64 -7.84
CA VAL A 364 -34.28 36.69 -6.56
C VAL A 364 -34.77 37.85 -5.70
N VAL A 365 -34.93 39.05 -6.28
CA VAL A 365 -35.09 40.28 -5.50
C VAL A 365 -36.48 40.90 -5.67
N GLY A 366 -37.36 40.27 -6.49
CA GLY A 366 -38.75 40.68 -6.60
C GLY A 366 -38.91 42.16 -6.93
N PRO A 367 -39.64 42.95 -6.09
CA PRO A 367 -39.94 44.37 -6.42
C PRO A 367 -38.80 45.37 -6.44
N ALA A 368 -37.75 45.10 -5.68
CA ALA A 368 -36.59 45.96 -5.58
C ALA A 368 -35.71 45.89 -6.84
N ALA A 369 -36.02 44.98 -7.77
CA ALA A 369 -35.10 44.63 -8.85
C ALA A 369 -34.78 45.87 -9.71
N GLY A 370 -35.84 46.59 -10.09
CA GLY A 370 -35.71 47.74 -10.97
C GLY A 370 -34.70 48.76 -10.44
N ARG A 371 -34.90 49.20 -9.19
CA ARG A 371 -34.03 50.19 -8.59
C ARG A 371 -32.58 49.66 -8.53
N LEU A 372 -32.41 48.39 -8.15
CA LEU A 372 -31.07 47.86 -7.92
C LEU A 372 -30.34 47.70 -9.24
N ILE A 373 -31.09 47.34 -10.28
CA ILE A 373 -30.51 47.17 -11.61
C ILE A 373 -29.89 48.49 -12.07
N GLU A 374 -30.55 49.63 -11.76
CA GLU A 374 -30.10 50.93 -12.21
C GLU A 374 -28.77 51.27 -11.53
N PHE A 375 -28.67 50.96 -10.23
CA PHE A 375 -27.46 51.20 -9.47
C PHE A 375 -26.31 50.37 -10.06
N TYR A 376 -26.55 49.08 -10.27
CA TYR A 376 -25.44 48.18 -10.70
C TYR A 376 -25.07 48.40 -12.16
N ARG A 377 -26.05 48.74 -13.00
CA ARG A 377 -25.80 48.94 -14.45
C ARG A 377 -24.83 50.11 -14.61
N SER A 378 -25.02 51.14 -13.80
CA SER A 378 -24.16 52.34 -13.87
C SER A 378 -22.72 51.94 -13.52
N ARG A 379 -22.54 51.06 -12.54
CA ARG A 379 -21.19 50.71 -12.07
C ARG A 379 -20.47 49.67 -12.93
N GLY A 380 -19.13 49.71 -12.93
CA GLY A 380 -18.30 48.73 -13.62
C GLY A 380 -18.21 48.99 -15.12
N GLU A 381 -17.81 47.96 -15.87
CA GLU A 381 -17.65 48.03 -17.31
C GLU A 381 -18.13 46.71 -17.90
N GLY A 382 -18.28 46.68 -19.24
CA GLY A 382 -18.57 45.48 -19.97
C GLY A 382 -20.07 45.22 -20.14
N SER A 383 -20.41 43.97 -20.42
CA SER A 383 -21.76 43.53 -20.70
C SER A 383 -22.65 43.72 -19.45
N LEU A 384 -23.95 43.87 -19.72
CA LEU A 384 -24.93 44.12 -18.66
C LEU A 384 -24.94 42.98 -17.65
N GLY A 385 -24.79 41.73 -18.17
CA GLY A 385 -24.79 40.56 -17.33
C GLY A 385 -23.61 40.60 -16.36
N ARG A 386 -22.43 40.95 -16.89
CA ARG A 386 -21.23 41.16 -16.09
C ARG A 386 -21.50 42.21 -14.99
N ARG A 387 -22.24 43.26 -15.34
CA ARG A 387 -22.50 44.35 -14.41
C ARG A 387 -23.57 43.96 -13.37
N LEU A 388 -24.48 43.05 -13.75
CA LEU A 388 -25.53 42.59 -12.86
C LEU A 388 -25.09 41.44 -11.95
N LEU A 389 -24.01 40.74 -12.33
CA LEU A 389 -23.53 39.58 -11.52
C LEU A 389 -23.24 40.01 -10.07
N PRO A 390 -22.72 41.22 -9.77
CA PRO A 390 -22.53 41.66 -8.39
C PRO A 390 -23.86 41.72 -7.64
N LEU A 391 -24.92 42.17 -8.30
CA LEU A 391 -26.23 42.32 -7.62
C LEU A 391 -26.67 40.93 -7.14
N MET A 392 -26.47 39.92 -7.97
CA MET A 392 -26.87 38.53 -7.61
C MET A 392 -25.94 38.03 -6.50
N SER A 393 -24.64 38.35 -6.61
CA SER A 393 -23.73 37.95 -5.56
C SER A 393 -24.16 38.54 -4.22
N TYR A 394 -24.55 39.81 -4.23
CA TYR A 394 -24.89 40.53 -3.01
C TYR A 394 -26.16 39.94 -2.41
N ALA A 395 -27.19 39.75 -3.27
CA ALA A 395 -28.49 39.33 -2.77
C ALA A 395 -28.36 37.95 -2.13
N VAL A 396 -27.65 37.05 -2.82
CA VAL A 396 -27.64 35.66 -2.40
C VAL A 396 -26.61 35.41 -1.31
N PHE A 397 -25.46 36.10 -1.35
CA PHE A 397 -24.33 35.74 -0.48
C PHE A 397 -23.92 36.88 0.44
N VAL A 398 -23.68 38.07 -0.12
CA VAL A 398 -23.05 39.12 0.68
C VAL A 398 -24.01 39.58 1.80
N ARG A 399 -25.30 39.67 1.48
CA ARG A 399 -26.27 40.12 2.47
C ARG A 399 -26.24 39.25 3.72
N GLY A 400 -26.27 37.93 3.53
CA GLY A 400 -26.21 37.01 4.65
C GLY A 400 -24.91 37.14 5.45
N MET A 401 -23.79 37.23 4.72
CA MET A 401 -22.50 37.37 5.36
C MET A 401 -22.55 38.58 6.32
N LEU A 402 -22.96 39.73 5.78
CA LEU A 402 -22.92 40.97 6.52
C LEU A 402 -23.89 40.98 7.69
N ALA A 403 -25.10 40.41 7.51
CA ALA A 403 -26.05 40.32 8.61
C ALA A 403 -25.46 39.49 9.75
N THR A 404 -24.79 38.37 9.39
CA THR A 404 -24.11 37.52 10.37
C THR A 404 -23.04 38.33 11.12
N ALA A 405 -22.21 39.05 10.35
CA ALA A 405 -21.11 39.78 10.93
C ALA A 405 -21.62 40.88 11.85
N ASP A 406 -22.67 41.56 11.40
CA ASP A 406 -23.22 42.73 12.09
C ASP A 406 -23.85 42.30 13.40
N ALA A 407 -24.60 41.19 13.37
CA ALA A 407 -25.26 40.71 14.58
C ALA A 407 -24.23 40.39 15.67
N GLN A 408 -23.15 39.70 15.26
CA GLN A 408 -22.15 39.27 16.21
C GLN A 408 -21.41 40.48 16.78
N ALA A 409 -21.12 41.46 15.92
CA ALA A 409 -20.40 42.65 16.32
C ALA A 409 -21.22 43.43 17.34
N ARG A 410 -22.54 43.54 17.10
CA ARG A 410 -23.44 44.25 17.99
C ARG A 410 -23.49 43.57 19.36
N VAL A 411 -23.55 42.24 19.41
CA VAL A 411 -23.55 41.50 20.69
C VAL A 411 -22.15 41.50 21.32
N GLY A 412 -21.11 41.78 20.56
CA GLY A 412 -19.75 41.87 21.10
C GLY A 412 -18.97 40.56 20.99
N ALA A 413 -19.55 39.58 20.27
CA ALA A 413 -18.87 38.35 19.96
C ALA A 413 -17.69 38.63 19.03
N PRO A 414 -16.52 37.98 19.17
CA PRO A 414 -15.43 38.20 18.21
C PRO A 414 -15.86 37.74 16.80
N VAL A 415 -15.62 38.60 15.81
CA VAL A 415 -15.99 38.31 14.44
C VAL A 415 -14.92 38.87 13.51
N TRP A 416 -14.59 38.07 12.49
CA TRP A 416 -13.69 38.47 11.42
C TRP A 416 -14.34 38.20 10.10
N ALA A 417 -14.09 39.11 9.16
CA ALA A 417 -14.70 39.08 7.85
C ALA A 417 -13.61 39.01 6.79
N TYR A 418 -13.88 38.25 5.72
CA TYR A 418 -12.93 38.15 4.63
C TYR A 418 -13.64 38.25 3.28
N ARG A 419 -12.87 38.67 2.27
CA ARG A 419 -13.25 38.54 0.88
C ARG A 419 -12.10 37.88 0.10
N PHE A 420 -12.44 36.81 -0.62
CA PHE A 420 -11.46 36.05 -1.38
C PHE A 420 -11.47 36.53 -2.82
N ASP A 421 -10.33 37.09 -3.29
CA ASP A 421 -10.31 37.79 -4.57
C ASP A 421 -9.46 37.06 -5.62
N PHE A 422 -8.86 35.93 -5.27
CA PHE A 422 -7.99 35.23 -6.22
C PHE A 422 -8.87 34.66 -7.33
N GLU A 423 -8.52 34.91 -8.60
CA GLU A 423 -9.40 34.55 -9.72
C GLU A 423 -8.85 33.32 -10.43
N THR A 424 -9.76 32.43 -10.86
CA THR A 424 -9.35 31.34 -11.73
C THR A 424 -9.30 31.90 -13.15
N PRO A 425 -8.26 31.55 -13.94
CA PRO A 425 -8.18 31.98 -15.34
C PRO A 425 -8.95 31.11 -16.32
N VAL A 426 -9.55 30.03 -15.81
CA VAL A 426 -10.18 29.02 -16.66
C VAL A 426 -11.36 29.62 -17.43
N LEU A 427 -11.57 29.15 -18.67
CA LEU A 427 -12.64 29.62 -19.55
C LEU A 427 -12.60 31.14 -19.73
N GLY A 428 -11.39 31.63 -20.01
CA GLY A 428 -11.18 33.00 -20.39
C GLY A 428 -11.38 34.00 -19.25
N GLY A 429 -11.37 33.50 -17.99
CA GLY A 429 -11.38 34.36 -16.84
C GLY A 429 -12.79 34.80 -16.47
N VAL A 430 -13.82 34.19 -17.07
CA VAL A 430 -15.18 34.69 -16.94
C VAL A 430 -15.73 34.39 -15.54
N LEU A 431 -15.20 33.34 -14.89
CA LEU A 431 -15.63 32.95 -13.56
C LEU A 431 -15.14 33.92 -12.50
N GLY A 432 -13.94 34.48 -12.68
CA GLY A 432 -13.30 35.31 -11.67
C GLY A 432 -13.11 34.54 -10.37
N ALA A 433 -13.36 35.22 -9.25
CA ALA A 433 -13.39 34.57 -7.93
C ALA A 433 -14.78 34.00 -7.67
N CYS A 434 -15.14 32.91 -8.36
CA CYS A 434 -16.49 32.36 -8.30
C CYS A 434 -16.76 31.61 -6.99
N HIS A 435 -18.03 31.25 -6.80
CA HIS A 435 -18.48 30.41 -5.66
C HIS A 435 -17.68 29.08 -5.69
N ALA A 436 -17.23 28.65 -4.52
CA ALA A 436 -16.60 27.36 -4.24
C ALA A 436 -15.11 27.35 -4.59
N LEU A 437 -14.57 28.46 -5.13
CA LEU A 437 -13.19 28.50 -5.58
C LEU A 437 -12.24 28.42 -4.38
N GLU A 438 -12.66 28.98 -3.23
CA GLU A 438 -11.85 29.06 -2.02
C GLU A 438 -11.55 27.70 -1.41
N ILE A 439 -12.35 26.67 -1.70
CA ILE A 439 -12.28 25.42 -0.97
C ILE A 439 -10.89 24.79 -1.01
N PRO A 440 -10.23 24.64 -2.18
CA PRO A 440 -8.90 24.02 -2.20
C PRO A 440 -7.87 24.87 -1.48
N PHE A 441 -8.08 26.21 -1.46
CA PHE A 441 -7.18 27.13 -0.80
C PHE A 441 -7.21 26.92 0.70
N VAL A 442 -8.43 26.84 1.26
CA VAL A 442 -8.62 26.58 2.69
C VAL A 442 -8.02 25.23 3.10
N PHE A 443 -8.31 24.17 2.33
CA PHE A 443 -7.86 22.82 2.65
C PHE A 443 -6.43 22.53 2.19
N ASN A 444 -5.83 23.45 1.42
CA ASN A 444 -4.56 23.23 0.76
C ASN A 444 -4.59 21.92 -0.05
N THR A 445 -5.63 21.77 -0.90
CA THR A 445 -5.86 20.58 -1.73
C THR A 445 -5.77 20.93 -3.21
N LEU A 446 -5.01 22.00 -3.50
CA LEU A 446 -4.84 22.50 -4.86
C LEU A 446 -4.31 21.43 -5.81
N ASP A 447 -3.42 20.56 -5.32
CA ASP A 447 -2.82 19.54 -6.17
C ASP A 447 -3.75 18.34 -6.30
N ARG A 448 -4.79 18.25 -5.45
CA ARG A 448 -5.68 17.09 -5.49
C ARG A 448 -6.43 17.07 -6.81
N ALA A 449 -6.85 15.88 -7.24
CA ALA A 449 -7.45 15.67 -8.54
C ALA A 449 -8.72 16.52 -8.78
N GLY A 450 -8.72 17.24 -9.90
CA GLY A 450 -9.87 18.01 -10.33
C GLY A 450 -9.81 19.47 -9.89
N ALA A 451 -9.04 19.76 -8.84
CA ALA A 451 -8.91 21.10 -8.31
C ALA A 451 -8.29 22.05 -9.32
N ASP A 452 -7.18 21.62 -9.96
CA ASP A 452 -6.41 22.46 -10.86
C ASP A 452 -7.25 22.86 -12.09
N ARG A 453 -8.20 21.98 -12.45
CA ARG A 453 -9.13 22.25 -13.54
C ARG A 453 -10.03 23.43 -13.15
N PHE A 454 -10.35 23.54 -11.85
CA PHE A 454 -11.19 24.63 -11.35
C PHE A 454 -10.37 25.88 -11.12
N THR A 455 -9.17 25.74 -10.55
CA THR A 455 -8.43 26.88 -10.01
C THR A 455 -7.42 27.40 -11.03
N GLY A 456 -7.23 26.66 -12.12
CA GLY A 456 -6.15 26.93 -13.06
C GLY A 456 -4.86 26.34 -12.54
N THR A 457 -3.76 26.60 -13.27
CA THR A 457 -2.45 26.05 -12.96
C THR A 457 -1.45 27.16 -12.61
N ALA A 458 -1.93 28.30 -12.14
CA ALA A 458 -0.98 29.41 -11.85
C ALA A 458 -0.13 29.09 -10.63
N PRO A 459 1.20 29.40 -10.60
CA PRO A 459 1.98 29.14 -9.39
C PRO A 459 1.67 30.08 -8.23
N GLU A 460 0.99 31.19 -8.48
CA GLU A 460 0.71 32.16 -7.40
C GLU A 460 -0.38 31.50 -6.53
N ARG A 461 -1.04 30.47 -7.04
CA ARG A 461 -2.15 29.84 -6.29
C ARG A 461 -1.66 29.37 -4.90
N TYR A 462 -0.54 28.66 -4.87
CA TYR A 462 -0.02 28.09 -3.60
C TYR A 462 0.21 29.10 -2.47
N ALA A 463 0.80 30.25 -2.80
CA ALA A 463 1.04 31.29 -1.76
C ALA A 463 -0.29 31.74 -1.14
N VAL A 464 -1.31 31.97 -1.96
CA VAL A 464 -2.60 32.46 -1.47
C VAL A 464 -3.24 31.40 -0.59
N ALA A 465 -3.18 30.12 -1.03
CA ALA A 465 -3.70 29.02 -0.23
C ALA A 465 -3.04 28.96 1.14
N GLN A 466 -1.70 29.19 1.17
CA GLN A 466 -0.99 29.11 2.45
C GLN A 466 -1.55 30.12 3.47
N ALA A 467 -1.71 31.37 3.04
CA ALA A 467 -2.16 32.42 3.96
C ALA A 467 -3.58 32.12 4.47
N MET A 468 -4.44 31.57 3.60
CA MET A 468 -5.79 31.23 3.97
C MET A 468 -5.83 30.00 4.88
N HIS A 469 -5.14 28.94 4.43
CA HIS A 469 -5.02 27.70 5.17
C HIS A 469 -4.57 27.98 6.60
N ARG A 470 -3.51 28.78 6.75
CA ARG A 470 -2.97 29.03 8.07
C ARG A 470 -3.92 29.87 8.94
N ALA A 471 -4.72 30.75 8.33
CA ALA A 471 -5.67 31.56 9.06
C ALA A 471 -6.81 30.70 9.61
N TRP A 472 -7.26 29.73 8.82
CA TRP A 472 -8.26 28.79 9.30
C TRP A 472 -7.70 27.98 10.47
N ILE A 473 -6.44 27.53 10.32
CA ILE A 473 -5.78 26.80 11.39
C ILE A 473 -5.77 27.69 12.64
N ALA A 474 -5.31 28.93 12.48
CA ALA A 474 -5.09 29.83 13.61
C ALA A 474 -6.40 30.08 14.34
N PHE A 475 -7.48 30.25 13.56
CA PHE A 475 -8.80 30.54 14.17
C PHE A 475 -9.19 29.34 15.04
N ALA A 476 -9.11 28.14 14.48
CA ALA A 476 -9.56 26.97 15.28
C ALA A 476 -8.70 26.80 16.53
N ARG A 477 -7.37 26.95 16.38
CA ARG A 477 -6.44 26.81 17.51
C ARG A 477 -6.60 27.90 18.59
N GLU A 478 -6.79 29.16 18.20
CA GLU A 478 -6.77 30.25 19.21
C GLU A 478 -7.98 31.19 19.11
N GLY A 479 -8.88 30.94 18.17
CA GLY A 479 -10.04 31.80 18.02
C GLY A 479 -9.68 33.17 17.44
N ASN A 480 -8.48 33.28 16.85
CA ASN A 480 -8.05 34.46 16.13
C ASN A 480 -7.43 34.00 14.81
N PRO A 481 -7.89 34.52 13.66
CA PRO A 481 -7.37 34.10 12.36
C PRO A 481 -5.98 34.61 12.00
N GLN A 482 -5.50 35.65 12.70
CA GLN A 482 -4.21 36.27 12.38
C GLN A 482 -3.07 35.27 12.56
N HIS A 483 -2.12 35.35 11.63
CA HIS A 483 -0.83 34.68 11.66
C HIS A 483 0.23 35.62 11.05
N ASP A 484 1.52 35.20 11.08
CA ASP A 484 2.60 36.12 10.72
C ASP A 484 2.57 36.44 9.22
N GLY A 485 2.18 35.45 8.40
CA GLY A 485 2.01 35.61 6.97
C GLY A 485 1.08 36.78 6.62
N LEU A 486 0.04 37.02 7.44
CA LEU A 486 -0.94 38.02 7.09
C LEU A 486 -0.55 39.40 7.60
N PRO A 487 -1.01 40.52 6.97
CA PRO A 487 -0.94 41.82 7.62
C PRO A 487 -1.94 41.80 8.77
N GLU A 488 -1.91 42.82 9.61
CA GLU A 488 -2.71 42.86 10.80
C GLU A 488 -4.19 42.83 10.43
N TRP A 489 -4.94 41.90 11.03
CA TRP A 489 -6.32 41.70 10.66
C TRP A 489 -7.19 42.09 11.82
N PRO A 490 -7.83 43.29 11.78
CA PRO A 490 -8.64 43.76 12.89
C PRO A 490 -9.94 42.94 12.91
N ARG A 491 -10.46 42.74 14.11
CA ARG A 491 -11.80 42.24 14.28
C ARG A 491 -12.78 43.13 13.51
N TYR A 492 -13.82 42.49 12.95
CA TYR A 492 -14.85 43.26 12.21
C TYR A 492 -15.69 44.03 13.22
N ASP A 493 -15.86 45.33 12.97
CA ASP A 493 -16.65 46.19 13.88
C ASP A 493 -17.53 47.10 13.02
N LEU A 494 -18.65 47.58 13.57
CA LEU A 494 -19.60 48.41 12.79
C LEU A 494 -18.91 49.72 12.34
N GLU A 495 -18.09 50.32 13.19
CA GLU A 495 -17.44 51.61 12.85
C GLU A 495 -16.49 51.46 11.66
N GLU A 496 -15.52 50.54 11.73
CA GLU A 496 -14.53 50.45 10.65
C GLU A 496 -14.97 49.47 9.55
N ARG A 497 -15.66 48.39 9.95
CA ARG A 497 -16.05 47.34 9.03
C ARG A 497 -14.82 46.78 8.31
N ALA A 498 -13.75 46.49 9.05
CA ALA A 498 -12.53 45.97 8.45
C ALA A 498 -12.74 44.54 7.92
N VAL A 499 -12.32 44.31 6.66
CA VAL A 499 -12.47 43.02 6.02
C VAL A 499 -11.11 42.62 5.45
N MET A 500 -10.63 41.39 5.75
CA MET A 500 -9.39 40.92 5.15
C MET A 500 -9.66 40.54 3.71
N VAL A 501 -8.80 40.99 2.79
CA VAL A 501 -8.88 40.61 1.41
C VAL A 501 -7.75 39.65 1.10
N PHE A 502 -8.12 38.41 0.74
CA PHE A 502 -7.14 37.46 0.25
C PHE A 502 -6.93 37.68 -1.24
N ALA A 503 -5.67 38.01 -1.59
CA ALA A 503 -5.25 38.46 -2.90
C ALA A 503 -3.76 38.16 -3.02
N VAL A 504 -3.20 38.37 -4.22
CA VAL A 504 -1.77 38.20 -4.43
C VAL A 504 -1.03 38.98 -3.35
N GLU A 505 -1.49 40.21 -3.09
CA GLU A 505 -1.03 40.97 -1.93
C GLU A 505 -2.20 41.08 -0.99
N PRO A 506 -2.21 40.33 0.14
CA PRO A 506 -3.29 40.42 1.11
C PRO A 506 -3.31 41.80 1.72
N ARG A 507 -4.52 42.32 1.95
CA ARG A 507 -4.72 43.65 2.47
C ARG A 507 -5.97 43.62 3.33
N VAL A 508 -6.05 44.52 4.31
CA VAL A 508 -7.29 44.83 5.00
C VAL A 508 -7.93 46.04 4.34
N GLU A 509 -9.23 45.89 4.01
CA GLU A 509 -10.04 46.95 3.41
C GLU A 509 -11.23 47.19 4.30
N ARG A 510 -11.53 48.48 4.49
CA ARG A 510 -12.56 48.90 5.44
C ARG A 510 -13.82 49.33 4.70
N ASP A 511 -14.96 48.78 5.15
CA ASP A 511 -16.29 49.08 4.60
C ASP A 511 -16.27 48.94 3.09
N PRO A 512 -15.83 47.79 2.55
CA PRO A 512 -15.79 47.62 1.09
C PRO A 512 -17.18 47.58 0.45
N TRP A 513 -18.22 47.18 1.20
CA TRP A 513 -19.55 47.04 0.62
C TRP A 513 -20.44 48.26 0.87
N ARG A 514 -19.80 49.38 1.26
CA ARG A 514 -20.51 50.52 1.81
C ARG A 514 -21.54 51.04 0.83
N ALA A 515 -21.10 51.27 -0.41
CA ALA A 515 -22.00 51.84 -1.42
C ALA A 515 -23.20 50.92 -1.60
N GLU A 516 -22.95 49.62 -1.69
CA GLU A 516 -24.04 48.68 -1.90
C GLU A 516 -24.97 48.66 -0.68
N ARG A 517 -24.43 48.63 0.53
CA ARG A 517 -25.28 48.45 1.69
C ARG A 517 -26.25 49.62 1.83
N GLU A 518 -25.78 50.82 1.48
CA GLU A 518 -26.59 52.02 1.59
C GLU A 518 -27.71 51.96 0.55
N VAL A 519 -27.38 51.59 -0.68
CA VAL A 519 -28.34 51.60 -1.76
C VAL A 519 -29.40 50.53 -1.52
N TRP A 520 -28.99 49.36 -1.02
CA TRP A 520 -29.92 48.31 -0.71
C TRP A 520 -30.88 48.75 0.41
N ALA A 521 -30.38 49.55 1.36
CA ALA A 521 -31.21 50.05 2.44
C ALA A 521 -32.14 51.13 1.89
N ALA A 522 -31.66 51.93 0.92
CA ALA A 522 -32.49 52.89 0.19
C ALA A 522 -33.47 52.16 -0.72
N GLU B 29 -1.36 12.73 30.90
CA GLU B 29 -0.12 12.34 30.16
C GLU B 29 -0.02 10.81 30.03
N LEU B 30 -1.13 10.08 30.18
CA LEU B 30 -1.11 8.62 30.03
C LEU B 30 -2.18 8.21 29.02
N HIS B 31 -1.79 7.40 28.03
CA HIS B 31 -2.71 7.04 26.96
C HIS B 31 -2.55 5.56 26.62
N ASP B 32 -3.63 4.93 26.16
CA ASP B 32 -3.62 3.55 25.64
C ASP B 32 -2.85 3.51 24.32
N VAL B 33 -2.05 2.45 24.12
CA VAL B 33 -1.40 2.21 22.83
C VAL B 33 -1.74 0.79 22.36
N ILE B 34 -2.29 0.68 21.14
CA ILE B 34 -2.80 -0.57 20.60
C ILE B 34 -1.90 -1.06 19.48
N VAL B 35 -1.47 -2.31 19.59
CA VAL B 35 -0.57 -2.94 18.63
C VAL B 35 -1.18 -4.27 18.21
N GLU B 36 -0.89 -4.68 16.97
CA GLU B 36 -1.52 -5.90 16.42
C GLU B 36 -0.53 -7.07 16.33
N THR B 37 -0.70 -8.09 17.17
CA THR B 37 0.09 -9.33 17.07
C THR B 37 -0.46 -10.14 15.92
N ARG B 38 0.27 -11.15 15.45
CA ARG B 38 -0.28 -12.03 14.39
C ARG B 38 -1.53 -12.70 14.97
N TYR B 39 -1.49 -13.11 16.23
CA TYR B 39 -2.67 -13.71 16.92
C TYR B 39 -3.82 -12.69 17.07
N GLY B 40 -3.51 -11.43 17.40
CA GLY B 40 -4.58 -10.41 17.49
C GLY B 40 -4.10 -9.07 18.01
N ALA B 41 -5.03 -8.14 18.25
CA ALA B 41 -4.69 -6.79 18.75
C ALA B 41 -4.55 -6.77 20.27
N VAL B 42 -3.63 -5.94 20.79
CA VAL B 42 -3.38 -5.86 22.22
C VAL B 42 -3.31 -4.39 22.64
N ARG B 43 -3.81 -4.15 23.86
CA ARG B 43 -3.93 -2.78 24.38
C ARG B 43 -2.94 -2.59 25.52
N GLY B 44 -1.91 -1.78 25.31
CA GLY B 44 -1.04 -1.31 26.40
C GLY B 44 -1.18 0.18 26.69
N ARG B 45 -0.23 0.72 27.47
CA ARG B 45 -0.29 2.07 28.02
C ARG B 45 1.01 2.76 27.70
N SER B 46 0.99 4.10 27.55
CA SER B 46 2.17 4.91 27.34
C SER B 46 2.04 6.24 28.08
N ASP B 47 3.14 6.68 28.69
CA ASP B 47 3.25 8.02 29.22
C ASP B 47 3.79 8.97 28.15
N GLY B 48 4.11 8.42 26.96
CA GLY B 48 4.67 9.18 25.89
C GLY B 48 6.20 9.10 25.83
N THR B 49 6.84 8.62 26.89
CA THR B 49 8.26 8.31 26.88
C THR B 49 8.43 6.80 26.61
N VAL B 50 7.58 5.99 27.24
CA VAL B 50 7.71 4.55 27.15
C VAL B 50 6.31 3.95 27.07
N CYS B 51 6.19 2.78 26.44
CA CYS B 51 4.95 2.00 26.42
C CYS B 51 5.17 0.64 27.08
N VAL B 52 4.08 0.07 27.62
CA VAL B 52 4.13 -1.21 28.30
C VAL B 52 2.89 -2.02 27.92
N TRP B 53 3.13 -3.29 27.60
CA TRP B 53 2.08 -4.29 27.39
C TRP B 53 2.32 -5.44 28.35
N LYS B 54 1.30 -5.76 29.15
CA LYS B 54 1.42 -6.79 30.16
C LYS B 54 0.45 -7.91 29.87
N GLY B 55 0.84 -9.14 30.17
CA GLY B 55 -0.12 -10.24 30.14
C GLY B 55 -0.47 -10.67 28.71
N VAL B 56 0.48 -10.50 27.79
CA VAL B 56 0.32 -10.90 26.41
C VAL B 56 0.58 -12.39 26.32
N PRO B 57 -0.34 -13.21 25.75
CA PRO B 57 -0.14 -14.65 25.64
C PRO B 57 0.75 -15.05 24.46
N PHE B 58 1.75 -15.90 24.72
CA PHE B 58 2.73 -16.29 23.71
C PHE B 58 2.52 -17.74 23.30
N ALA B 59 1.58 -18.40 23.98
CA ALA B 59 1.28 -19.80 23.76
C ALA B 59 -0.13 -20.07 24.21
N ARG B 60 -0.69 -21.18 23.71
CA ARG B 60 -1.97 -21.64 24.20
C ARG B 60 -1.85 -22.07 25.66
N PRO B 61 -2.87 -21.81 26.50
CA PRO B 61 -2.80 -22.11 27.92
C PRO B 61 -2.53 -23.60 28.14
N PRO B 62 -1.51 -23.98 28.94
CA PRO B 62 -1.10 -25.38 29.09
C PRO B 62 -1.92 -26.11 30.14
N VAL B 63 -3.21 -26.30 29.83
CA VAL B 63 -4.19 -26.86 30.74
C VAL B 63 -5.00 -27.94 30.02
N GLY B 64 -5.69 -28.77 30.80
CA GLY B 64 -6.39 -29.96 30.31
C GLY B 64 -5.46 -30.86 29.50
N PRO B 65 -5.78 -31.09 28.21
CA PRO B 65 -4.95 -31.89 27.31
C PRO B 65 -3.55 -31.33 27.12
N LEU B 66 -3.43 -29.99 27.22
CA LEU B 66 -2.17 -29.30 26.97
C LEU B 66 -1.24 -29.39 28.18
N ARG B 67 -1.78 -29.76 29.36
CA ARG B 67 -0.92 -30.02 30.51
C ARG B 67 0.08 -31.13 30.17
N PHE B 68 1.33 -30.95 30.63
CA PHE B 68 2.44 -31.88 30.42
C PHE B 68 2.71 -32.04 28.91
N ARG B 69 2.36 -31.03 28.10
CA ARG B 69 2.66 -31.07 26.68
C ARG B 69 3.48 -29.82 26.29
N PRO B 70 4.28 -29.86 25.19
CA PRO B 70 4.99 -28.67 24.73
C PRO B 70 4.09 -27.50 24.37
N PRO B 71 4.61 -26.26 24.45
CA PRO B 71 3.82 -25.06 24.17
C PRO B 71 3.43 -25.00 22.69
N GLU B 72 2.20 -24.55 22.42
CA GLU B 72 1.77 -24.27 21.06
C GLU B 72 1.46 -22.78 20.93
N PRO B 73 1.56 -22.21 19.72
CA PRO B 73 1.17 -20.83 19.49
C PRO B 73 -0.24 -20.55 19.96
N PRO B 74 -0.54 -19.31 20.39
CA PRO B 74 -1.87 -18.97 20.90
C PRO B 74 -2.93 -18.99 19.80
N GLU B 75 -4.16 -19.35 20.16
CA GLU B 75 -5.25 -19.30 19.21
C GLU B 75 -5.64 -17.84 19.01
N PRO B 76 -5.93 -17.43 17.75
CA PRO B 76 -6.22 -16.03 17.45
C PRO B 76 -7.47 -15.49 18.15
N TRP B 77 -7.48 -14.18 18.41
CA TRP B 77 -8.68 -13.49 18.84
C TRP B 77 -9.02 -12.36 17.86
N SER B 78 -10.31 -12.09 17.72
CA SER B 78 -10.77 -10.87 17.07
C SER B 78 -10.91 -9.78 18.12
N GLY B 79 -10.79 -8.52 17.69
CA GLY B 79 -11.00 -7.40 18.60
C GLY B 79 -9.74 -7.06 19.38
N VAL B 80 -9.87 -6.22 20.42
CA VAL B 80 -8.74 -5.71 21.19
C VAL B 80 -8.68 -6.48 22.50
N ARG B 81 -7.54 -7.14 22.75
CA ARG B 81 -7.31 -7.78 24.04
C ARG B 81 -6.54 -6.83 24.98
N ASP B 82 -7.00 -6.71 26.23
CA ASP B 82 -6.40 -5.78 27.19
C ASP B 82 -5.04 -6.34 27.65
N ALA B 83 -4.01 -5.50 27.62
CA ALA B 83 -2.67 -5.83 28.11
C ALA B 83 -2.26 -4.84 29.21
N THR B 84 -3.23 -4.32 29.97
CA THR B 84 -2.94 -3.31 30.99
C THR B 84 -2.56 -3.96 32.32
N ARG B 85 -2.94 -5.24 32.52
CA ARG B 85 -2.64 -5.97 33.75
C ARG B 85 -1.78 -7.22 33.52
N PHE B 86 -0.93 -7.55 34.51
CA PHE B 86 -0.01 -8.67 34.43
C PHE B 86 -0.76 -9.98 34.24
N GLY B 87 -0.18 -10.91 33.49
CA GLY B 87 -0.69 -12.26 33.46
C GLY B 87 -0.34 -13.00 34.76
N PRO B 88 -1.14 -13.98 35.16
CA PRO B 88 -0.84 -14.80 36.34
C PRO B 88 0.49 -15.55 36.27
N ALA B 89 1.13 -15.73 37.43
CA ALA B 89 2.32 -16.57 37.52
C ALA B 89 1.94 -18.05 37.51
N SER B 90 2.92 -18.86 37.13
CA SER B 90 2.83 -20.31 37.19
C SER B 90 2.67 -20.74 38.64
N VAL B 91 1.92 -21.83 38.82
CA VAL B 91 1.63 -22.31 40.16
C VAL B 91 2.92 -22.70 40.85
N GLN B 92 3.10 -22.16 42.07
CA GLN B 92 4.35 -22.25 42.76
C GLN B 92 4.15 -22.30 44.29
N PRO B 93 5.12 -22.90 45.01
CA PRO B 93 5.21 -22.76 46.46
C PRO B 93 5.62 -21.34 46.81
N GLU B 94 5.35 -20.95 48.04
CA GLU B 94 5.82 -19.66 48.52
C GLU B 94 7.35 -19.72 48.66
N ASP B 95 8.02 -18.63 48.33
CA ASP B 95 9.41 -18.39 48.71
C ASP B 95 9.39 -17.58 50.01
N ARG B 96 9.66 -18.28 51.13
CA ARG B 96 9.48 -17.70 52.44
C ARG B 96 10.51 -16.58 52.65
N LEU B 97 11.76 -16.92 52.29
CA LEU B 97 12.83 -15.93 52.31
C LEU B 97 12.45 -14.70 51.48
N ILE B 98 11.89 -14.85 50.27
CA ILE B 98 11.50 -13.71 49.44
C ILE B 98 10.45 -12.86 50.13
N SER B 99 9.45 -13.48 50.78
CA SER B 99 8.45 -12.71 51.52
C SER B 99 9.10 -11.95 52.69
N ASN B 100 10.01 -12.62 53.39
CA ASN B 100 10.67 -12.03 54.55
C ASN B 100 11.62 -10.92 54.07
N LEU B 101 12.32 -11.19 52.97
CA LEU B 101 13.32 -10.28 52.43
C LEU B 101 12.67 -8.99 51.91
N THR B 102 11.53 -9.13 51.23
CA THR B 102 10.93 -8.03 50.49
C THR B 102 9.46 -7.96 50.89
N GLY B 103 8.83 -6.82 50.56
CA GLY B 103 7.49 -6.53 51.02
C GLY B 103 6.39 -7.15 50.14
N GLY B 104 6.76 -7.69 48.97
CA GLY B 104 5.79 -8.26 48.05
C GLY B 104 4.89 -9.30 48.71
N ALA B 105 3.58 -9.22 48.41
CA ALA B 105 2.61 -10.24 48.82
C ALA B 105 2.63 -11.38 47.81
N THR B 106 2.06 -12.53 48.20
CA THR B 106 2.10 -13.77 47.43
C THR B 106 1.56 -13.51 46.01
N LEU B 107 2.20 -14.15 45.03
CA LEU B 107 1.97 -13.89 43.62
C LEU B 107 0.61 -14.46 43.22
N PRO B 108 -0.20 -13.73 42.43
CA PRO B 108 -1.41 -14.31 41.84
C PRO B 108 -0.92 -15.37 40.85
N GLN B 109 -1.65 -16.50 40.81
CA GLN B 109 -1.13 -17.68 40.16
C GLN B 109 -2.25 -18.44 39.47
N ASP B 110 -1.94 -19.03 38.32
CA ASP B 110 -2.86 -19.93 37.65
C ASP B 110 -2.06 -20.89 36.78
N GLU B 111 -2.60 -22.06 36.54
CA GLU B 111 -1.96 -23.01 35.63
C GLU B 111 -1.91 -22.38 34.23
N ASP B 112 -2.89 -21.53 33.89
CA ASP B 112 -2.81 -20.71 32.67
C ASP B 112 -1.92 -19.51 32.90
N CYS B 113 -0.63 -19.68 32.62
CA CYS B 113 0.39 -18.75 33.07
C CYS B 113 1.29 -18.29 31.92
N LEU B 114 1.08 -18.74 30.68
CA LEU B 114 2.05 -18.40 29.65
C LEU B 114 1.81 -17.00 29.09
N TYR B 115 2.44 -15.99 29.73
CA TYR B 115 2.29 -14.61 29.35
C TYR B 115 3.63 -13.93 29.40
N LEU B 116 3.81 -12.92 28.54
CA LEU B 116 4.99 -12.09 28.57
C LEU B 116 4.57 -10.61 28.63
N ASN B 117 5.54 -9.76 28.98
CA ASN B 117 5.33 -8.35 29.18
C ASN B 117 6.40 -7.62 28.36
N ILE B 118 6.02 -6.50 27.71
CA ILE B 118 6.88 -5.80 26.78
C ILE B 118 6.95 -4.32 27.14
N TRP B 119 8.19 -3.81 27.21
CA TRP B 119 8.45 -2.40 27.37
C TRP B 119 9.21 -1.89 26.14
N SER B 120 8.66 -0.85 25.51
CA SER B 120 9.31 -0.22 24.36
C SER B 120 9.11 1.29 24.42
N PRO B 121 10.11 2.09 23.99
CA PRO B 121 9.91 3.53 23.81
C PRO B 121 8.77 3.84 22.86
N SER B 122 8.69 3.08 21.74
CA SER B 122 7.63 3.30 20.75
C SER B 122 7.41 2.05 19.89
N PRO B 123 6.18 1.78 19.41
CA PRO B 123 5.95 0.70 18.46
C PRO B 123 6.67 0.91 17.12
N ASP B 124 6.88 2.18 16.75
CA ASP B 124 7.64 2.54 15.57
C ASP B 124 9.13 2.40 15.85
N GLY B 125 9.89 1.87 14.88
CA GLY B 125 11.31 1.63 15.05
C GLY B 125 11.63 0.14 15.21
N ARG B 126 12.93 -0.16 15.18
CA ARG B 126 13.48 -1.49 15.29
C ARG B 126 14.67 -1.45 16.24
N ARG B 127 14.36 -1.56 17.53
CA ARG B 127 15.36 -1.46 18.58
C ARG B 127 15.98 -2.82 18.93
N PRO B 128 17.19 -2.85 19.50
CA PRO B 128 17.75 -4.08 20.10
C PRO B 128 16.82 -4.57 21.20
N VAL B 129 16.74 -5.91 21.39
CA VAL B 129 15.75 -6.47 22.30
C VAL B 129 16.47 -7.23 23.43
N MET B 130 16.03 -7.02 24.67
CA MET B 130 16.54 -7.78 25.82
C MET B 130 15.43 -8.65 26.39
N VAL B 131 15.66 -9.97 26.48
CA VAL B 131 14.64 -10.89 26.94
C VAL B 131 15.09 -11.49 28.27
N TRP B 132 14.27 -11.32 29.31
CA TRP B 132 14.63 -11.73 30.66
C TRP B 132 13.96 -13.05 31.05
N ILE B 133 14.78 -14.00 31.52
CA ILE B 133 14.31 -15.23 32.14
C ILE B 133 14.60 -15.17 33.65
N HIS B 134 13.54 -15.21 34.46
CA HIS B 134 13.62 -15.08 35.92
C HIS B 134 14.22 -16.33 36.55
N GLY B 135 14.78 -16.15 37.75
CA GLY B 135 15.26 -17.25 38.58
C GLY B 135 14.22 -17.69 39.61
N GLY B 136 14.64 -18.53 40.55
CA GLY B 136 13.77 -19.06 41.60
C GLY B 136 13.75 -20.59 41.65
N ALA B 137 14.88 -21.26 41.34
CA ALA B 137 15.04 -22.70 41.57
C ALA B 137 14.15 -23.58 40.68
N TYR B 138 13.66 -23.02 39.57
CA TYR B 138 12.79 -23.71 38.64
C TYR B 138 11.43 -23.97 39.30
N LEU B 139 11.16 -23.35 40.47
CA LEU B 139 9.97 -23.64 41.26
C LEU B 139 9.13 -22.37 41.49
N THR B 140 9.81 -21.22 41.56
CA THR B 140 9.15 -19.95 41.86
C THR B 140 9.61 -18.88 40.89
N GLY B 141 8.92 -17.73 40.99
CA GLY B 141 9.25 -16.54 40.27
C GLY B 141 8.19 -16.23 39.20
N ALA B 142 8.32 -15.05 38.61
CA ALA B 142 7.48 -14.65 37.51
C ALA B 142 8.10 -13.42 36.88
N GLY B 143 7.65 -13.18 35.63
CA GLY B 143 8.12 -12.01 34.88
C GLY B 143 7.61 -10.72 35.55
N SER B 144 6.53 -10.87 36.31
CA SER B 144 5.75 -9.78 36.83
C SER B 144 6.41 -9.18 38.07
N ILE B 145 7.45 -9.80 38.62
CA ILE B 145 8.07 -9.28 39.85
C ILE B 145 8.61 -7.87 39.61
N PRO B 146 8.38 -6.88 40.53
CA PRO B 146 8.71 -5.47 40.28
C PRO B 146 10.15 -5.12 40.00
N TRP B 147 11.11 -5.89 40.54
CA TRP B 147 12.51 -5.55 40.31
C TRP B 147 12.91 -5.85 38.85
N TYR B 148 12.07 -6.61 38.14
CA TYR B 148 12.32 -6.92 36.73
C TYR B 148 11.60 -5.94 35.81
N ASP B 149 10.99 -4.89 36.37
CA ASP B 149 10.33 -3.89 35.52
C ASP B 149 11.31 -3.33 34.49
N GLY B 150 10.88 -3.35 33.21
CA GLY B 150 11.72 -3.06 32.06
C GLY B 150 11.75 -1.58 31.64
N THR B 151 10.94 -0.75 32.29
CA THR B 151 10.85 0.67 31.96
C THR B 151 12.23 1.32 31.87
N ALA B 152 13.08 1.15 32.88
CA ALA B 152 14.30 1.96 32.94
C ALA B 152 15.29 1.52 31.88
N LEU B 153 15.41 0.22 31.65
CA LEU B 153 16.28 -0.29 30.60
C LEU B 153 15.83 0.28 29.24
N ALA B 154 14.53 0.22 28.98
CA ALA B 154 13.98 0.70 27.71
C ALA B 154 14.29 2.19 27.51
N ARG B 155 14.02 2.98 28.56
CA ARG B 155 14.17 4.43 28.50
C ARG B 155 15.63 4.81 28.31
N GLU B 156 16.51 4.27 29.15
CA GLU B 156 17.90 4.64 29.12
C GLU B 156 18.58 4.07 27.87
N GLY B 157 18.22 2.84 27.44
CA GLY B 157 18.99 2.13 26.43
C GLY B 157 18.43 2.22 25.00
N ASP B 158 17.21 2.76 24.86
CA ASP B 158 16.43 2.71 23.62
C ASP B 158 16.36 1.27 23.13
N VAL B 159 15.88 0.40 24.03
CA VAL B 159 15.80 -1.01 23.77
C VAL B 159 14.40 -1.48 24.11
N VAL B 160 14.06 -2.66 23.58
CA VAL B 160 12.81 -3.30 23.94
C VAL B 160 13.16 -4.36 25.00
N VAL B 161 12.38 -4.37 26.10
CA VAL B 161 12.58 -5.35 27.16
C VAL B 161 11.39 -6.29 27.20
N VAL B 162 11.69 -7.59 27.28
CA VAL B 162 10.64 -8.58 27.43
C VAL B 162 10.90 -9.36 28.72
N THR B 163 9.85 -9.52 29.57
CA THR B 163 9.90 -10.50 30.66
C THR B 163 8.81 -11.52 30.41
N LEU B 164 8.99 -12.74 30.95
CA LEU B 164 8.13 -13.85 30.60
C LEU B 164 7.90 -14.75 31.79
N ASN B 165 6.84 -15.52 31.69
CA ASN B 165 6.59 -16.67 32.55
C ASN B 165 6.83 -17.95 31.77
N TYR B 166 7.36 -18.95 32.45
CA TYR B 166 7.57 -20.30 31.93
C TYR B 166 7.04 -21.23 33.00
N ARG B 167 6.62 -22.42 32.59
CA ARG B 167 6.07 -23.37 33.57
C ARG B 167 7.13 -23.72 34.58
N LEU B 168 6.72 -23.80 35.85
CA LEU B 168 7.61 -24.04 36.97
C LEU B 168 7.25 -25.35 37.61
N GLY B 169 8.21 -25.93 38.32
CA GLY B 169 7.92 -27.05 39.19
C GLY B 169 7.58 -28.29 38.40
N ALA B 170 6.62 -29.06 38.89
CA ALA B 170 6.23 -30.32 38.30
C ALA B 170 5.68 -30.10 36.90
N LEU B 171 4.90 -29.03 36.74
CA LEU B 171 4.26 -28.76 35.46
C LEU B 171 5.29 -28.39 34.40
N GLY B 172 6.46 -27.89 34.81
CA GLY B 172 7.50 -27.46 33.91
C GLY B 172 8.61 -28.50 33.75
N PHE B 173 8.92 -29.29 34.79
CA PHE B 173 10.20 -30.02 34.81
C PHE B 173 10.03 -31.47 35.28
N LEU B 174 8.81 -31.98 35.46
CA LEU B 174 8.63 -33.37 35.87
C LEU B 174 8.91 -34.26 34.66
N TYR B 175 9.91 -35.15 34.78
CA TYR B 175 10.25 -36.12 33.74
C TYR B 175 9.31 -37.31 33.82
N LEU B 176 8.39 -37.42 32.84
CA LEU B 176 7.31 -38.40 32.87
C LEU B 176 7.52 -39.46 31.79
N GLU B 177 8.70 -39.43 31.14
CA GLU B 177 8.97 -40.35 30.05
C GLU B 177 8.86 -41.79 30.54
N ASP B 178 9.51 -42.09 31.68
CA ASP B 178 9.51 -43.44 32.21
C ASP B 178 8.12 -43.78 32.75
N ALA B 179 7.50 -42.84 33.46
CA ALA B 179 6.28 -43.12 34.19
C ALA B 179 5.06 -43.22 33.26
N PHE B 180 4.97 -42.39 32.22
CA PHE B 180 3.76 -42.36 31.40
C PHE B 180 4.06 -42.62 29.93
N GLY B 181 5.33 -42.81 29.56
CA GLY B 181 5.67 -43.20 28.19
C GLY B 181 5.73 -42.03 27.20
N PRO B 182 5.72 -42.29 25.88
CA PRO B 182 6.30 -41.37 24.90
C PRO B 182 5.50 -40.11 24.55
N GLU B 183 4.22 -40.11 24.86
CA GLU B 183 3.37 -38.95 24.80
C GLU B 183 3.95 -37.80 25.63
N PHE B 184 4.77 -38.11 26.64
CA PHE B 184 5.34 -37.16 27.56
C PHE B 184 6.83 -36.96 27.24
N THR B 185 7.27 -37.30 26.02
CA THR B 185 8.65 -37.04 25.62
C THR B 185 8.95 -35.54 25.77
N GLY B 186 10.09 -35.21 26.41
CA GLY B 186 10.52 -33.83 26.63
C GLY B 186 9.89 -33.15 27.86
N SER B 187 9.07 -33.86 28.60
CA SER B 187 8.37 -33.33 29.78
C SER B 187 9.31 -32.74 30.84
N GLY B 188 10.54 -33.27 30.95
CA GLY B 188 11.52 -32.75 31.89
C GLY B 188 11.99 -31.32 31.59
N ASN B 189 11.84 -30.87 30.33
CA ASN B 189 12.34 -29.58 29.87
C ASN B 189 11.21 -28.66 29.38
N LEU B 190 9.98 -28.91 29.83
CA LEU B 190 8.87 -28.10 29.36
C LEU B 190 9.07 -26.62 29.64
N GLY B 191 9.66 -26.26 30.79
CA GLY B 191 9.94 -24.87 31.09
C GLY B 191 10.90 -24.24 30.08
N ILE B 192 11.90 -25.01 29.65
CA ILE B 192 12.83 -24.55 28.64
C ILE B 192 12.07 -24.35 27.31
N LEU B 193 11.19 -25.30 26.97
CA LEU B 193 10.40 -25.21 25.76
C LEU B 193 9.48 -23.99 25.79
N ASP B 194 8.95 -23.65 26.95
CA ASP B 194 8.22 -22.40 27.13
C ASP B 194 9.08 -21.18 26.85
N GLN B 195 10.32 -21.21 27.33
CA GLN B 195 11.22 -20.09 27.08
C GLN B 195 11.48 -19.99 25.59
N ILE B 196 11.62 -21.12 24.92
CA ILE B 196 11.83 -21.12 23.49
C ILE B 196 10.58 -20.59 22.77
N ALA B 197 9.40 -20.97 23.21
CA ALA B 197 8.16 -20.47 22.68
C ALA B 197 8.09 -18.95 22.78
N ALA B 198 8.53 -18.40 23.91
CA ALA B 198 8.47 -16.97 24.10
C ALA B 198 9.44 -16.30 23.12
N LEU B 199 10.59 -16.94 22.90
CA LEU B 199 11.59 -16.42 22.00
C LEU B 199 11.09 -16.52 20.56
N ARG B 200 10.34 -17.59 20.26
CA ARG B 200 9.72 -17.71 18.95
C ARG B 200 8.71 -16.57 18.77
N TRP B 201 7.93 -16.29 19.81
CA TRP B 201 6.95 -15.22 19.75
C TRP B 201 7.64 -13.88 19.48
N VAL B 202 8.77 -13.64 20.14
CA VAL B 202 9.49 -12.40 19.95
C VAL B 202 9.95 -12.28 18.50
N ARG B 203 10.51 -13.37 17.95
CA ARG B 203 10.97 -13.34 16.58
C ARG B 203 9.83 -12.90 15.67
N GLU B 204 8.64 -13.45 15.92
CA GLU B 204 7.48 -13.30 15.09
C GLU B 204 6.83 -11.91 15.23
N ASN B 205 6.82 -11.34 16.46
CA ASN B 205 5.89 -10.25 16.77
C ASN B 205 6.59 -8.99 17.28
N ILE B 206 7.93 -9.02 17.52
CA ILE B 206 8.57 -7.95 18.26
C ILE B 206 8.57 -6.66 17.43
N ALA B 207 8.50 -6.79 16.10
CA ALA B 207 8.56 -5.66 15.18
C ALA B 207 7.43 -4.68 15.50
N ALA B 208 6.25 -5.24 15.79
CA ALA B 208 5.06 -4.46 16.07
C ALA B 208 5.23 -3.63 17.35
N PHE B 209 6.10 -4.06 18.25
CA PHE B 209 6.33 -3.33 19.48
C PHE B 209 7.64 -2.54 19.38
N GLY B 210 8.21 -2.42 18.17
CA GLY B 210 9.35 -1.54 17.96
C GLY B 210 10.68 -2.23 18.13
N GLY B 211 10.68 -3.55 18.11
CA GLY B 211 11.88 -4.33 18.32
C GLY B 211 12.44 -4.91 17.04
N ASP B 212 13.77 -5.13 17.04
CA ASP B 212 14.47 -5.79 15.96
C ASP B 212 14.69 -7.26 16.32
N PRO B 213 14.01 -8.20 15.60
CA PRO B 213 14.14 -9.63 15.85
C PRO B 213 15.53 -10.19 15.59
N ASP B 214 16.31 -9.50 14.77
CA ASP B 214 17.66 -9.90 14.46
C ASP B 214 18.67 -9.52 15.56
N ARG B 215 18.34 -8.61 16.50
CA ARG B 215 19.34 -8.20 17.49
C ARG B 215 18.83 -8.48 18.92
N VAL B 216 18.85 -9.75 19.34
CA VAL B 216 18.16 -10.15 20.55
C VAL B 216 19.17 -10.70 21.54
N THR B 217 19.14 -10.13 22.76
CA THR B 217 19.94 -10.62 23.86
C THR B 217 19.03 -11.32 24.85
N ILE B 218 19.45 -12.51 25.31
CA ILE B 218 18.77 -13.14 26.45
C ILE B 218 19.60 -12.92 27.69
N PHE B 219 18.91 -12.62 28.79
CA PHE B 219 19.62 -12.46 30.05
C PHE B 219 18.78 -13.13 31.15
N GLY B 220 19.48 -13.71 32.12
CA GLY B 220 18.85 -14.37 33.24
C GLY B 220 19.74 -14.33 34.48
N GLU B 221 19.11 -14.55 35.65
CA GLU B 221 19.81 -14.69 36.91
C GLU B 221 19.39 -16.00 37.56
N SER B 222 20.34 -16.64 38.23
CA SER B 222 20.12 -17.86 39.00
C SER B 222 19.64 -18.97 38.07
N ALA B 223 18.48 -19.58 38.39
CA ALA B 223 17.88 -20.61 37.55
C ALA B 223 17.59 -20.05 36.15
N GLY B 224 17.34 -18.72 36.05
CA GLY B 224 17.18 -18.06 34.76
C GLY B 224 18.48 -18.05 33.94
N ALA B 225 19.60 -17.82 34.63
CA ALA B 225 20.91 -17.95 34.01
C ALA B 225 21.23 -19.41 33.68
N GLY B 226 20.77 -20.33 34.53
CA GLY B 226 20.88 -21.75 34.22
C GLY B 226 20.11 -22.08 32.94
N SER B 227 18.91 -21.51 32.82
CA SER B 227 18.07 -21.59 31.63
C SER B 227 18.80 -21.07 30.40
N VAL B 228 19.48 -19.91 30.55
CA VAL B 228 20.23 -19.33 29.45
C VAL B 228 21.34 -20.30 29.00
N GLY B 229 22.06 -20.86 29.95
CA GLY B 229 23.10 -21.85 29.68
C GLY B 229 22.59 -23.07 28.91
N VAL B 230 21.39 -23.54 29.27
CA VAL B 230 20.75 -24.62 28.55
C VAL B 230 20.41 -24.18 27.12
N LEU B 231 19.96 -22.91 26.95
CA LEU B 231 19.57 -22.42 25.64
C LEU B 231 20.76 -22.34 24.72
N LEU B 232 21.95 -22.06 25.27
CA LEU B 232 23.17 -22.09 24.46
C LEU B 232 23.38 -23.50 23.88
N ALA B 233 22.98 -24.54 24.63
CA ALA B 233 23.20 -25.92 24.23
C ALA B 233 22.08 -26.44 23.32
N ALA B 234 20.85 -25.99 23.55
CA ALA B 234 19.68 -26.62 22.94
C ALA B 234 19.59 -26.23 21.45
N PRO B 235 19.54 -27.22 20.51
CA PRO B 235 19.53 -26.94 19.08
C PRO B 235 18.32 -26.12 18.61
N ALA B 236 17.18 -26.36 19.23
CA ALA B 236 15.94 -25.69 18.89
C ALA B 236 16.03 -24.18 19.13
N ALA B 237 16.88 -23.74 20.09
CA ALA B 237 16.97 -22.32 20.47
C ALA B 237 17.90 -21.55 19.53
N ARG B 238 18.71 -22.28 18.76
CA ARG B 238 19.75 -21.65 17.94
C ARG B 238 19.15 -20.67 16.93
N GLY B 239 19.75 -19.46 16.88
CA GLY B 239 19.26 -18.35 16.08
C GLY B 239 18.05 -17.59 16.64
N LEU B 240 17.56 -17.91 17.84
CA LEU B 240 16.49 -17.11 18.45
C LEU B 240 17.02 -15.91 19.24
N PHE B 241 18.36 -15.91 19.49
CA PHE B 241 19.09 -14.78 20.08
C PHE B 241 20.50 -14.79 19.51
N HIS B 242 21.28 -13.72 19.68
CA HIS B 242 22.67 -13.73 19.25
C HIS B 242 23.60 -13.48 20.42
N ARG B 243 23.06 -13.12 21.59
CA ARG B 243 23.87 -12.68 22.72
C ARG B 243 23.21 -13.08 24.04
N ALA B 244 24.03 -13.41 25.04
CA ALA B 244 23.53 -13.99 26.29
C ALA B 244 24.26 -13.40 27.49
N ILE B 245 23.49 -13.02 28.54
CA ILE B 245 24.07 -12.62 29.81
C ILE B 245 23.63 -13.58 30.90
N LEU B 246 24.60 -14.12 31.68
CA LEU B 246 24.31 -15.15 32.67
C LEU B 246 24.85 -14.68 34.01
N GLN B 247 23.92 -14.32 34.91
CA GLN B 247 24.24 -13.78 36.20
C GLN B 247 23.96 -14.83 37.26
N SER B 248 25.02 -15.21 37.99
CA SER B 248 24.91 -16.13 39.12
C SER B 248 24.24 -17.43 38.67
N GLY B 249 24.67 -17.95 37.55
CA GLY B 249 24.08 -19.17 36.98
C GLY B 249 24.82 -19.62 35.72
N SER B 250 24.71 -20.91 35.39
CA SER B 250 25.41 -21.48 34.25
C SER B 250 24.66 -22.72 33.79
N GLY B 251 25.11 -23.27 32.65
CA GLY B 251 24.58 -24.51 32.10
C GLY B 251 24.68 -25.67 33.08
N ALA B 252 25.63 -25.65 34.02
CA ALA B 252 25.74 -26.72 35.01
C ALA B 252 24.55 -26.75 35.98
N LEU B 253 23.98 -25.57 36.28
CA LEU B 253 23.20 -25.38 37.50
C LEU B 253 21.85 -26.10 37.44
N GLY B 254 21.67 -27.15 38.26
CA GLY B 254 20.41 -27.87 38.40
C GLY B 254 20.07 -28.83 37.24
N VAL B 255 21.03 -29.06 36.33
CA VAL B 255 20.78 -29.91 35.17
C VAL B 255 21.02 -31.35 35.62
N ARG B 256 20.08 -32.26 35.31
CA ARG B 256 20.12 -33.62 35.84
C ARG B 256 20.17 -34.64 34.70
N THR B 257 20.76 -35.82 34.96
CA THR B 257 20.61 -36.95 34.06
C THR B 257 19.17 -37.45 34.08
N ALA B 258 18.79 -38.13 32.99
CA ALA B 258 17.48 -38.71 32.86
C ALA B 258 17.17 -39.65 34.02
N ALA B 259 18.16 -40.46 34.44
CA ALA B 259 17.96 -41.42 35.51
C ALA B 259 17.69 -40.72 36.85
N SER B 260 18.49 -39.69 37.16
CA SER B 260 18.28 -38.88 38.36
C SER B 260 16.87 -38.28 38.32
N ALA B 261 16.50 -37.77 37.16
CA ALA B 261 15.23 -37.09 36.99
C ALA B 261 14.06 -38.05 37.13
N ALA B 262 14.21 -39.28 36.63
CA ALA B 262 13.13 -40.27 36.76
C ALA B 262 12.94 -40.67 38.24
N ARG B 263 14.04 -40.74 39.00
CA ARG B 263 13.94 -41.00 40.44
C ARG B 263 13.19 -39.90 41.17
N VAL B 264 13.50 -38.65 40.86
CA VAL B 264 12.82 -37.53 41.48
C VAL B 264 11.33 -37.58 41.13
N ALA B 265 11.03 -37.83 39.85
CA ALA B 265 9.65 -37.84 39.42
C ALA B 265 8.84 -38.89 40.19
N ALA B 266 9.42 -40.08 40.39
CA ALA B 266 8.79 -41.13 41.20
C ALA B 266 8.44 -40.61 42.60
N ARG B 267 9.34 -39.86 43.22
CA ARG B 267 9.08 -39.32 44.56
C ARG B 267 7.88 -38.38 44.52
N VAL B 268 7.85 -37.53 43.48
CA VAL B 268 6.78 -36.55 43.38
C VAL B 268 5.44 -37.24 43.21
N LEU B 269 5.43 -38.26 42.35
CA LEU B 269 4.20 -38.97 42.04
C LEU B 269 3.66 -39.64 43.30
N GLN B 270 4.58 -40.23 44.06
CA GLN B 270 4.24 -40.88 45.32
C GLN B 270 3.54 -39.89 46.24
N HIS B 271 4.13 -38.71 46.46
CA HIS B 271 3.51 -37.73 47.36
C HIS B 271 2.19 -37.27 46.79
N ALA B 272 2.16 -37.05 45.45
CA ALA B 272 0.95 -36.60 44.78
C ALA B 272 -0.18 -37.62 44.93
N GLY B 273 0.19 -38.90 44.90
CA GLY B 273 -0.76 -39.97 45.01
C GLY B 273 -1.18 -40.49 43.64
N VAL B 274 -0.44 -40.08 42.59
CA VAL B 274 -0.77 -40.47 41.25
C VAL B 274 0.11 -41.64 40.88
N GLU B 275 -0.53 -42.76 40.48
CA GLU B 275 0.19 -43.97 40.12
C GLU B 275 0.78 -43.77 38.73
N PRO B 276 2.00 -44.26 38.47
CA PRO B 276 2.54 -44.17 37.11
C PRO B 276 1.54 -44.86 36.18
N GLY B 277 1.29 -44.27 35.01
CA GLY B 277 0.45 -44.89 34.00
C GLY B 277 -1.02 -44.48 34.11
N ASP B 278 -1.40 -43.78 35.19
CA ASP B 278 -2.77 -43.37 35.43
C ASP B 278 -2.97 -41.97 34.86
N ARG B 279 -3.49 -41.92 33.63
CA ARG B 279 -3.66 -40.68 32.89
C ARG B 279 -4.72 -39.82 33.56
N GLU B 280 -5.78 -40.46 34.02
CA GLU B 280 -6.89 -39.78 34.65
C GLU B 280 -6.41 -39.02 35.89
N ALA B 281 -5.69 -39.72 36.78
CA ALA B 281 -5.20 -39.10 38.01
C ALA B 281 -4.29 -37.90 37.67
N LEU B 282 -3.44 -38.08 36.64
CA LEU B 282 -2.48 -37.06 36.21
C LEU B 282 -3.19 -35.77 35.81
N ARG B 283 -4.24 -35.90 34.99
CA ARG B 283 -5.00 -34.74 34.52
C ARG B 283 -5.91 -34.22 35.62
N SER B 284 -6.41 -35.14 36.47
CA SER B 284 -7.35 -34.79 37.54
C SER B 284 -6.70 -33.95 38.63
N LEU B 285 -5.41 -34.18 38.92
CA LEU B 285 -4.76 -33.51 40.04
C LEU B 285 -4.79 -31.99 39.85
N PRO B 286 -5.23 -31.20 40.85
CA PRO B 286 -5.12 -29.73 40.76
C PRO B 286 -3.65 -29.30 40.76
N ALA B 287 -3.39 -28.15 40.13
CA ALA B 287 -2.04 -27.68 39.91
C ALA B 287 -1.35 -27.37 41.24
N ARG B 288 -2.12 -26.86 42.21
CA ARG B 288 -1.61 -26.51 43.53
C ARG B 288 -1.08 -27.77 44.22
N ALA B 289 -1.78 -28.91 43.99
CA ALA B 289 -1.36 -30.16 44.59
C ALA B 289 0.00 -30.61 44.02
N TRP B 290 0.26 -30.29 42.74
CA TRP B 290 1.58 -30.55 42.17
C TRP B 290 2.65 -29.73 42.92
N ALA B 291 2.35 -28.47 43.20
CA ALA B 291 3.27 -27.62 43.96
C ALA B 291 3.54 -28.21 45.32
N ASN B 292 2.48 -28.69 46.00
CA ASN B 292 2.61 -29.22 47.33
C ASN B 292 3.44 -30.51 47.32
N ALA B 293 3.26 -31.35 46.29
CA ALA B 293 4.00 -32.60 46.17
C ALA B 293 5.50 -32.34 46.06
N VAL B 294 5.88 -31.32 45.31
CA VAL B 294 7.29 -31.00 45.13
C VAL B 294 7.83 -30.44 46.44
N ALA B 295 7.05 -29.57 47.09
CA ALA B 295 7.45 -29.03 48.39
C ALA B 295 7.71 -30.16 49.39
N ALA B 296 6.93 -31.25 49.29
CA ALA B 296 7.07 -32.40 50.19
C ALA B 296 8.44 -33.08 50.08
N LEU B 297 9.09 -32.94 48.92
CA LEU B 297 10.40 -33.57 48.75
C LEU B 297 11.43 -32.90 49.65
N GLY B 298 11.25 -31.59 49.88
CA GLY B 298 12.12 -30.85 50.77
C GLY B 298 13.04 -29.86 50.04
N PRO B 299 13.78 -29.02 50.78
CA PRO B 299 14.44 -27.84 50.20
C PRO B 299 15.64 -28.17 49.32
N GLY B 300 15.97 -27.25 48.42
CA GLY B 300 17.11 -27.39 47.52
C GLY B 300 16.68 -27.21 46.06
N LEU B 301 17.29 -27.99 45.16
CA LEU B 301 16.99 -27.95 43.75
C LEU B 301 16.58 -29.35 43.33
N PRO B 302 15.35 -29.82 43.65
CA PRO B 302 14.93 -31.17 43.28
C PRO B 302 14.63 -31.32 41.79
N LEU B 303 14.19 -30.22 41.15
CA LEU B 303 13.80 -30.24 39.75
C LEU B 303 14.65 -29.25 38.99
N GLY B 304 14.70 -29.44 37.67
CA GLY B 304 15.61 -28.71 36.82
C GLY B 304 15.65 -29.33 35.43
N PRO B 305 16.38 -28.69 34.50
CA PRO B 305 16.44 -29.18 33.13
C PRO B 305 17.06 -30.56 33.12
N VAL B 306 16.63 -31.39 32.16
CA VAL B 306 17.06 -32.78 32.08
C VAL B 306 17.79 -33.03 30.77
N VAL B 307 18.92 -33.75 30.83
CA VAL B 307 19.56 -34.27 29.64
C VAL B 307 18.72 -35.45 29.16
N ASP B 308 17.67 -35.15 28.41
CA ASP B 308 16.67 -36.14 28.02
C ASP B 308 17.05 -36.78 26.69
N GLY B 309 18.02 -36.19 25.99
CA GLY B 309 18.45 -36.66 24.67
C GLY B 309 17.62 -36.08 23.52
N THR B 310 16.57 -35.29 23.81
CA THR B 310 15.80 -34.61 22.79
C THR B 310 15.97 -33.09 22.92
N VAL B 311 15.23 -32.49 23.84
CA VAL B 311 15.29 -31.06 24.05
C VAL B 311 16.69 -30.70 24.50
N LEU B 312 17.27 -31.55 25.38
CA LEU B 312 18.69 -31.47 25.66
C LEU B 312 19.37 -32.77 25.25
N PRO B 313 19.98 -32.80 24.05
CA PRO B 313 20.68 -33.98 23.54
C PRO B 313 21.94 -34.30 24.33
N GLU B 314 22.62 -33.26 24.83
CA GLU B 314 23.81 -33.47 25.65
C GLU B 314 23.77 -32.56 26.85
N HIS B 315 24.71 -32.73 27.79
CA HIS B 315 24.84 -31.80 28.90
C HIS B 315 25.23 -30.43 28.33
N PRO B 316 24.61 -29.32 28.79
CA PRO B 316 24.92 -27.98 28.27
C PRO B 316 26.39 -27.59 28.23
N MET B 317 27.12 -27.96 29.28
CA MET B 317 28.53 -27.59 29.42
C MET B 317 29.35 -28.43 28.45
N ALA B 318 28.93 -29.69 28.19
CA ALA B 318 29.55 -30.50 27.15
C ALA B 318 29.41 -29.83 25.78
N ALA B 319 28.20 -29.32 25.50
CA ALA B 319 27.89 -28.72 24.21
C ALA B 319 28.72 -27.45 24.03
N LEU B 320 28.80 -26.64 25.11
CA LEU B 320 29.50 -25.38 25.11
C LEU B 320 30.95 -25.62 24.73
N ALA B 321 31.57 -26.64 25.37
CA ALA B 321 32.98 -26.93 25.15
C ALA B 321 33.23 -27.18 23.67
N ARG B 322 32.28 -27.83 23.01
CA ARG B 322 32.42 -28.18 21.61
C ARG B 322 32.19 -27.01 20.68
N GLY B 323 31.68 -25.90 21.19
CA GLY B 323 31.58 -24.68 20.39
C GLY B 323 30.17 -24.43 19.86
N ALA B 324 29.18 -24.97 20.58
CA ALA B 324 27.79 -24.91 20.14
C ALA B 324 27.30 -23.47 20.07
N ALA B 325 27.86 -22.59 20.92
CA ALA B 325 27.42 -21.20 21.02
C ALA B 325 28.53 -20.26 20.53
N ARG B 326 29.31 -20.75 19.57
CA ARG B 326 30.48 -20.00 19.13
C ARG B 326 30.08 -18.68 18.49
N ASP B 327 28.84 -18.59 17.98
CA ASP B 327 28.35 -17.37 17.33
C ASP B 327 27.87 -16.36 18.38
N VAL B 328 27.48 -16.85 19.55
CA VAL B 328 26.88 -16.03 20.59
C VAL B 328 27.98 -15.37 21.43
N ALA B 329 27.81 -14.06 21.66
CA ALA B 329 28.61 -13.31 22.61
C ALA B 329 28.03 -13.46 24.00
N VAL B 330 28.91 -13.62 24.99
CA VAL B 330 28.49 -13.96 26.35
C VAL B 330 29.09 -12.97 27.36
N LEU B 331 28.22 -12.45 28.25
CA LEU B 331 28.63 -11.79 29.49
C LEU B 331 28.22 -12.65 30.68
N VAL B 332 29.21 -13.01 31.51
CA VAL B 332 28.99 -14.00 32.54
C VAL B 332 29.64 -13.55 33.85
N GLY B 333 28.97 -13.75 34.99
CA GLY B 333 29.49 -13.28 36.25
C GLY B 333 28.76 -13.80 37.46
N VAL B 334 29.28 -13.37 38.65
CA VAL B 334 28.84 -13.86 39.94
C VAL B 334 28.97 -12.71 40.95
N ASN B 335 28.26 -12.80 42.05
CA ASN B 335 28.40 -11.89 43.15
C ASN B 335 29.50 -12.43 44.06
N LYS B 336 30.17 -11.51 44.78
CA LYS B 336 31.30 -11.86 45.64
C LYS B 336 30.95 -12.86 46.74
N ASP B 337 29.79 -12.76 47.36
CA ASP B 337 29.45 -13.65 48.49
C ASP B 337 28.12 -14.37 48.23
N GLU B 338 28.01 -15.08 47.10
CA GLU B 338 26.74 -15.63 46.63
C GLU B 338 26.02 -16.46 47.69
N TYR B 339 26.71 -17.45 48.27
CA TYR B 339 26.02 -18.48 49.04
C TYR B 339 25.52 -17.92 50.36
N ASN B 340 26.08 -16.79 50.83
CA ASN B 340 25.69 -16.19 52.11
C ASN B 340 24.18 -16.04 52.25
N LEU B 341 23.49 -15.84 51.11
CA LEU B 341 22.05 -15.71 51.11
C LEU B 341 21.43 -16.89 51.84
N PHE B 342 21.96 -18.08 51.58
CA PHE B 342 21.31 -19.30 52.01
C PHE B 342 21.43 -19.47 53.52
N ALA B 343 22.37 -18.74 54.15
CA ALA B 343 22.45 -18.72 55.61
C ALA B 343 21.12 -18.30 56.25
N LEU B 344 20.35 -17.44 55.57
CA LEU B 344 19.07 -17.04 56.13
C LEU B 344 18.16 -18.24 56.29
N GLN B 345 18.21 -19.22 55.39
CA GLN B 345 17.46 -20.44 55.56
C GLN B 345 18.14 -21.37 56.55
N ASP B 346 19.48 -21.40 56.53
CA ASP B 346 20.23 -22.40 57.30
C ASP B 346 21.35 -21.74 58.08
N PRO B 347 21.19 -21.51 59.40
CA PRO B 347 22.19 -20.79 60.20
C PRO B 347 23.47 -21.54 60.56
N ALA B 348 23.54 -22.84 60.26
CA ALA B 348 24.77 -23.61 60.43
C ALA B 348 25.97 -22.92 59.79
N TRP B 349 25.76 -22.22 58.66
CA TRP B 349 26.86 -21.55 57.98
C TRP B 349 27.53 -20.52 58.90
N LEU B 350 26.75 -20.01 59.87
CA LEU B 350 27.26 -19.04 60.82
C LEU B 350 28.02 -19.77 61.92
N GLY B 351 27.71 -21.07 62.07
CA GLY B 351 28.22 -21.89 63.15
C GLY B 351 29.60 -22.49 62.84
N ASP B 352 30.15 -23.11 63.87
CA ASP B 352 31.51 -23.64 63.86
C ASP B 352 31.51 -25.16 64.02
N ASP B 353 30.35 -25.83 63.92
CA ASP B 353 30.36 -27.31 64.03
C ASP B 353 30.93 -27.93 62.75
N GLU B 354 31.97 -28.74 62.89
CA GLU B 354 32.66 -29.35 61.78
C GLU B 354 31.79 -30.41 61.08
N ALA B 355 31.08 -31.22 61.88
CA ALA B 355 30.35 -32.35 61.35
C ALA B 355 29.24 -31.87 60.42
N ALA B 356 28.53 -30.83 60.84
CA ALA B 356 27.44 -30.26 60.09
C ALA B 356 27.96 -29.64 58.80
N LEU B 357 29.07 -28.90 58.94
CA LEU B 357 29.65 -28.19 57.81
C LEU B 357 30.11 -29.22 56.77
N ARG B 358 30.78 -30.29 57.24
CA ARG B 358 31.32 -31.29 56.35
C ARG B 358 30.20 -31.96 55.55
N GLN B 359 29.07 -32.22 56.19
CA GLN B 359 27.94 -32.84 55.52
C GLN B 359 27.51 -32.01 54.29
N ARG B 360 27.38 -30.68 54.50
CA ARG B 360 26.88 -29.81 53.47
C ARG B 360 27.90 -29.68 52.33
N VAL B 361 29.19 -29.60 52.68
CA VAL B 361 30.26 -29.59 51.71
C VAL B 361 30.23 -30.91 50.91
N GLU B 362 30.09 -32.04 51.60
CA GLU B 362 30.12 -33.35 50.97
C GLU B 362 28.97 -33.50 49.96
N ALA B 363 27.78 -32.98 50.33
CA ALA B 363 26.64 -32.94 49.41
C ALA B 363 27.04 -32.34 48.06
N VAL B 364 27.83 -31.26 48.09
CA VAL B 364 28.14 -30.52 46.88
C VAL B 364 29.34 -31.15 46.16
N VAL B 365 30.41 -31.51 46.89
CA VAL B 365 31.69 -31.84 46.25
C VAL B 365 32.07 -33.30 46.45
N GLY B 366 31.27 -34.07 47.20
CA GLY B 366 31.59 -35.47 47.44
C GLY B 366 32.98 -35.66 48.06
N PRO B 367 33.86 -36.53 47.46
CA PRO B 367 35.03 -37.07 48.15
C PRO B 367 36.19 -36.12 48.46
N ALA B 368 36.35 -35.05 47.67
CA ALA B 368 37.46 -34.15 47.92
C ALA B 368 37.06 -33.06 48.92
N ALA B 369 36.05 -33.33 49.75
CA ALA B 369 35.59 -32.39 50.76
C ALA B 369 36.74 -32.02 51.71
N GLY B 370 37.44 -33.05 52.20
CA GLY B 370 38.54 -32.87 53.15
C GLY B 370 39.59 -31.89 52.62
N ARG B 371 40.08 -32.12 51.40
CA ARG B 371 41.11 -31.28 50.83
C ARG B 371 40.59 -29.85 50.67
N LEU B 372 39.35 -29.72 50.20
CA LEU B 372 38.81 -28.35 49.93
C LEU B 372 38.63 -27.62 51.26
N ILE B 373 38.15 -28.32 52.29
CA ILE B 373 37.88 -27.67 53.59
C ILE B 373 39.20 -27.14 54.16
N GLU B 374 40.28 -27.93 54.03
CA GLU B 374 41.60 -27.51 54.59
C GLU B 374 42.06 -26.23 53.90
N PHE B 375 41.87 -26.14 52.58
CA PHE B 375 42.28 -24.94 51.81
C PHE B 375 41.46 -23.77 52.28
N TYR B 376 40.14 -23.93 52.40
CA TYR B 376 39.26 -22.79 52.74
C TYR B 376 39.36 -22.44 54.23
N ARG B 377 39.61 -23.43 55.10
CA ARG B 377 39.60 -23.15 56.56
C ARG B 377 40.72 -22.14 56.88
N SER B 378 41.88 -22.32 56.25
CA SER B 378 43.01 -21.38 56.46
C SER B 378 42.61 -20.00 55.95
N ARG B 379 41.89 -19.97 54.83
CA ARG B 379 41.60 -18.66 54.17
C ARG B 379 40.44 -17.87 54.75
N GLY B 380 40.42 -16.57 54.49
CA GLY B 380 39.35 -15.67 54.85
C GLY B 380 39.40 -15.28 56.32
N GLU B 381 38.27 -14.74 56.79
CA GLU B 381 38.14 -14.30 58.16
C GLU B 381 36.80 -14.77 58.70
N GLY B 382 36.67 -14.80 60.04
CA GLY B 382 35.47 -15.23 60.72
C GLY B 382 35.51 -16.71 61.09
N SER B 383 34.34 -17.20 61.53
CA SER B 383 34.11 -18.60 61.88
C SER B 383 34.43 -19.50 60.69
N LEU B 384 34.68 -20.78 60.96
CA LEU B 384 34.90 -21.78 59.92
C LEU B 384 33.74 -21.82 58.92
N GLY B 385 32.49 -21.69 59.39
CA GLY B 385 31.34 -21.70 58.50
C GLY B 385 31.40 -20.53 57.51
N ARG B 386 31.72 -19.34 58.06
CA ARG B 386 31.94 -18.16 57.25
C ARG B 386 33.08 -18.43 56.25
N ARG B 387 34.08 -19.19 56.67
CA ARG B 387 35.25 -19.43 55.79
C ARG B 387 34.92 -20.52 54.77
N LEU B 388 33.89 -21.31 55.04
CA LEU B 388 33.50 -22.42 54.11
C LEU B 388 32.43 -21.95 53.12
N LEU B 389 31.79 -20.81 53.39
CA LEU B 389 30.75 -20.33 52.48
C LEU B 389 31.33 -20.05 51.08
N PRO B 390 32.53 -19.45 50.95
CA PRO B 390 33.19 -19.33 49.64
C PRO B 390 33.33 -20.63 48.87
N LEU B 391 33.58 -21.73 49.61
CA LEU B 391 33.71 -23.03 48.98
C LEU B 391 32.38 -23.39 48.28
N MET B 392 31.26 -23.14 48.97
CA MET B 392 29.95 -23.40 48.40
C MET B 392 29.68 -22.43 47.24
N SER B 393 30.05 -21.17 47.41
CA SER B 393 29.88 -20.19 46.34
C SER B 393 30.59 -20.67 45.08
N TYR B 394 31.81 -21.20 45.24
CA TYR B 394 32.62 -21.58 44.10
C TYR B 394 31.99 -22.81 43.41
N ALA B 395 31.61 -23.80 44.20
CA ALA B 395 31.11 -25.05 43.66
C ALA B 395 29.82 -24.80 42.90
N VAL B 396 28.93 -23.99 43.48
CA VAL B 396 27.60 -23.83 42.92
C VAL B 396 27.60 -22.79 41.79
N PHE B 397 28.39 -21.72 41.89
CA PHE B 397 28.26 -20.59 40.99
C PHE B 397 29.56 -20.30 40.23
N VAL B 398 30.66 -20.11 40.95
CA VAL B 398 31.85 -19.53 40.33
C VAL B 398 32.42 -20.52 39.29
N ARG B 399 32.45 -21.80 39.64
CA ARG B 399 33.06 -22.78 38.77
C ARG B 399 32.34 -22.81 37.43
N GLY B 400 31.02 -22.82 37.46
CA GLY B 400 30.24 -22.76 36.22
C GLY B 400 30.50 -21.48 35.42
N MET B 401 30.56 -20.34 36.09
CA MET B 401 30.84 -19.09 35.43
C MET B 401 32.15 -19.21 34.65
N LEU B 402 33.20 -19.66 35.33
CA LEU B 402 34.52 -19.71 34.73
C LEU B 402 34.58 -20.72 33.58
N ALA B 403 33.92 -21.88 33.74
CA ALA B 403 33.88 -22.87 32.68
C ALA B 403 33.16 -22.31 31.45
N THR B 404 32.06 -21.56 31.66
CA THR B 404 31.34 -20.90 30.58
C THR B 404 32.27 -19.90 29.87
N ALA B 405 32.98 -19.10 30.68
CA ALA B 405 33.83 -18.06 30.10
C ALA B 405 34.98 -18.69 29.31
N ASP B 406 35.55 -19.75 29.88
CA ASP B 406 36.69 -20.43 29.31
C ASP B 406 36.32 -21.09 28.00
N ALA B 407 35.16 -21.77 27.97
CA ALA B 407 34.73 -22.48 26.77
C ALA B 407 34.57 -21.50 25.62
N GLN B 408 33.91 -20.36 25.88
CA GLN B 408 33.64 -19.41 24.81
C GLN B 408 34.95 -18.78 24.31
N ALA B 409 35.88 -18.49 25.24
CA ALA B 409 37.17 -17.90 24.90
C ALA B 409 37.94 -18.85 23.99
N ARG B 410 37.94 -20.15 24.34
CA ARG B 410 38.65 -21.17 23.59
C ARG B 410 38.09 -21.29 22.18
N VAL B 411 36.74 -21.27 22.04
CA VAL B 411 36.11 -21.40 20.74
C VAL B 411 36.22 -20.09 19.95
N GLY B 412 36.55 -18.98 20.62
CA GLY B 412 36.78 -17.73 19.93
C GLY B 412 35.53 -16.85 19.90
N ALA B 413 34.48 -17.26 20.59
CA ALA B 413 33.31 -16.42 20.78
C ALA B 413 33.70 -15.24 21.69
N PRO B 414 33.20 -14.02 21.47
CA PRO B 414 33.50 -12.90 22.38
C PRO B 414 32.89 -13.15 23.77
N VAL B 415 33.69 -12.96 24.84
CA VAL B 415 33.25 -13.18 26.20
C VAL B 415 33.81 -12.10 27.13
N TRP B 416 32.93 -11.62 28.04
CA TRP B 416 33.31 -10.72 29.13
C TRP B 416 32.83 -11.30 30.46
N ALA B 417 33.60 -11.04 31.52
CA ALA B 417 33.37 -11.63 32.84
C ALA B 417 33.32 -10.52 33.90
N TYR B 418 32.47 -10.69 34.92
CA TYR B 418 32.31 -9.69 35.96
C TYR B 418 32.16 -10.32 37.33
N ARG B 419 32.45 -9.54 38.37
CA ARG B 419 32.14 -9.86 39.76
C ARG B 419 31.50 -8.64 40.40
N PHE B 420 30.35 -8.85 41.04
CA PHE B 420 29.61 -7.79 41.71
C PHE B 420 29.99 -7.78 43.19
N ASP B 421 30.47 -6.62 43.70
CA ASP B 421 31.08 -6.54 45.02
C ASP B 421 30.28 -5.69 45.99
N PHE B 422 29.17 -5.07 45.56
CA PHE B 422 28.41 -4.18 46.43
C PHE B 422 27.80 -5.04 47.54
N GLU B 423 27.95 -4.59 48.79
CA GLU B 423 27.51 -5.36 49.93
C GLU B 423 26.26 -4.76 50.54
N THR B 424 25.32 -5.62 50.94
CA THR B 424 24.15 -5.15 51.66
C THR B 424 24.56 -5.01 53.13
N PRO B 425 24.10 -3.94 53.80
CA PRO B 425 24.35 -3.78 55.23
C PRO B 425 23.42 -4.56 56.14
N VAL B 426 22.39 -5.22 55.58
CA VAL B 426 21.35 -5.81 56.41
C VAL B 426 21.90 -6.97 57.25
N LEU B 427 21.36 -7.14 58.46
CA LEU B 427 21.83 -8.15 59.42
C LEU B 427 23.34 -8.04 59.68
N GLY B 428 23.82 -6.83 59.89
CA GLY B 428 25.19 -6.61 60.34
C GLY B 428 26.22 -6.83 59.24
N GLY B 429 25.78 -6.84 57.98
CA GLY B 429 26.67 -6.90 56.83
C GLY B 429 27.11 -8.33 56.52
N VAL B 430 26.45 -9.32 57.13
CA VAL B 430 26.92 -10.70 57.04
C VAL B 430 26.65 -11.28 55.65
N LEU B 431 25.60 -10.79 54.97
CA LEU B 431 25.26 -11.30 53.65
C LEU B 431 26.26 -10.86 52.60
N GLY B 432 26.79 -9.63 52.76
CA GLY B 432 27.76 -9.11 51.83
C GLY B 432 27.14 -8.94 50.46
N ALA B 433 27.92 -9.25 49.41
CA ALA B 433 27.38 -9.27 48.04
C ALA B 433 26.75 -10.64 47.75
N CYS B 434 25.60 -10.91 48.33
CA CYS B 434 24.98 -12.22 48.26
C CYS B 434 24.26 -12.39 46.92
N HIS B 435 23.87 -13.65 46.68
CA HIS B 435 23.05 -14.04 45.56
C HIS B 435 21.84 -13.12 45.46
N ALA B 436 21.57 -12.63 44.23
CA ALA B 436 20.34 -11.93 43.86
C ALA B 436 20.40 -10.42 44.12
N LEU B 437 21.47 -9.93 44.78
CA LEU B 437 21.54 -8.51 45.16
C LEU B 437 21.66 -7.62 43.92
N GLU B 438 22.32 -8.11 42.86
CA GLU B 438 22.63 -7.34 41.66
C GLU B 438 21.38 -6.94 40.86
N ILE B 439 20.27 -7.65 41.05
CA ILE B 439 19.15 -7.54 40.12
C ILE B 439 18.62 -6.10 40.02
N PRO B 440 18.33 -5.39 41.15
CA PRO B 440 17.84 -4.02 41.06
C PRO B 440 18.86 -3.06 40.43
N PHE B 441 20.14 -3.35 40.59
CA PHE B 441 21.22 -2.53 40.01
C PHE B 441 21.17 -2.62 38.50
N VAL B 442 21.08 -3.86 37.98
CA VAL B 442 21.07 -4.08 36.54
C VAL B 442 19.80 -3.47 35.92
N PHE B 443 18.63 -3.66 36.54
CA PHE B 443 17.37 -3.14 36.02
C PHE B 443 17.13 -1.67 36.37
N ASN B 444 17.97 -1.11 37.26
CA ASN B 444 17.76 0.23 37.80
C ASN B 444 16.36 0.31 38.39
N THR B 445 16.02 -0.66 39.26
CA THR B 445 14.78 -0.74 40.01
C THR B 445 15.11 -0.65 41.50
N LEU B 446 16.27 -0.04 41.83
CA LEU B 446 16.62 0.33 43.20
C LEU B 446 15.52 1.18 43.85
N ASP B 447 14.89 2.05 43.05
CA ASP B 447 13.86 2.96 43.51
C ASP B 447 12.53 2.24 43.71
N ARG B 448 12.37 1.08 43.05
CA ARG B 448 11.11 0.36 43.13
C ARG B 448 10.93 -0.16 44.55
N ALA B 449 9.66 -0.38 44.90
CA ALA B 449 9.26 -0.55 46.29
C ALA B 449 9.88 -1.80 46.92
N GLY B 450 10.46 -1.61 48.10
CA GLY B 450 10.93 -2.73 48.92
C GLY B 450 12.43 -2.99 48.72
N ALA B 451 13.03 -2.37 47.69
CA ALA B 451 14.42 -2.59 47.36
C ALA B 451 15.36 -2.14 48.48
N ASP B 452 15.06 -0.98 49.08
CA ASP B 452 15.92 -0.32 50.05
C ASP B 452 16.14 -1.19 51.28
N ARG B 453 15.14 -2.00 51.63
CA ARG B 453 15.28 -2.99 52.69
C ARG B 453 16.41 -4.00 52.39
N PHE B 454 16.56 -4.37 51.11
CA PHE B 454 17.58 -5.33 50.70
C PHE B 454 18.91 -4.61 50.48
N THR B 455 18.87 -3.43 49.85
CA THR B 455 20.08 -2.82 49.35
C THR B 455 20.73 -1.94 50.42
N GLY B 456 19.92 -1.42 51.36
CA GLY B 456 20.36 -0.34 52.23
C GLY B 456 20.32 1.00 51.50
N THR B 457 20.77 2.07 52.17
CA THR B 457 20.44 3.44 51.78
C THR B 457 21.69 4.24 51.41
N ALA B 458 22.81 3.58 51.12
CA ALA B 458 24.01 4.30 50.74
C ALA B 458 23.81 5.04 49.40
N PRO B 459 24.28 6.30 49.29
CA PRO B 459 24.20 7.06 48.05
C PRO B 459 24.99 6.49 46.87
N GLU B 460 26.06 5.77 47.20
CA GLU B 460 26.97 5.23 46.21
C GLU B 460 26.30 4.18 45.34
N ARG B 461 25.17 3.61 45.79
CA ARG B 461 24.52 2.53 45.07
C ARG B 461 24.15 2.95 43.66
N TYR B 462 23.74 4.24 43.51
CA TYR B 462 23.24 4.79 42.25
C TYR B 462 24.31 4.69 41.17
N ALA B 463 25.55 5.05 41.50
CA ALA B 463 26.65 4.98 40.55
C ALA B 463 26.98 3.53 40.18
N VAL B 464 26.91 2.60 41.14
CA VAL B 464 27.25 1.22 40.85
C VAL B 464 26.17 0.64 39.92
N ALA B 465 24.91 0.94 40.19
CA ALA B 465 23.80 0.53 39.33
C ALA B 465 23.99 1.05 37.91
N GLN B 466 24.42 2.32 37.78
CA GLN B 466 24.61 2.93 36.48
C GLN B 466 25.68 2.19 35.70
N ALA B 467 26.82 1.89 36.35
CA ALA B 467 27.88 1.14 35.71
C ALA B 467 27.40 -0.21 35.17
N MET B 468 26.57 -0.90 35.94
CA MET B 468 26.06 -2.20 35.52
C MET B 468 24.95 -2.07 34.47
N HIS B 469 23.98 -1.21 34.77
CA HIS B 469 22.81 -0.96 33.92
C HIS B 469 23.28 -0.60 32.52
N ARG B 470 24.22 0.35 32.43
CA ARG B 470 24.60 0.89 31.13
C ARG B 470 25.44 -0.14 30.38
N ALA B 471 26.19 -0.98 31.12
CA ALA B 471 27.04 -1.98 30.50
C ALA B 471 26.19 -3.07 29.88
N TRP B 472 25.12 -3.46 30.57
CA TRP B 472 24.18 -4.45 30.04
C TRP B 472 23.55 -3.88 28.77
N ILE B 473 23.17 -2.60 28.81
CA ILE B 473 22.59 -1.94 27.65
C ILE B 473 23.60 -2.00 26.52
N ALA B 474 24.85 -1.60 26.80
CA ALA B 474 25.86 -1.47 25.76
C ALA B 474 26.12 -2.83 25.12
N PHE B 475 26.14 -3.88 25.94
CA PHE B 475 26.42 -5.21 25.43
C PHE B 475 25.29 -5.71 24.54
N ALA B 476 24.04 -5.41 24.91
CA ALA B 476 22.89 -5.81 24.11
C ALA B 476 22.89 -5.09 22.77
N ARG B 477 23.32 -3.83 22.81
CA ARG B 477 23.26 -2.93 21.66
C ARG B 477 24.42 -3.20 20.72
N GLU B 478 25.63 -3.39 21.25
CA GLU B 478 26.85 -3.36 20.43
C GLU B 478 27.67 -4.63 20.61
N GLY B 479 27.25 -5.54 21.49
CA GLY B 479 28.05 -6.73 21.80
C GLY B 479 29.36 -6.40 22.53
N ASN B 480 29.46 -5.18 23.07
CA ASN B 480 30.57 -4.76 23.88
C ASN B 480 30.02 -4.03 25.11
N PRO B 481 30.38 -4.48 26.33
CA PRO B 481 29.86 -3.85 27.54
C PRO B 481 30.39 -2.45 27.89
N GLN B 482 31.46 -2.00 27.24
CA GLN B 482 32.12 -0.72 27.58
C GLN B 482 31.17 0.49 27.49
N HIS B 483 31.23 1.38 28.50
CA HIS B 483 30.60 2.71 28.47
C HIS B 483 31.46 3.70 29.29
N ASP B 484 31.12 5.00 29.28
CA ASP B 484 31.99 6.03 29.84
C ASP B 484 32.13 5.89 31.37
N GLY B 485 31.02 5.53 32.03
CA GLY B 485 31.02 5.23 33.45
C GLY B 485 32.07 4.19 33.87
N LEU B 486 32.33 3.21 33.03
CA LEU B 486 33.24 2.12 33.43
C LEU B 486 34.67 2.43 33.06
N PRO B 487 35.69 1.89 33.78
CA PRO B 487 37.06 1.87 33.28
C PRO B 487 37.15 0.83 32.16
N GLU B 488 38.30 0.80 31.51
CA GLU B 488 38.55 -0.07 30.37
C GLU B 488 38.34 -1.53 30.76
N TRP B 489 37.51 -2.24 29.99
CA TRP B 489 37.17 -3.60 30.31
C TRP B 489 37.65 -4.54 29.21
N PRO B 490 38.76 -5.28 29.38
CA PRO B 490 39.22 -6.22 28.36
C PRO B 490 38.31 -7.44 28.30
N ARG B 491 38.22 -7.99 27.10
CA ARG B 491 37.57 -9.27 26.88
C ARG B 491 38.21 -10.32 27.79
N TYR B 492 37.40 -11.26 28.28
CA TYR B 492 37.92 -12.35 29.07
C TYR B 492 38.71 -13.28 28.15
N ASP B 493 39.88 -13.72 28.59
CA ASP B 493 40.67 -14.68 27.82
C ASP B 493 41.37 -15.63 28.78
N LEU B 494 41.91 -16.75 28.28
CA LEU B 494 42.52 -17.77 29.12
C LEU B 494 43.78 -17.29 29.81
N GLU B 495 44.61 -16.49 29.12
CA GLU B 495 45.87 -16.07 29.71
C GLU B 495 45.61 -15.05 30.83
N GLU B 496 44.84 -14.00 30.54
CA GLU B 496 44.71 -12.85 31.42
C GLU B 496 43.50 -12.97 32.35
N ARG B 497 42.39 -13.56 31.86
CA ARG B 497 41.21 -13.82 32.67
C ARG B 497 40.72 -12.54 33.32
N ALA B 498 40.59 -11.49 32.51
CA ALA B 498 40.17 -10.17 33.03
C ALA B 498 38.71 -10.21 33.51
N VAL B 499 38.49 -9.76 34.76
CA VAL B 499 37.11 -9.76 35.33
C VAL B 499 36.79 -8.33 35.81
N MET B 500 35.76 -7.72 35.25
CA MET B 500 35.32 -6.39 35.74
C MET B 500 34.83 -6.54 37.18
N VAL B 501 35.16 -5.61 38.06
CA VAL B 501 34.60 -5.69 39.44
C VAL B 501 33.63 -4.52 39.64
N PHE B 502 32.40 -4.81 40.02
CA PHE B 502 31.37 -3.75 40.19
C PHE B 502 31.35 -3.36 41.66
N ALA B 503 31.76 -2.13 41.95
CA ALA B 503 31.91 -1.67 43.33
C ALA B 503 31.70 -0.16 43.32
N VAL B 504 31.73 0.47 44.52
CA VAL B 504 31.69 1.92 44.59
C VAL B 504 32.78 2.49 43.68
N GLU B 505 33.97 1.87 43.66
CA GLU B 505 34.95 2.17 42.64
C GLU B 505 35.07 0.93 41.74
N PRO B 506 34.51 0.96 40.50
CA PRO B 506 34.67 -0.15 39.58
C PRO B 506 36.14 -0.28 39.18
N ARG B 507 36.62 -1.50 39.06
CA ARG B 507 38.02 -1.80 38.81
C ARG B 507 38.09 -3.15 38.11
N VAL B 508 39.19 -3.39 37.38
CA VAL B 508 39.45 -4.67 36.75
C VAL B 508 40.38 -5.48 37.63
N GLU B 509 40.01 -6.76 37.86
CA GLU B 509 40.94 -7.74 38.41
C GLU B 509 41.18 -8.86 37.40
N ARG B 510 42.43 -9.27 37.31
CA ARG B 510 42.86 -10.29 36.35
C ARG B 510 43.13 -11.59 37.09
N ASP B 511 42.47 -12.68 36.64
CA ASP B 511 42.58 -14.01 37.25
C ASP B 511 42.34 -13.93 38.75
N PRO B 512 41.22 -13.35 39.21
CA PRO B 512 40.97 -13.21 40.63
C PRO B 512 40.77 -14.54 41.36
N TRP B 513 40.32 -15.59 40.66
CA TRP B 513 40.02 -16.85 41.33
C TRP B 513 41.15 -17.86 41.11
N ARG B 514 42.33 -17.39 40.74
CA ARG B 514 43.42 -18.25 40.29
C ARG B 514 43.75 -19.34 41.31
N ALA B 515 43.94 -18.93 42.56
CA ALA B 515 44.27 -19.89 43.61
C ALA B 515 43.19 -20.96 43.68
N GLU B 516 41.92 -20.54 43.66
CA GLU B 516 40.83 -21.50 43.78
C GLU B 516 40.80 -22.42 42.56
N ARG B 517 40.96 -21.85 41.35
CA ARG B 517 40.83 -22.66 40.14
C ARG B 517 41.81 -23.81 40.17
N GLU B 518 43.04 -23.51 40.62
CA GLU B 518 44.12 -24.49 40.61
C GLU B 518 43.78 -25.62 41.59
N VAL B 519 43.38 -25.23 42.80
CA VAL B 519 43.16 -26.19 43.88
C VAL B 519 41.98 -27.10 43.52
N TRP B 520 40.93 -26.52 42.95
CA TRP B 520 39.78 -27.31 42.57
C TRP B 520 40.12 -28.30 41.47
N ALA B 521 41.00 -27.90 40.56
CA ALA B 521 41.39 -28.75 39.44
C ALA B 521 42.30 -29.83 39.94
N ALA B 522 43.12 -29.51 40.96
CA ALA B 522 43.96 -30.50 41.62
C ALA B 522 43.09 -31.53 42.36
N ALA B 523 41.96 -31.09 42.92
CA ALA B 523 41.09 -31.96 43.67
C ALA B 523 40.36 -32.95 42.75
N GLY B 524 40.25 -32.62 41.46
CA GLY B 524 39.49 -33.44 40.53
C GLY B 524 38.04 -32.96 40.44
N VAL B 525 37.69 -31.98 41.31
CA VAL B 525 36.34 -31.41 41.40
C VAL B 525 36.31 -30.10 40.60
N GLY B 526 37.35 -29.92 39.80
CA GLY B 526 37.40 -28.78 38.91
C GLY B 526 37.88 -29.18 37.54
N LEU C 30 4.19 0.32 -4.74
CA LEU C 30 3.47 -0.80 -5.41
C LEU C 30 2.45 -0.21 -6.36
N HIS C 31 2.46 -0.68 -7.61
CA HIS C 31 1.61 -0.10 -8.63
C HIS C 31 0.88 -1.20 -9.38
N ASP C 32 -0.35 -0.87 -9.81
CA ASP C 32 -1.24 -1.79 -10.50
C ASP C 32 -0.69 -2.16 -11.88
N VAL C 33 -0.80 -3.44 -12.27
CA VAL C 33 -0.48 -3.89 -13.62
C VAL C 33 -1.67 -4.69 -14.16
N ILE C 34 -2.19 -4.27 -15.32
CA ILE C 34 -3.44 -4.78 -15.87
C ILE C 34 -3.13 -5.59 -17.13
N VAL C 35 -3.63 -6.83 -17.18
CA VAL C 35 -3.42 -7.73 -18.32
C VAL C 35 -4.78 -8.23 -18.78
N GLU C 36 -4.91 -8.59 -20.06
CA GLU C 36 -6.16 -9.06 -20.61
C GLU C 36 -6.08 -10.55 -20.90
N THR C 37 -6.95 -11.33 -20.24
CA THR C 37 -7.08 -12.75 -20.52
C THR C 37 -8.13 -12.88 -21.62
N ARG C 38 -8.27 -14.09 -22.15
CA ARG C 38 -9.33 -14.38 -23.11
C ARG C 38 -10.71 -14.12 -22.48
N TYR C 39 -10.82 -14.24 -21.16
CA TYR C 39 -12.10 -14.06 -20.48
C TYR C 39 -12.30 -12.60 -20.06
N GLY C 40 -11.22 -11.84 -19.88
CA GLY C 40 -11.37 -10.46 -19.45
C GLY C 40 -10.07 -9.88 -18.89
N ALA C 41 -10.11 -8.58 -18.56
CA ALA C 41 -8.96 -7.85 -18.05
C ALA C 41 -8.85 -8.09 -16.56
N VAL C 42 -7.62 -8.15 -16.05
CA VAL C 42 -7.38 -8.41 -14.61
C VAL C 42 -6.39 -7.37 -14.09
N ARG C 43 -6.54 -6.95 -12.83
CA ARG C 43 -5.62 -5.93 -12.25
C ARG C 43 -4.74 -6.58 -11.19
N GLY C 44 -3.42 -6.49 -11.35
CA GLY C 44 -2.48 -7.07 -10.39
C GLY C 44 -1.59 -5.99 -9.82
N ARG C 45 -0.48 -6.38 -9.19
CA ARG C 45 0.37 -5.39 -8.53
C ARG C 45 1.82 -5.68 -8.89
N SER C 46 2.67 -4.64 -8.89
CA SER C 46 4.08 -4.71 -9.22
C SER C 46 4.88 -3.78 -8.32
N ASP C 47 6.05 -4.27 -7.89
CA ASP C 47 7.05 -3.44 -7.23
C ASP C 47 8.02 -2.92 -8.29
N GLY C 48 7.81 -3.31 -9.54
CA GLY C 48 8.71 -2.94 -10.62
C GLY C 48 9.74 -4.02 -10.94
N THR C 49 9.97 -4.95 -10.01
CA THR C 49 10.85 -6.08 -10.23
C THR C 49 10.00 -7.28 -10.63
N VAL C 50 8.84 -7.45 -9.96
CA VAL C 50 8.01 -8.62 -10.12
C VAL C 50 6.56 -8.14 -10.08
N CYS C 51 5.68 -8.90 -10.74
CA CYS C 51 4.25 -8.70 -10.71
C CYS C 51 3.53 -9.91 -10.11
N VAL C 52 2.36 -9.68 -9.45
CA VAL C 52 1.54 -10.75 -8.94
C VAL C 52 0.07 -10.50 -9.27
N TRP C 53 -0.63 -11.56 -9.70
CA TRP C 53 -2.07 -11.56 -9.90
C TRP C 53 -2.67 -12.71 -9.09
N LYS C 54 -3.67 -12.39 -8.28
CA LYS C 54 -4.25 -13.34 -7.36
C LYS C 54 -5.72 -13.52 -7.70
N GLY C 55 -6.21 -14.74 -7.49
CA GLY C 55 -7.64 -14.99 -7.52
C GLY C 55 -8.24 -14.96 -8.93
N VAL C 56 -7.42 -15.29 -9.94
CA VAL C 56 -7.86 -15.33 -11.31
C VAL C 56 -8.63 -16.62 -11.54
N PRO C 57 -9.88 -16.58 -12.06
CA PRO C 57 -10.67 -17.79 -12.28
C PRO C 57 -10.33 -18.52 -13.57
N PHE C 58 -10.08 -19.84 -13.47
CA PHE C 58 -9.71 -20.65 -14.63
C PHE C 58 -10.86 -21.59 -14.98
N ALA C 59 -11.95 -21.54 -14.20
CA ALA C 59 -13.10 -22.39 -14.45
C ALA C 59 -14.37 -21.72 -13.97
N ARG C 60 -15.49 -22.15 -14.50
CA ARG C 60 -16.78 -21.74 -14.00
C ARG C 60 -16.98 -22.31 -12.61
N PRO C 61 -17.59 -21.54 -11.66
CA PRO C 61 -17.69 -21.99 -10.28
C PRO C 61 -18.41 -23.33 -10.19
N PRO C 62 -17.82 -24.35 -9.51
CA PRO C 62 -18.40 -25.69 -9.47
C PRO C 62 -19.45 -25.81 -8.36
N VAL C 63 -20.56 -25.10 -8.54
CA VAL C 63 -21.60 -24.98 -7.54
C VAL C 63 -22.94 -25.26 -8.17
N GLY C 64 -23.88 -25.71 -7.32
CA GLY C 64 -25.23 -26.03 -7.75
C GLY C 64 -25.21 -27.16 -8.77
N PRO C 65 -25.73 -26.92 -10.00
CA PRO C 65 -25.68 -27.91 -11.07
C PRO C 65 -24.26 -28.32 -11.47
N LEU C 66 -23.30 -27.39 -11.31
CA LEU C 66 -21.92 -27.63 -11.69
C LEU C 66 -21.18 -28.47 -10.64
N ARG C 67 -21.74 -28.56 -9.42
CA ARG C 67 -21.17 -29.43 -8.41
C ARG C 67 -21.17 -30.87 -8.93
N PHE C 68 -20.07 -31.58 -8.61
CA PHE C 68 -19.86 -32.97 -9.00
C PHE C 68 -19.78 -33.10 -10.52
N ARG C 69 -19.46 -32.00 -11.21
CA ARG C 69 -19.36 -32.05 -12.67
C ARG C 69 -17.98 -31.55 -13.11
N PRO C 70 -17.45 -32.00 -14.27
CA PRO C 70 -16.14 -31.52 -14.74
C PRO C 70 -16.08 -30.01 -14.92
N PRO C 71 -14.86 -29.43 -14.79
CA PRO C 71 -14.67 -27.98 -14.85
C PRO C 71 -14.96 -27.46 -16.25
N GLU C 72 -15.58 -26.28 -16.32
CA GLU C 72 -15.97 -25.66 -17.57
C GLU C 72 -15.27 -24.30 -17.65
N PRO C 73 -15.02 -23.77 -18.85
CA PRO C 73 -14.36 -22.48 -18.99
C PRO C 73 -15.11 -21.40 -18.23
N PRO C 74 -14.40 -20.41 -17.66
CA PRO C 74 -15.04 -19.33 -16.94
C PRO C 74 -15.86 -18.42 -17.85
N GLU C 75 -16.88 -17.79 -17.28
CA GLU C 75 -17.67 -16.80 -17.98
C GLU C 75 -16.82 -15.56 -18.26
N PRO C 76 -16.90 -15.00 -19.50
CA PRO C 76 -16.24 -13.72 -19.78
C PRO C 76 -16.80 -12.57 -18.93
N TRP C 77 -15.96 -11.57 -18.68
CA TRP C 77 -16.41 -10.43 -17.85
C TRP C 77 -16.05 -9.08 -18.48
N SER C 78 -17.00 -8.14 -18.47
CA SER C 78 -16.72 -6.77 -18.92
C SER C 78 -15.87 -6.04 -17.86
N GLY C 79 -15.07 -5.06 -18.26
CA GLY C 79 -14.33 -4.26 -17.26
C GLY C 79 -13.06 -4.90 -16.76
N VAL C 80 -12.47 -4.31 -15.72
CA VAL C 80 -11.20 -4.83 -15.15
C VAL C 80 -11.55 -5.57 -13.85
N ARG C 81 -11.07 -6.80 -13.71
CA ARG C 81 -11.42 -7.62 -12.52
C ARG C 81 -10.26 -7.55 -11.54
N ASP C 82 -10.57 -7.24 -10.28
CA ASP C 82 -9.47 -7.09 -9.29
C ASP C 82 -8.78 -8.44 -9.13
N ALA C 83 -7.45 -8.41 -9.09
CA ALA C 83 -6.67 -9.66 -8.86
C ALA C 83 -5.65 -9.33 -7.77
N THR C 84 -6.07 -8.48 -6.83
CA THR C 84 -5.18 -8.09 -5.74
C THR C 84 -5.33 -9.03 -4.54
N ARG C 85 -6.44 -9.77 -4.47
CA ARG C 85 -6.76 -10.63 -3.33
C ARG C 85 -6.94 -12.09 -3.76
N PHE C 86 -6.52 -13.01 -2.88
CA PHE C 86 -6.57 -14.43 -3.17
C PHE C 86 -8.03 -14.86 -3.21
N GLY C 87 -8.34 -15.82 -4.09
CA GLY C 87 -9.66 -16.42 -4.09
C GLY C 87 -9.84 -17.34 -2.89
N PRO C 88 -11.09 -17.70 -2.57
CA PRO C 88 -11.38 -18.66 -1.49
C PRO C 88 -10.80 -20.05 -1.72
N ALA C 89 -10.41 -20.72 -0.62
CA ALA C 89 -9.96 -22.10 -0.69
C ALA C 89 -11.15 -23.06 -0.81
N SER C 90 -10.86 -24.26 -1.32
CA SER C 90 -11.82 -25.35 -1.38
C SER C 90 -12.26 -25.75 0.03
N VAL C 91 -13.52 -26.13 0.15
CA VAL C 91 -14.07 -26.48 1.44
C VAL C 91 -13.34 -27.70 1.97
N GLN C 92 -12.84 -27.60 3.22
CA GLN C 92 -11.93 -28.61 3.73
C GLN C 92 -12.04 -28.75 5.24
N PRO C 93 -11.70 -29.95 5.78
CA PRO C 93 -11.46 -30.10 7.22
C PRO C 93 -10.19 -29.32 7.56
N GLU C 94 -10.17 -28.65 8.72
CA GLU C 94 -8.92 -28.11 9.22
C GLU C 94 -8.00 -29.29 9.59
N ASP C 95 -6.71 -29.16 9.28
CA ASP C 95 -5.71 -30.13 9.70
C ASP C 95 -4.66 -29.37 10.49
N ARG C 96 -4.46 -29.79 11.74
CA ARG C 96 -3.62 -29.04 12.66
C ARG C 96 -2.24 -29.68 12.80
N LEU C 97 -1.90 -30.67 11.97
CA LEU C 97 -0.64 -31.38 12.13
C LEU C 97 0.54 -30.41 12.10
N ILE C 98 0.68 -29.65 11.00
CA ILE C 98 1.70 -28.62 10.91
C ILE C 98 1.11 -27.26 11.30
N SER C 99 -0.18 -27.04 11.03
CA SER C 99 -0.79 -25.74 11.29
C SER C 99 -0.75 -25.36 12.78
N ASN C 100 -1.00 -26.34 13.67
CA ASN C 100 -1.02 -26.07 15.11
C ASN C 100 0.37 -25.67 15.60
N LEU C 101 1.39 -26.40 15.12
CA LEU C 101 2.79 -26.11 15.38
C LEU C 101 3.18 -24.72 14.87
N THR C 102 2.74 -24.38 13.65
CA THR C 102 3.24 -23.19 12.96
C THR C 102 2.38 -22.01 13.29
N GLY C 103 1.15 -22.24 13.80
CA GLY C 103 0.25 -21.17 14.14
C GLY C 103 -0.59 -20.69 12.95
N GLY C 104 -0.62 -21.43 11.84
CA GLY C 104 -1.35 -20.99 10.65
C GLY C 104 -2.82 -20.68 10.94
N ALA C 105 -3.34 -19.63 10.31
CA ALA C 105 -4.74 -19.24 10.45
C ALA C 105 -5.61 -20.03 9.49
N THR C 106 -6.88 -20.22 9.86
CA THR C 106 -7.85 -20.97 9.05
C THR C 106 -7.98 -20.27 7.69
N LEU C 107 -8.09 -21.04 6.61
CA LEU C 107 -8.27 -20.46 5.28
C LEU C 107 -9.75 -20.10 5.11
N PRO C 108 -10.06 -18.92 4.51
CA PRO C 108 -11.43 -18.62 4.09
C PRO C 108 -11.75 -19.59 2.97
N GLN C 109 -12.99 -20.09 2.95
CA GLN C 109 -13.32 -21.24 2.14
C GLN C 109 -14.69 -21.08 1.49
N ASP C 110 -14.76 -21.49 0.23
CA ASP C 110 -16.02 -21.49 -0.49
C ASP C 110 -15.98 -22.59 -1.54
N GLU C 111 -17.16 -23.10 -1.86
CA GLU C 111 -17.25 -24.14 -2.86
C GLU C 111 -16.77 -23.59 -4.21
N ASP C 112 -16.96 -22.27 -4.42
CA ASP C 112 -16.40 -21.62 -5.60
C ASP C 112 -14.95 -21.26 -5.30
N CYS C 113 -14.06 -22.20 -5.64
CA CYS C 113 -12.68 -22.17 -5.19
C CYS C 113 -11.68 -22.24 -6.37
N LEU C 114 -12.18 -22.32 -7.61
CA LEU C 114 -11.27 -22.58 -8.72
C LEU C 114 -10.62 -21.28 -9.20
N TYR C 115 -9.48 -20.95 -8.59
CA TYR C 115 -8.72 -19.75 -8.90
C TYR C 115 -7.26 -20.11 -8.92
N LEU C 116 -6.49 -19.39 -9.73
CA LEU C 116 -5.04 -19.53 -9.75
C LEU C 116 -4.38 -18.16 -9.53
N ASN C 117 -3.10 -18.19 -9.17
CA ASN C 117 -2.35 -17.00 -8.81
C ASN C 117 -1.04 -17.05 -9.57
N ILE C 118 -0.57 -15.88 -10.03
CA ILE C 118 0.50 -15.81 -11.01
C ILE C 118 1.54 -14.81 -10.55
N TRP C 119 2.81 -15.23 -10.55
CA TRP C 119 3.94 -14.35 -10.33
C TRP C 119 4.82 -14.34 -11.57
N SER C 120 5.18 -13.14 -12.05
CA SER C 120 5.97 -12.96 -13.25
C SER C 120 6.85 -11.72 -13.08
N PRO C 121 8.10 -11.74 -13.60
CA PRO C 121 8.90 -10.51 -13.66
C PRO C 121 8.20 -9.40 -14.45
N SER C 122 7.62 -9.77 -15.59
CA SER C 122 6.99 -8.81 -16.49
C SER C 122 5.97 -9.51 -17.39
N PRO C 123 4.85 -8.86 -17.75
CA PRO C 123 3.92 -9.45 -18.72
C PRO C 123 4.55 -9.59 -20.11
N ASP C 124 5.51 -8.71 -20.41
CA ASP C 124 6.37 -8.78 -21.58
C ASP C 124 7.40 -9.88 -21.40
N GLY C 125 7.57 -10.73 -22.42
CA GLY C 125 8.53 -11.86 -22.33
C GLY C 125 7.86 -13.20 -22.43
N ARG C 126 8.60 -14.28 -22.69
CA ARG C 126 8.02 -15.64 -22.82
C ARG C 126 8.83 -16.59 -21.93
N ARG C 127 8.59 -16.43 -20.65
CA ARG C 127 9.37 -17.21 -19.66
C ARG C 127 8.90 -18.66 -19.48
N PRO C 128 9.85 -19.60 -18.97
CA PRO C 128 9.42 -20.95 -18.66
C PRO C 128 8.43 -20.87 -17.51
N VAL C 129 7.40 -21.72 -17.51
CA VAL C 129 6.33 -21.62 -16.47
C VAL C 129 6.45 -22.77 -15.45
N MET C 130 6.30 -22.46 -14.15
CA MET C 130 6.32 -23.48 -13.13
C MET C 130 4.96 -23.51 -12.47
N VAL C 131 4.29 -24.67 -12.50
CA VAL C 131 2.90 -24.74 -12.03
C VAL C 131 2.89 -25.65 -10.81
N TRP C 132 2.39 -25.10 -9.67
CA TRP C 132 2.44 -25.79 -8.43
C TRP C 132 1.09 -26.39 -8.09
N ILE C 133 1.13 -27.68 -7.74
CA ILE C 133 -0.02 -28.41 -7.20
C ILE C 133 0.30 -28.71 -5.73
N HIS C 134 -0.53 -28.14 -4.84
CA HIS C 134 -0.32 -28.27 -3.39
C HIS C 134 -0.66 -29.69 -2.92
N GLY C 135 -0.08 -30.07 -1.78
CA GLY C 135 -0.42 -31.31 -1.10
C GLY C 135 -1.45 -31.04 0.00
N GLY C 136 -1.63 -32.05 0.86
CA GLY C 136 -2.59 -32.03 1.95
C GLY C 136 -3.62 -33.17 1.82
N ALA C 137 -3.19 -34.33 1.28
CA ALA C 137 -3.94 -35.57 1.31
C ALA C 137 -5.23 -35.54 0.48
N TYR C 138 -5.33 -34.63 -0.49
CA TYR C 138 -6.49 -34.50 -1.37
C TYR C 138 -7.67 -33.96 -0.56
N LEU C 139 -7.41 -33.45 0.65
CA LEU C 139 -8.49 -33.02 1.55
C LEU C 139 -8.28 -31.57 1.99
N THR C 140 -7.01 -31.13 2.09
CA THR C 140 -6.71 -29.79 2.57
C THR C 140 -5.69 -29.11 1.66
N GLY C 141 -5.46 -27.81 1.95
CA GLY C 141 -4.46 -26.98 1.28
C GLY C 141 -5.07 -25.97 0.31
N ALA C 142 -4.23 -25.11 -0.24
CA ALA C 142 -4.59 -24.15 -1.27
C ALA C 142 -3.30 -23.57 -1.83
N GLY C 143 -3.41 -22.97 -3.01
CA GLY C 143 -2.28 -22.32 -3.63
C GLY C 143 -1.91 -21.05 -2.88
N SER C 144 -2.84 -20.54 -2.08
CA SER C 144 -2.73 -19.28 -1.40
C SER C 144 -1.87 -19.39 -0.14
N ILE C 145 -1.49 -20.62 0.29
CA ILE C 145 -0.66 -20.78 1.49
C ILE C 145 0.67 -20.03 1.31
N PRO C 146 1.17 -19.28 2.34
CA PRO C 146 2.35 -18.42 2.21
C PRO C 146 3.68 -19.08 1.86
N TRP C 147 3.86 -20.36 2.23
CA TRP C 147 5.12 -21.03 1.89
C TRP C 147 5.21 -21.27 0.37
N TYR C 148 4.09 -21.16 -0.33
CA TYR C 148 4.05 -21.38 -1.78
C TYR C 148 4.11 -20.06 -2.54
N ASP C 149 4.36 -18.94 -1.84
CA ASP C 149 4.47 -17.66 -2.50
C ASP C 149 5.58 -17.72 -3.58
N GLY C 150 5.24 -17.26 -4.79
CA GLY C 150 6.02 -17.48 -6.01
C GLY C 150 7.00 -16.35 -6.32
N THR C 151 6.98 -15.28 -5.50
CA THR C 151 7.81 -14.11 -5.74
C THR C 151 9.25 -14.53 -5.95
N ALA C 152 9.81 -15.33 -5.03
CA ALA C 152 11.24 -15.53 -5.00
C ALA C 152 11.66 -16.34 -6.24
N LEU C 153 10.88 -17.38 -6.56
CA LEU C 153 11.16 -18.20 -7.75
C LEU C 153 11.19 -17.30 -9.00
N ALA C 154 10.15 -16.47 -9.15
CA ALA C 154 10.01 -15.62 -10.32
C ALA C 154 11.20 -14.67 -10.45
N ARG C 155 11.53 -14.01 -9.33
CA ARG C 155 12.55 -12.98 -9.30
C ARG C 155 13.92 -13.59 -9.57
N GLU C 156 14.27 -14.64 -8.84
CA GLU C 156 15.58 -15.25 -9.00
C GLU C 156 15.69 -15.96 -10.36
N GLY C 157 14.62 -16.63 -10.84
CA GLY C 157 14.76 -17.60 -11.93
C GLY C 157 14.29 -17.09 -13.30
N ASP C 158 13.71 -15.87 -13.32
CA ASP C 158 13.11 -15.28 -14.50
C ASP C 158 12.08 -16.24 -15.10
N VAL C 159 11.14 -16.66 -14.24
CA VAL C 159 10.15 -17.66 -14.61
C VAL C 159 8.81 -17.12 -14.18
N VAL C 160 7.76 -17.71 -14.79
CA VAL C 160 6.41 -17.46 -14.32
C VAL C 160 6.03 -18.62 -13.40
N VAL C 161 5.48 -18.28 -12.22
CA VAL C 161 5.14 -19.24 -11.20
C VAL C 161 3.63 -19.17 -11.01
N VAL C 162 2.96 -20.35 -11.10
CA VAL C 162 1.51 -20.39 -10.97
C VAL C 162 1.18 -21.33 -9.82
N THR C 163 0.31 -20.88 -8.89
CA THR C 163 -0.24 -21.74 -7.85
C THR C 163 -1.75 -21.79 -8.06
N LEU C 164 -2.39 -22.89 -7.66
CA LEU C 164 -3.78 -23.10 -8.00
C LEU C 164 -4.50 -23.84 -6.90
N ASN C 165 -5.83 -23.69 -6.93
CA ASN C 165 -6.70 -24.52 -6.09
C ASN C 165 -7.43 -25.52 -7.00
N TYR C 166 -7.67 -26.71 -6.46
CA TYR C 166 -8.44 -27.77 -7.12
C TYR C 166 -9.42 -28.27 -6.10
N ARG C 167 -10.52 -28.86 -6.55
CA ARG C 167 -11.55 -29.31 -5.61
C ARG C 167 -10.97 -30.41 -4.73
N LEU C 168 -11.26 -30.33 -3.44
CA LEU C 168 -10.71 -31.25 -2.44
C LEU C 168 -11.80 -32.12 -1.88
N GLY C 169 -11.41 -33.27 -1.35
CA GLY C 169 -12.32 -34.06 -0.55
C GLY C 169 -13.43 -34.66 -1.39
N ALA C 170 -14.63 -34.70 -0.82
CA ALA C 170 -15.77 -35.34 -1.45
C ALA C 170 -16.10 -34.64 -2.78
N LEU C 171 -16.00 -33.32 -2.77
CA LEU C 171 -16.38 -32.52 -3.92
C LEU C 171 -15.42 -32.72 -5.07
N GLY C 172 -14.17 -33.12 -4.76
CA GLY C 172 -13.15 -33.36 -5.77
C GLY C 172 -13.05 -34.82 -6.18
N PHE C 173 -13.30 -35.78 -5.25
CA PHE C 173 -12.82 -37.14 -5.45
C PHE C 173 -13.85 -38.21 -5.08
N LEU C 174 -15.10 -37.84 -4.80
CA LEU C 174 -16.12 -38.84 -4.49
C LEU C 174 -16.54 -39.57 -5.78
N TYR C 175 -16.35 -40.89 -5.81
CA TYR C 175 -16.73 -41.70 -6.96
C TYR C 175 -18.22 -42.06 -6.88
N LEU C 176 -19.05 -41.43 -7.75
CA LEU C 176 -20.50 -41.52 -7.66
C LEU C 176 -21.06 -42.29 -8.86
N GLU C 177 -20.16 -42.91 -9.63
CA GLU C 177 -20.57 -43.58 -10.86
C GLU C 177 -21.55 -44.70 -10.53
N ASP C 178 -21.25 -45.49 -9.49
CA ASP C 178 -22.13 -46.56 -9.05
C ASP C 178 -23.45 -46.01 -8.51
N ALA C 179 -23.38 -44.99 -7.65
CA ALA C 179 -24.55 -44.54 -6.91
C ALA C 179 -25.49 -43.70 -7.78
N PHE C 180 -24.95 -42.88 -8.70
CA PHE C 180 -25.78 -41.96 -9.47
C PHE C 180 -25.71 -42.22 -10.98
N GLY C 181 -24.94 -43.24 -11.38
CA GLY C 181 -24.93 -43.66 -12.77
C GLY C 181 -23.94 -42.88 -13.61
N PRO C 182 -24.05 -42.98 -14.96
CA PRO C 182 -23.06 -42.41 -15.88
C PRO C 182 -22.99 -40.89 -16.01
N GLU C 183 -24.04 -40.19 -15.56
CA GLU C 183 -24.03 -38.73 -15.50
C GLU C 183 -22.86 -38.24 -14.61
N PHE C 184 -22.43 -39.10 -13.67
CA PHE C 184 -21.38 -38.77 -12.73
C PHE C 184 -20.06 -39.42 -13.13
N THR C 185 -19.92 -39.84 -14.41
CA THR C 185 -18.68 -40.46 -14.85
C THR C 185 -17.55 -39.44 -14.71
N GLY C 186 -16.40 -39.90 -14.17
CA GLY C 186 -15.23 -39.06 -13.93
C GLY C 186 -15.27 -38.40 -12.55
N SER C 187 -16.31 -38.69 -11.74
CA SER C 187 -16.53 -37.97 -10.49
C SER C 187 -15.39 -38.19 -9.49
N GLY C 188 -14.75 -39.36 -9.57
CA GLY C 188 -13.63 -39.70 -8.71
C GLY C 188 -12.38 -38.84 -8.94
N ASN C 189 -12.26 -38.25 -10.14
CA ASN C 189 -11.06 -37.52 -10.56
C ASN C 189 -11.36 -36.04 -10.83
N LEU C 190 -12.44 -35.49 -10.27
CA LEU C 190 -12.80 -34.12 -10.54
C LEU C 190 -11.65 -33.15 -10.23
N GLY C 191 -10.95 -33.40 -9.09
CA GLY C 191 -9.84 -32.55 -8.70
C GLY C 191 -8.73 -32.56 -9.74
N ILE C 192 -8.47 -33.73 -10.33
CA ILE C 192 -7.47 -33.88 -11.36
C ILE C 192 -7.90 -33.09 -12.59
N LEU C 193 -9.18 -33.20 -12.93
CA LEU C 193 -9.72 -32.50 -14.09
C LEU C 193 -9.62 -30.99 -13.90
N ASP C 194 -9.77 -30.51 -12.65
CA ASP C 194 -9.53 -29.10 -12.35
C ASP C 194 -8.07 -28.74 -12.64
N GLN C 195 -7.14 -29.60 -12.22
CA GLN C 195 -5.74 -29.33 -12.44
C GLN C 195 -5.47 -29.24 -13.94
N ILE C 196 -6.09 -30.14 -14.71
CA ILE C 196 -5.93 -30.15 -16.15
C ILE C 196 -6.53 -28.86 -16.74
N ALA C 197 -7.69 -28.44 -16.25
CA ALA C 197 -8.32 -27.22 -16.71
C ALA C 197 -7.41 -26.02 -16.47
N ALA C 198 -6.74 -25.99 -15.33
CA ALA C 198 -5.82 -24.90 -15.04
C ALA C 198 -4.68 -24.91 -16.02
N LEU C 199 -4.19 -26.10 -16.37
CA LEU C 199 -3.09 -26.22 -17.30
C LEU C 199 -3.55 -25.85 -18.69
N ARG C 200 -4.83 -26.14 -19.03
CA ARG C 200 -5.39 -25.69 -20.30
C ARG C 200 -5.43 -24.17 -20.33
N TRP C 201 -5.84 -23.58 -19.21
CA TRP C 201 -5.92 -22.14 -19.08
C TRP C 201 -4.53 -21.53 -19.25
N VAL C 202 -3.52 -22.14 -18.67
CA VAL C 202 -2.15 -21.64 -18.78
C VAL C 202 -1.72 -21.70 -20.24
N ARG C 203 -1.98 -22.81 -20.92
CA ARG C 203 -1.53 -22.90 -22.30
C ARG C 203 -2.14 -21.74 -23.11
N GLU C 204 -3.40 -21.46 -22.85
CA GLU C 204 -4.13 -20.45 -23.61
C GLU C 204 -3.82 -19.02 -23.23
N ASN C 205 -3.46 -18.74 -21.97
CA ASN C 205 -3.45 -17.37 -21.46
C ASN C 205 -2.09 -16.94 -20.90
N ILE C 206 -1.11 -17.86 -20.75
CA ILE C 206 0.06 -17.56 -19.93
C ILE C 206 0.93 -16.52 -20.63
N ALA C 207 0.86 -16.46 -21.97
CA ALA C 207 1.65 -15.52 -22.77
C ALA C 207 1.42 -14.09 -22.30
N ALA C 208 0.16 -13.77 -21.98
CA ALA C 208 -0.23 -12.44 -21.51
C ALA C 208 0.47 -12.05 -20.21
N PHE C 209 0.85 -13.06 -19.42
CA PHE C 209 1.52 -12.81 -18.15
C PHE C 209 3.02 -13.07 -18.30
N GLY C 210 3.51 -13.23 -19.53
CA GLY C 210 4.94 -13.30 -19.76
C GLY C 210 5.47 -14.73 -19.76
N GLY C 211 4.56 -15.69 -19.87
CA GLY C 211 4.94 -17.10 -19.85
C GLY C 211 4.85 -17.72 -21.25
N ASP C 212 5.72 -18.70 -21.52
CA ASP C 212 5.65 -19.52 -22.71
C ASP C 212 4.94 -20.85 -22.39
N PRO C 213 3.75 -21.10 -23.01
CA PRO C 213 3.01 -22.35 -22.82
C PRO C 213 3.75 -23.60 -23.26
N ASP C 214 4.75 -23.46 -24.15
CA ASP C 214 5.55 -24.59 -24.58
C ASP C 214 6.63 -25.02 -23.57
N ARG C 215 6.95 -24.16 -22.59
CA ARG C 215 7.91 -24.55 -21.54
C ARG C 215 7.19 -24.60 -20.20
N VAL C 216 6.48 -25.69 -19.88
CA VAL C 216 5.73 -25.77 -18.64
C VAL C 216 6.26 -26.92 -17.81
N THR C 217 6.68 -26.60 -16.58
CA THR C 217 7.02 -27.62 -15.59
C THR C 217 5.92 -27.67 -14.54
N ILE C 218 5.45 -28.89 -14.22
CA ILE C 218 4.57 -29.09 -13.08
C ILE C 218 5.40 -29.63 -11.92
N PHE C 219 5.15 -29.06 -10.74
CA PHE C 219 5.78 -29.52 -9.54
C PHE C 219 4.70 -29.61 -8.44
N GLY C 220 4.85 -30.64 -7.59
CA GLY C 220 3.97 -30.84 -6.44
C GLY C 220 4.71 -31.56 -5.30
N GLU C 221 4.14 -31.47 -4.09
CA GLU C 221 4.60 -32.18 -2.92
C GLU C 221 3.45 -32.99 -2.33
N SER C 222 3.79 -34.18 -1.81
CA SER C 222 2.86 -35.08 -1.15
C SER C 222 1.72 -35.46 -2.12
N ALA C 223 0.47 -35.18 -1.75
CA ALA C 223 -0.69 -35.45 -2.58
C ALA C 223 -0.57 -34.67 -3.89
N GLY C 224 0.11 -33.49 -3.88
CA GLY C 224 0.38 -32.73 -5.08
C GLY C 224 1.33 -33.49 -6.01
N ALA C 225 2.36 -34.12 -5.43
CA ALA C 225 3.25 -34.99 -6.18
C ALA C 225 2.51 -36.26 -6.67
N GLY C 226 1.59 -36.77 -5.85
CA GLY C 226 0.73 -37.86 -6.27
C GLY C 226 -0.12 -37.43 -7.48
N SER C 227 -0.66 -36.22 -7.40
CA SER C 227 -1.37 -35.58 -8.51
C SER C 227 -0.52 -35.49 -9.77
N VAL C 228 0.77 -35.09 -9.61
CA VAL C 228 1.69 -34.99 -10.72
C VAL C 228 1.85 -36.38 -11.37
N GLY C 229 2.03 -37.40 -10.55
CA GLY C 229 2.14 -38.79 -11.01
C GLY C 229 0.93 -39.25 -11.83
N VAL C 230 -0.26 -38.84 -11.40
CA VAL C 230 -1.48 -39.11 -12.15
C VAL C 230 -1.46 -38.35 -13.48
N LEU C 231 -0.95 -37.11 -13.48
CA LEU C 231 -0.94 -36.31 -14.69
C LEU C 231 -0.03 -36.93 -15.75
N LEU C 232 1.03 -37.58 -15.33
CA LEU C 232 1.86 -38.35 -16.26
C LEU C 232 1.05 -39.46 -16.94
N ALA C 233 0.05 -40.01 -16.25
CA ALA C 233 -0.74 -41.12 -16.77
C ALA C 233 -1.92 -40.61 -17.58
N ALA C 234 -2.50 -39.48 -17.19
CA ALA C 234 -3.77 -39.01 -17.77
C ALA C 234 -3.57 -38.50 -19.19
N PRO C 235 -4.30 -39.05 -20.20
CA PRO C 235 -4.03 -38.73 -21.62
C PRO C 235 -4.25 -37.25 -21.98
N ALA C 236 -5.26 -36.64 -21.37
CA ALA C 236 -5.59 -35.25 -21.62
C ALA C 236 -4.43 -34.31 -21.25
N ALA C 237 -3.56 -34.69 -20.30
CA ALA C 237 -2.49 -33.82 -19.82
C ALA C 237 -1.26 -33.86 -20.72
N ARG C 238 -1.22 -34.78 -21.68
CA ARG C 238 -0.02 -35.00 -22.50
C ARG C 238 0.48 -33.73 -23.20
N GLY C 239 -0.41 -32.89 -23.77
CA GLY C 239 -0.02 -31.62 -24.38
C GLY C 239 0.46 -30.54 -23.38
N LEU C 240 0.07 -30.64 -22.10
CA LEU C 240 -0.03 -29.46 -21.25
C LEU C 240 1.24 -29.17 -20.45
N PHE C 241 2.17 -30.13 -20.30
CA PHE C 241 3.38 -29.89 -19.52
C PHE C 241 4.58 -30.59 -20.16
N HIS C 242 5.78 -30.05 -19.89
CA HIS C 242 6.99 -30.47 -20.52
C HIS C 242 7.83 -31.34 -19.57
N ARG C 243 7.66 -31.08 -18.28
CA ARG C 243 8.61 -31.52 -17.25
C ARG C 243 7.89 -31.61 -15.90
N ALA C 244 8.39 -32.47 -15.02
CA ALA C 244 7.67 -32.80 -13.78
C ALA C 244 8.64 -32.93 -12.61
N ILE C 245 8.27 -32.28 -11.48
CA ILE C 245 8.99 -32.49 -10.23
C ILE C 245 8.04 -33.13 -9.23
N LEU C 246 8.47 -34.25 -8.60
CA LEU C 246 7.64 -34.92 -7.61
C LEU C 246 8.38 -34.96 -6.29
N GLN C 247 7.87 -34.23 -5.29
CA GLN C 247 8.51 -34.15 -3.99
C GLN C 247 7.69 -34.97 -2.99
N SER C 248 8.28 -36.01 -2.41
CA SER C 248 7.66 -36.80 -1.36
C SER C 248 6.29 -37.28 -1.79
N GLY C 249 6.20 -37.77 -3.02
CA GLY C 249 4.96 -38.32 -3.51
C GLY C 249 5.13 -38.98 -4.87
N SER C 250 4.17 -39.81 -5.26
CA SER C 250 4.33 -40.69 -6.42
C SER C 250 2.96 -41.02 -6.97
N GLY C 251 2.93 -41.47 -8.23
CA GLY C 251 1.69 -41.86 -8.90
C GLY C 251 0.93 -42.93 -8.13
N ALA C 252 1.65 -43.80 -7.42
CA ALA C 252 1.00 -44.84 -6.64
C ALA C 252 0.23 -44.28 -5.43
N LEU C 253 0.73 -43.18 -4.87
CA LEU C 253 0.25 -42.62 -3.61
C LEU C 253 -1.16 -42.04 -3.77
N GLY C 254 -2.10 -42.64 -3.03
CA GLY C 254 -3.47 -42.15 -2.91
C GLY C 254 -4.39 -42.65 -4.04
N VAL C 255 -3.85 -43.39 -5.02
CA VAL C 255 -4.65 -43.82 -6.15
C VAL C 255 -5.41 -45.07 -5.75
N ARG C 256 -6.71 -45.08 -6.05
CA ARG C 256 -7.60 -46.17 -5.66
C ARG C 256 -8.20 -46.84 -6.89
N THR C 257 -8.54 -48.13 -6.77
CA THR C 257 -9.35 -48.80 -7.78
C THR C 257 -10.78 -48.26 -7.67
N ALA C 258 -11.52 -48.40 -8.77
CA ALA C 258 -12.90 -47.94 -8.81
C ALA C 258 -13.72 -48.66 -7.74
N ALA C 259 -13.48 -49.96 -7.54
CA ALA C 259 -14.23 -50.73 -6.54
C ALA C 259 -13.96 -50.22 -5.11
N SER C 260 -12.69 -49.98 -4.78
CA SER C 260 -12.34 -49.43 -3.48
C SER C 260 -12.99 -48.07 -3.30
N ALA C 261 -12.96 -47.28 -4.36
CA ALA C 261 -13.50 -45.92 -4.33
C ALA C 261 -15.02 -45.94 -4.15
N ALA C 262 -15.69 -46.87 -4.81
CA ALA C 262 -17.15 -46.98 -4.66
C ALA C 262 -17.52 -47.40 -3.22
N ARG C 263 -16.71 -48.25 -2.60
CA ARG C 263 -16.96 -48.67 -1.22
C ARG C 263 -16.83 -47.48 -0.28
N VAL C 264 -15.78 -46.67 -0.47
CA VAL C 264 -15.59 -45.48 0.34
C VAL C 264 -16.79 -44.55 0.15
N ALA C 265 -17.18 -44.34 -1.10
CA ALA C 265 -18.25 -43.42 -1.42
C ALA C 265 -19.54 -43.82 -0.69
N ALA C 266 -19.85 -45.12 -0.66
CA ALA C 266 -21.01 -45.61 0.08
C ALA C 266 -20.96 -45.17 1.55
N ARG C 267 -19.78 -45.29 2.18
CA ARG C 267 -19.63 -44.90 3.58
C ARG C 267 -19.89 -43.40 3.75
N VAL C 268 -19.36 -42.61 2.81
CA VAL C 268 -19.49 -41.17 2.90
C VAL C 268 -20.96 -40.79 2.75
N LEU C 269 -21.65 -41.44 1.82
CA LEU C 269 -23.04 -41.10 1.55
C LEU C 269 -23.89 -41.42 2.77
N GLN C 270 -23.57 -42.56 3.41
CA GLN C 270 -24.24 -42.96 4.63
C GLN C 270 -24.10 -41.86 5.69
N HIS C 271 -22.87 -41.39 5.94
CA HIS C 271 -22.66 -40.34 6.94
C HIS C 271 -23.37 -39.06 6.51
N ALA C 272 -23.30 -38.76 5.21
CA ALA C 272 -23.91 -37.55 4.66
C ALA C 272 -25.42 -37.61 4.80
N GLY C 273 -25.99 -38.82 4.65
CA GLY C 273 -27.43 -39.02 4.71
C GLY C 273 -28.06 -38.90 3.33
N VAL C 274 -27.25 -38.94 2.27
CA VAL C 274 -27.76 -38.81 0.92
C VAL C 274 -28.02 -40.21 0.35
N GLU C 275 -29.26 -40.45 -0.09
CA GLU C 275 -29.65 -41.73 -0.65
C GLU C 275 -29.05 -41.87 -2.04
N PRO C 276 -28.55 -43.07 -2.42
CA PRO C 276 -28.04 -43.26 -3.77
C PRO C 276 -29.17 -42.92 -4.75
N GLY C 277 -28.83 -42.17 -5.81
CA GLY C 277 -29.77 -41.85 -6.89
C GLY C 277 -30.59 -40.57 -6.64
N ASP C 278 -30.43 -39.96 -5.45
CA ASP C 278 -31.22 -38.80 -5.08
C ASP C 278 -30.42 -37.54 -5.42
N ARG C 279 -30.70 -36.98 -6.61
CA ARG C 279 -29.97 -35.84 -7.14
C ARG C 279 -30.24 -34.61 -6.27
N GLU C 280 -31.47 -34.47 -5.80
CA GLU C 280 -31.87 -33.32 -5.01
C GLU C 280 -31.02 -33.25 -3.73
N ALA C 281 -30.94 -34.36 -3.00
CA ALA C 281 -30.18 -34.42 -1.75
C ALA C 281 -28.72 -34.09 -2.02
N LEU C 282 -28.16 -34.62 -3.11
CA LEU C 282 -26.77 -34.41 -3.49
C LEU C 282 -26.48 -32.91 -3.65
N ARG C 283 -27.33 -32.20 -4.41
CA ARG C 283 -27.14 -30.77 -4.66
C ARG C 283 -27.50 -29.95 -3.42
N SER C 284 -28.49 -30.44 -2.65
CA SER C 284 -28.99 -29.75 -1.48
C SER C 284 -27.96 -29.70 -0.34
N LEU C 285 -27.16 -30.77 -0.19
CA LEU C 285 -26.27 -30.89 0.97
C LEU C 285 -25.29 -29.71 0.99
N PRO C 286 -25.11 -29.03 2.15
CA PRO C 286 -24.08 -28.00 2.27
C PRO C 286 -22.68 -28.60 2.14
N ALA C 287 -21.75 -27.78 1.66
CA ALA C 287 -20.40 -28.21 1.35
C ALA C 287 -19.70 -28.67 2.63
N ARG C 288 -19.96 -27.96 3.73
CA ARG C 288 -19.37 -28.24 5.01
C ARG C 288 -19.76 -29.65 5.46
N ALA C 289 -21.01 -30.04 5.16
CA ALA C 289 -21.53 -31.35 5.55
C ALA C 289 -20.76 -32.45 4.83
N TRP C 290 -20.30 -32.18 3.59
CA TRP C 290 -19.45 -33.12 2.87
C TRP C 290 -18.14 -33.29 3.63
N ALA C 291 -17.53 -32.19 4.05
CA ALA C 291 -16.30 -32.23 4.82
C ALA C 291 -16.49 -33.04 6.10
N ASN C 292 -17.62 -32.82 6.79
CA ASN C 292 -17.88 -33.50 8.05
C ASN C 292 -18.08 -35.00 7.84
N ALA C 293 -18.74 -35.38 6.73
CA ALA C 293 -18.98 -36.80 6.43
C ALA C 293 -17.68 -37.54 6.20
N VAL C 294 -16.71 -36.87 5.54
CA VAL C 294 -15.43 -37.48 5.29
C VAL C 294 -14.68 -37.61 6.61
N ALA C 295 -14.74 -36.58 7.47
CA ALA C 295 -14.12 -36.66 8.78
C ALA C 295 -14.71 -37.84 9.57
N ALA C 296 -16.04 -38.00 9.46
CA ALA C 296 -16.82 -39.01 10.18
C ALA C 296 -16.42 -40.41 9.74
N LEU C 297 -15.93 -40.53 8.49
CA LEU C 297 -15.56 -41.84 7.98
C LEU C 297 -14.37 -42.39 8.77
N GLY C 298 -13.50 -41.50 9.27
CA GLY C 298 -12.56 -41.89 10.30
C GLY C 298 -11.15 -41.43 9.95
N PRO C 299 -10.14 -41.85 10.75
CA PRO C 299 -8.75 -41.43 10.53
C PRO C 299 -8.13 -41.99 9.25
N GLY C 300 -7.10 -41.30 8.76
CA GLY C 300 -6.56 -41.54 7.43
C GLY C 300 -7.33 -40.77 6.35
N LEU C 301 -6.98 -41.04 5.10
CA LEU C 301 -7.48 -40.26 3.97
C LEU C 301 -8.30 -41.18 3.04
N PRO C 302 -9.66 -41.04 3.03
CA PRO C 302 -10.51 -41.92 2.23
C PRO C 302 -10.49 -41.63 0.72
N LEU C 303 -10.07 -40.42 0.35
CA LEU C 303 -10.25 -39.88 -0.98
C LEU C 303 -8.91 -39.73 -1.68
N GLY C 304 -8.98 -39.86 -2.99
CA GLY C 304 -7.80 -39.83 -3.83
C GLY C 304 -8.20 -40.06 -5.28
N PRO C 305 -7.28 -39.87 -6.23
CA PRO C 305 -7.54 -40.14 -7.62
C PRO C 305 -7.92 -41.61 -7.80
N VAL C 306 -8.79 -41.86 -8.77
CA VAL C 306 -9.36 -43.18 -9.01
C VAL C 306 -8.99 -43.63 -10.41
N VAL C 307 -8.57 -44.89 -10.54
CA VAL C 307 -8.45 -45.52 -11.84
C VAL C 307 -9.87 -45.85 -12.30
N ASP C 308 -10.53 -44.84 -12.89
CA ASP C 308 -11.94 -44.93 -13.22
C ASP C 308 -12.12 -45.50 -14.63
N GLY C 309 -11.03 -45.60 -15.39
CA GLY C 309 -11.08 -46.08 -16.76
C GLY C 309 -11.36 -45.00 -17.80
N THR C 310 -11.67 -43.75 -17.37
CA THR C 310 -11.87 -42.63 -18.28
C THR C 310 -10.79 -41.56 -18.10
N VAL C 311 -10.91 -40.75 -17.05
CA VAL C 311 -9.89 -39.75 -16.77
C VAL C 311 -8.56 -40.47 -16.53
N LEU C 312 -8.64 -41.56 -15.76
CA LEU C 312 -7.50 -42.41 -15.54
C LEU C 312 -7.83 -43.81 -16.05
N PRO C 313 -7.40 -44.15 -17.29
CA PRO C 313 -7.65 -45.49 -17.84
C PRO C 313 -6.83 -46.56 -17.13
N GLU C 314 -5.62 -46.24 -16.67
CA GLU C 314 -4.72 -47.24 -16.11
C GLU C 314 -4.05 -46.70 -14.86
N HIS C 315 -3.45 -47.62 -14.09
CA HIS C 315 -2.68 -47.24 -12.92
C HIS C 315 -1.47 -46.43 -13.36
N PRO C 316 -1.15 -45.30 -12.68
CA PRO C 316 -0.03 -44.45 -13.09
C PRO C 316 1.32 -45.13 -13.25
N MET C 317 1.60 -46.10 -12.38
CA MET C 317 2.87 -46.82 -12.39
C MET C 317 2.93 -47.72 -13.63
N ALA C 318 1.77 -48.29 -14.01
CA ALA C 318 1.64 -49.06 -15.24
C ALA C 318 1.96 -48.17 -16.45
N ALA C 319 1.44 -46.92 -16.43
CA ALA C 319 1.63 -46.00 -17.55
C ALA C 319 3.10 -45.63 -17.70
N LEU C 320 3.78 -45.40 -16.57
CA LEU C 320 5.20 -45.07 -16.58
C LEU C 320 6.01 -46.20 -17.23
N ALA C 321 5.71 -47.43 -16.78
CA ALA C 321 6.42 -48.61 -17.24
C ALA C 321 6.26 -48.73 -18.75
N ARG C 322 5.07 -48.36 -19.27
CA ARG C 322 4.75 -48.47 -20.68
C ARG C 322 5.50 -47.44 -21.52
N GLY C 323 6.00 -46.37 -20.87
CA GLY C 323 6.73 -45.32 -21.56
C GLY C 323 5.84 -44.14 -21.90
N ALA C 324 4.70 -43.99 -21.17
CA ALA C 324 3.79 -42.89 -21.40
C ALA C 324 4.45 -41.55 -21.04
N ALA C 325 5.45 -41.57 -20.15
CA ALA C 325 6.14 -40.37 -19.72
C ALA C 325 7.57 -40.34 -20.26
N ARG C 326 7.84 -41.12 -21.30
CA ARG C 326 9.18 -41.16 -21.86
C ARG C 326 9.54 -39.79 -22.45
N ASP C 327 8.53 -39.01 -22.82
CA ASP C 327 8.71 -37.66 -23.34
C ASP C 327 9.08 -36.66 -22.22
N VAL C 328 8.61 -36.90 -20.99
CA VAL C 328 8.71 -35.87 -19.96
C VAL C 328 9.95 -36.11 -19.12
N ALA C 329 10.72 -35.05 -18.85
CA ALA C 329 11.84 -35.05 -17.92
C ALA C 329 11.35 -34.95 -16.47
N VAL C 330 11.98 -35.70 -15.57
CA VAL C 330 11.50 -35.87 -14.21
C VAL C 330 12.62 -35.58 -13.21
N LEU C 331 12.30 -34.75 -12.20
CA LEU C 331 13.04 -34.67 -10.94
C LEU C 331 12.19 -35.24 -9.81
N VAL C 332 12.72 -36.23 -9.10
CA VAL C 332 11.94 -36.96 -8.12
C VAL C 332 12.79 -37.15 -6.86
N GLY C 333 12.17 -37.04 -5.67
CA GLY C 333 12.92 -37.20 -4.44
C GLY C 333 12.03 -37.26 -3.21
N VAL C 334 12.72 -37.38 -2.06
CA VAL C 334 12.15 -37.67 -0.76
C VAL C 334 13.01 -36.98 0.29
N ASN C 335 12.42 -36.72 1.46
CA ASN C 335 13.18 -36.25 2.60
C ASN C 335 13.70 -37.47 3.36
N LYS C 336 14.84 -37.30 4.05
CA LYS C 336 15.50 -38.42 4.73
C LYS C 336 14.63 -39.03 5.83
N ASP C 337 13.84 -38.23 6.58
CA ASP C 337 13.06 -38.78 7.65
C ASP C 337 11.58 -38.45 7.46
N GLU C 338 11.01 -38.89 6.36
CA GLU C 338 9.65 -38.51 5.95
C GLU C 338 8.61 -38.75 7.01
N TYR C 339 8.55 -39.98 7.54
CA TYR C 339 7.38 -40.35 8.32
C TYR C 339 7.41 -39.66 9.70
N ASN C 340 8.55 -39.14 10.11
CA ASN C 340 8.72 -38.54 11.45
C ASN C 340 7.71 -37.45 11.72
N LEU C 341 7.22 -36.77 10.67
CA LEU C 341 6.21 -35.75 10.85
C LEU C 341 5.03 -36.32 11.63
N PHE C 342 4.67 -37.57 11.31
CA PHE C 342 3.46 -38.16 11.86
C PHE C 342 3.59 -38.43 13.35
N ALA C 343 4.83 -38.44 13.87
CA ALA C 343 5.05 -38.50 15.31
C ALA C 343 4.29 -37.38 16.05
N LEU C 344 4.09 -36.22 15.42
CA LEU C 344 3.36 -35.16 16.10
C LEU C 344 1.93 -35.62 16.40
N GLN C 345 1.34 -36.42 15.53
CA GLN C 345 0.02 -36.97 15.80
C GLN C 345 0.14 -38.15 16.77
N ASP C 346 1.20 -38.95 16.63
CA ASP C 346 1.30 -40.23 17.34
C ASP C 346 2.66 -40.34 18.05
N PRO C 347 2.69 -40.27 19.39
CA PRO C 347 3.93 -40.40 20.16
C PRO C 347 4.61 -41.77 20.19
N ALA C 348 3.90 -42.84 19.77
CA ALA C 348 4.48 -44.18 19.83
C ALA C 348 5.77 -44.24 19.01
N TRP C 349 5.86 -43.45 17.94
CA TRP C 349 7.06 -43.44 17.12
C TRP C 349 8.28 -43.02 17.93
N LEU C 350 8.06 -42.26 19.01
CA LEU C 350 9.15 -41.85 19.89
C LEU C 350 9.46 -43.00 20.86
N GLY C 351 8.46 -43.85 21.06
CA GLY C 351 8.50 -44.84 22.12
C GLY C 351 9.09 -46.17 21.65
N ASP C 352 9.10 -47.14 22.57
CA ASP C 352 9.64 -48.46 22.33
C ASP C 352 8.57 -49.53 22.44
N ASP C 353 7.26 -49.17 22.48
CA ASP C 353 6.22 -50.17 22.67
C ASP C 353 6.01 -50.98 21.40
N GLU C 354 6.23 -52.31 21.51
CA GLU C 354 6.38 -53.16 20.35
C GLU C 354 5.01 -53.38 19.71
N ALA C 355 3.98 -53.56 20.55
CA ALA C 355 2.68 -53.99 20.08
C ALA C 355 2.09 -52.92 19.17
N ALA C 356 2.17 -51.66 19.62
CA ALA C 356 1.59 -50.55 18.89
C ALA C 356 2.37 -50.32 17.59
N LEU C 357 3.71 -50.42 17.68
CA LEU C 357 4.56 -50.18 16.54
C LEU C 357 4.32 -51.28 15.51
N ARG C 358 4.21 -52.53 15.94
CA ARG C 358 3.95 -53.65 15.03
C ARG C 358 2.62 -53.45 14.31
N GLN C 359 1.63 -53.00 15.06
CA GLN C 359 0.30 -52.79 14.52
C GLN C 359 0.37 -51.74 13.42
N ARG C 360 1.08 -50.63 13.68
CA ARG C 360 1.18 -49.55 12.71
C ARG C 360 1.89 -50.02 11.42
N VAL C 361 2.96 -50.79 11.58
CA VAL C 361 3.68 -51.34 10.45
C VAL C 361 2.76 -52.28 9.69
N GLU C 362 2.03 -53.15 10.42
CA GLU C 362 1.16 -54.14 9.82
C GLU C 362 0.06 -53.46 8.99
N ALA C 363 -0.49 -52.35 9.48
CA ALA C 363 -1.47 -51.55 8.74
C ALA C 363 -0.95 -51.20 7.34
N VAL C 364 0.34 -50.85 7.25
CA VAL C 364 0.88 -50.41 5.99
C VAL C 364 1.33 -51.60 5.13
N VAL C 365 2.03 -52.58 5.72
CA VAL C 365 2.80 -53.57 4.96
C VAL C 365 2.24 -54.99 5.17
N GLY C 366 1.17 -55.15 5.97
CA GLY C 366 0.50 -56.43 6.09
C GLY C 366 1.44 -57.59 6.46
N PRO C 367 1.51 -58.69 5.65
CA PRO C 367 2.29 -59.88 6.00
C PRO C 367 3.81 -59.75 6.05
N ALA C 368 4.38 -58.81 5.29
CA ALA C 368 5.81 -58.59 5.26
C ALA C 368 6.33 -57.94 6.53
N ALA C 369 5.43 -57.52 7.44
CA ALA C 369 5.77 -56.65 8.55
C ALA C 369 6.80 -57.28 9.45
N GLY C 370 6.56 -58.55 9.83
CA GLY C 370 7.42 -59.24 10.78
C GLY C 370 8.87 -59.26 10.31
N ARG C 371 9.09 -59.73 9.08
CA ARG C 371 10.43 -59.83 8.52
C ARG C 371 11.06 -58.43 8.44
N LEU C 372 10.29 -57.43 8.00
CA LEU C 372 10.84 -56.10 7.75
C LEU C 372 11.21 -55.46 9.08
N ILE C 373 10.39 -55.70 10.11
CA ILE C 373 10.65 -55.11 11.42
C ILE C 373 12.00 -55.62 11.94
N GLU C 374 12.33 -56.89 11.70
CA GLU C 374 13.59 -57.43 12.19
C GLU C 374 14.79 -56.80 11.50
N PHE C 375 14.66 -56.59 10.20
CA PHE C 375 15.70 -55.94 9.41
C PHE C 375 15.90 -54.50 9.92
N TYR C 376 14.81 -53.77 10.12
CA TYR C 376 14.91 -52.38 10.55
C TYR C 376 15.39 -52.30 12.01
N ARG C 377 14.93 -53.24 12.84
CA ARG C 377 15.39 -53.30 14.25
C ARG C 377 16.93 -53.31 14.29
N SER C 378 17.54 -54.22 13.53
CA SER C 378 19.02 -54.35 13.55
C SER C 378 19.77 -53.10 13.09
N ARG C 379 19.33 -52.50 11.99
CA ARG C 379 20.00 -51.27 11.46
C ARG C 379 19.62 -50.06 12.31
N GLY C 380 20.49 -49.06 12.39
CA GLY C 380 20.12 -47.80 13.07
C GLY C 380 20.42 -47.86 14.54
N GLU C 381 20.15 -46.75 15.25
CA GLU C 381 20.41 -46.67 16.70
C GLU C 381 19.21 -46.02 17.39
N GLY C 382 18.99 -46.31 18.68
CA GLY C 382 17.94 -45.60 19.42
C GLY C 382 16.69 -46.42 19.67
N SER C 383 15.61 -45.76 20.05
CA SER C 383 14.34 -46.41 20.37
C SER C 383 13.85 -47.26 19.19
N LEU C 384 13.03 -48.27 19.50
CA LEU C 384 12.45 -49.12 18.44
C LEU C 384 11.68 -48.21 17.46
N GLY C 385 10.93 -47.25 17.97
CA GLY C 385 10.15 -46.36 17.10
C GLY C 385 11.04 -45.62 16.13
N ARG C 386 12.19 -45.15 16.60
CA ARG C 386 13.15 -44.44 15.71
C ARG C 386 13.67 -45.42 14.65
N ARG C 387 13.89 -46.67 15.03
CA ARG C 387 14.41 -47.68 14.08
C ARG C 387 13.29 -48.06 13.11
N LEU C 388 12.05 -48.04 13.58
CA LEU C 388 10.86 -48.33 12.72
C LEU C 388 10.57 -47.19 11.72
N LEU C 389 10.72 -45.93 12.13
CA LEU C 389 10.34 -44.80 11.25
C LEU C 389 10.88 -44.98 9.81
N PRO C 390 12.18 -45.27 9.54
CA PRO C 390 12.63 -45.41 8.16
C PRO C 390 11.88 -46.51 7.38
N LEU C 391 11.37 -47.54 8.08
CA LEU C 391 10.56 -48.57 7.45
C LEU C 391 9.31 -47.96 6.84
N MET C 392 8.65 -47.12 7.64
CA MET C 392 7.47 -46.42 7.17
C MET C 392 7.84 -45.44 6.07
N SER C 393 8.95 -44.72 6.25
CA SER C 393 9.37 -43.77 5.24
C SER C 393 9.52 -44.48 3.89
N TYR C 394 10.13 -45.67 3.90
CA TYR C 394 10.39 -46.39 2.66
C TYR C 394 9.08 -46.84 2.02
N ALA C 395 8.19 -47.43 2.82
CA ALA C 395 6.97 -48.01 2.28
C ALA C 395 6.13 -46.92 1.64
N VAL C 396 6.01 -45.78 2.34
CA VAL C 396 5.03 -44.79 1.94
C VAL C 396 5.61 -43.88 0.87
N PHE C 397 6.92 -43.56 0.94
CA PHE C 397 7.47 -42.51 0.10
C PHE C 397 8.60 -43.04 -0.79
N VAL C 398 9.64 -43.60 -0.20
CA VAL C 398 10.85 -43.98 -1.00
C VAL C 398 10.42 -45.07 -2.00
N ARG C 399 9.53 -45.98 -1.62
CA ARG C 399 9.19 -47.09 -2.54
C ARG C 399 8.69 -46.51 -3.87
N GLY C 400 7.74 -45.57 -3.80
CA GLY C 400 7.24 -44.91 -5.02
C GLY C 400 8.25 -44.06 -5.77
N MET C 401 9.05 -43.29 -5.03
CA MET C 401 10.05 -42.45 -5.67
C MET C 401 10.94 -43.33 -6.58
N LEU C 402 11.48 -44.40 -6.02
CA LEU C 402 12.44 -45.24 -6.72
C LEU C 402 11.78 -46.00 -7.89
N ALA C 403 10.54 -46.46 -7.71
CA ALA C 403 9.82 -47.11 -8.81
C ALA C 403 9.64 -46.13 -9.96
N THR C 404 9.31 -44.84 -9.64
CA THR C 404 9.16 -43.80 -10.64
C THR C 404 10.52 -43.60 -11.34
N ALA C 405 11.59 -43.52 -10.56
CA ALA C 405 12.91 -43.25 -11.10
C ALA C 405 13.36 -44.40 -12.01
N ASP C 406 13.10 -45.64 -11.57
CA ASP C 406 13.50 -46.85 -12.26
C ASP C 406 12.76 -46.94 -13.59
N ALA C 407 11.46 -46.66 -13.58
CA ALA C 407 10.64 -46.72 -14.79
C ALA C 407 11.15 -45.73 -15.82
N GLN C 408 11.46 -44.51 -15.40
CA GLN C 408 11.90 -43.48 -16.33
C GLN C 408 13.26 -43.83 -16.91
N ALA C 409 14.14 -44.38 -16.07
CA ALA C 409 15.47 -44.79 -16.55
C ALA C 409 15.32 -45.87 -17.61
N ARG C 410 14.44 -46.84 -17.36
CA ARG C 410 14.24 -47.96 -18.32
C ARG C 410 13.70 -47.42 -19.65
N VAL C 411 12.77 -46.47 -19.59
CA VAL C 411 12.15 -45.90 -20.82
C VAL C 411 13.15 -44.92 -21.48
N GLY C 412 14.18 -44.50 -20.75
CA GLY C 412 15.23 -43.67 -21.34
C GLY C 412 14.94 -42.18 -21.16
N ALA C 413 13.86 -41.83 -20.44
CA ALA C 413 13.48 -40.45 -20.25
C ALA C 413 14.46 -39.81 -19.28
N PRO C 414 14.88 -38.54 -19.45
CA PRO C 414 15.86 -37.95 -18.54
C PRO C 414 15.29 -37.81 -17.12
N VAL C 415 16.03 -38.31 -16.10
CA VAL C 415 15.54 -38.32 -14.74
C VAL C 415 16.70 -38.01 -13.78
N TRP C 416 16.37 -37.22 -12.75
CA TRP C 416 17.26 -36.94 -11.64
C TRP C 416 16.57 -37.20 -10.32
N ALA C 417 17.38 -37.64 -9.35
CA ALA C 417 16.87 -38.07 -8.06
C ALA C 417 17.58 -37.31 -6.96
N TYR C 418 16.82 -36.96 -5.91
CA TYR C 418 17.39 -36.24 -4.78
C TYR C 418 16.89 -36.82 -3.46
N ARG C 419 17.67 -36.59 -2.40
CA ARG C 419 17.24 -36.80 -1.01
C ARG C 419 17.57 -35.55 -0.20
N PHE C 420 16.59 -35.04 0.54
CA PHE C 420 16.74 -33.83 1.35
C PHE C 420 17.07 -34.24 2.78
N ASP C 421 18.24 -33.85 3.30
CA ASP C 421 18.76 -34.39 4.56
C ASP C 421 18.78 -33.35 5.69
N PHE C 422 18.38 -32.11 5.43
CA PHE C 422 18.42 -31.06 6.42
C PHE C 422 17.41 -31.40 7.50
N GLU C 423 17.85 -31.39 8.77
CA GLU C 423 16.97 -31.73 9.88
C GLU C 423 16.50 -30.49 10.63
N THR C 424 15.22 -30.45 10.98
CA THR C 424 14.72 -29.39 11.87
C THR C 424 15.06 -29.77 13.30
N PRO C 425 15.53 -28.79 14.12
CA PRO C 425 15.89 -29.07 15.53
C PRO C 425 14.74 -28.92 16.49
N VAL C 426 13.60 -28.51 15.95
CA VAL C 426 12.43 -28.13 16.75
C VAL C 426 11.89 -29.37 17.46
N LEU C 427 11.29 -29.17 18.66
CA LEU C 427 10.68 -30.24 19.43
C LEU C 427 11.69 -31.36 19.71
N GLY C 428 12.90 -30.95 20.09
CA GLY C 428 13.89 -31.90 20.55
C GLY C 428 14.50 -32.73 19.44
N GLY C 429 14.36 -32.30 18.20
CA GLY C 429 15.06 -32.92 17.08
C GLY C 429 14.30 -34.12 16.54
N VAL C 430 13.08 -34.36 17.01
CA VAL C 430 12.44 -35.66 16.82
C VAL C 430 11.98 -35.80 15.35
N LEU C 431 11.69 -34.66 14.70
CA LEU C 431 11.16 -34.64 13.35
C LEU C 431 12.25 -34.95 12.34
N GLY C 432 13.48 -34.50 12.60
CA GLY C 432 14.54 -34.59 11.62
C GLY C 432 14.16 -33.97 10.27
N ALA C 433 14.54 -34.66 9.18
CA ALA C 433 14.22 -34.24 7.83
C ALA C 433 12.83 -34.73 7.44
N CYS C 434 11.78 -34.20 8.07
CA CYS C 434 10.45 -34.78 7.99
C CYS C 434 9.77 -34.39 6.69
N HIS C 435 8.63 -35.04 6.44
CA HIS C 435 7.73 -34.70 5.35
C HIS C 435 7.38 -33.21 5.42
N ALA C 436 7.42 -32.54 4.25
CA ALA C 436 6.99 -31.17 4.03
C ALA C 436 8.05 -30.14 4.45
N LEU C 437 9.21 -30.57 4.99
CA LEU C 437 10.22 -29.66 5.48
C LEU C 437 10.87 -28.92 4.31
N GLU C 438 11.01 -29.61 3.15
CA GLU C 438 11.67 -29.07 1.98
C GLU C 438 10.92 -27.90 1.35
N ILE C 439 9.62 -27.77 1.59
CA ILE C 439 8.80 -26.84 0.85
C ILE C 439 9.32 -25.39 0.90
N PRO C 440 9.59 -24.82 2.10
CA PRO C 440 10.06 -23.41 2.14
C PRO C 440 11.45 -23.28 1.50
N PHE C 441 12.25 -24.35 1.53
CA PHE C 441 13.59 -24.36 0.94
C PHE C 441 13.47 -24.20 -0.58
N VAL C 442 12.60 -24.99 -1.19
CA VAL C 442 12.41 -24.95 -2.64
C VAL C 442 11.87 -23.60 -3.08
N PHE C 443 10.86 -23.06 -2.36
CA PHE C 443 10.26 -21.79 -2.68
C PHE C 443 11.07 -20.58 -2.18
N ASN C 444 12.08 -20.81 -1.37
CA ASN C 444 12.81 -19.77 -0.67
C ASN C 444 11.85 -18.87 0.09
N THR C 445 10.96 -19.46 0.92
CA THR C 445 9.93 -18.74 1.69
C THR C 445 10.13 -18.94 3.19
N LEU C 446 11.38 -19.23 3.57
CA LEU C 446 11.72 -19.54 4.94
C LEU C 446 11.28 -18.43 5.91
N ASP C 447 11.34 -17.18 5.46
CA ASP C 447 11.01 -16.03 6.37
C ASP C 447 9.50 -15.77 6.32
N ARG C 448 8.75 -16.57 5.57
CA ARG C 448 7.27 -16.45 5.54
C ARG C 448 6.74 -16.94 6.89
N ALA C 449 5.54 -16.51 7.29
CA ALA C 449 5.04 -16.81 8.64
C ALA C 449 4.89 -18.31 8.90
N GLY C 450 5.29 -18.75 10.11
CA GLY C 450 5.15 -20.16 10.51
C GLY C 450 6.26 -21.04 10.01
N ALA C 451 7.08 -20.57 9.06
CA ALA C 451 8.04 -21.49 8.46
C ALA C 451 9.17 -21.80 9.43
N ASP C 452 9.67 -20.76 10.08
CA ASP C 452 10.82 -20.84 10.98
C ASP C 452 10.46 -21.68 12.21
N ARG C 453 9.17 -21.70 12.57
CA ARG C 453 8.69 -22.55 13.65
C ARG C 453 8.82 -24.01 13.24
N PHE C 454 8.66 -24.32 11.94
CA PHE C 454 8.84 -25.67 11.43
C PHE C 454 10.31 -26.00 11.23
N THR C 455 11.10 -25.06 10.69
CA THR C 455 12.44 -25.40 10.23
C THR C 455 13.48 -25.19 11.33
N GLY C 456 13.15 -24.33 12.31
CA GLY C 456 14.16 -23.76 13.19
C GLY C 456 14.82 -22.56 12.55
N THR C 457 15.70 -21.87 13.31
CA THR C 457 16.32 -20.61 12.90
C THR C 457 17.86 -20.73 12.82
N ALA C 458 18.34 -21.92 12.48
CA ALA C 458 19.77 -22.07 12.20
C ALA C 458 20.15 -21.34 10.92
N PRO C 459 21.29 -20.61 10.90
CA PRO C 459 21.67 -19.79 9.74
C PRO C 459 21.97 -20.57 8.46
N GLU C 460 22.40 -21.81 8.60
CA GLU C 460 22.78 -22.65 7.47
C GLU C 460 21.62 -22.93 6.53
N ARG C 461 20.37 -22.76 7.01
CA ARG C 461 19.21 -23.10 6.23
C ARG C 461 19.15 -22.30 4.92
N TYR C 462 19.59 -21.03 4.96
CA TYR C 462 19.56 -20.10 3.84
C TYR C 462 20.35 -20.66 2.66
N ALA C 463 21.55 -21.14 2.92
CA ALA C 463 22.40 -21.67 1.86
C ALA C 463 21.80 -22.99 1.29
N VAL C 464 21.18 -23.82 2.14
CA VAL C 464 20.57 -25.06 1.70
C VAL C 464 19.39 -24.74 0.79
N ALA C 465 18.56 -23.79 1.19
CA ALA C 465 17.43 -23.34 0.40
C ALA C 465 17.89 -22.83 -0.96
N GLN C 466 18.96 -22.03 -0.95
CA GLN C 466 19.46 -21.44 -2.22
C GLN C 466 19.79 -22.56 -3.21
N ALA C 467 20.59 -23.53 -2.79
CA ALA C 467 21.03 -24.59 -3.74
C ALA C 467 19.82 -25.39 -4.23
N MET C 468 18.89 -25.75 -3.34
CA MET C 468 17.66 -26.45 -3.77
C MET C 468 16.81 -25.55 -4.68
N HIS C 469 16.69 -24.27 -4.34
CA HIS C 469 15.83 -23.34 -5.11
C HIS C 469 16.44 -23.19 -6.51
N ARG C 470 17.75 -23.03 -6.57
CA ARG C 470 18.42 -22.83 -7.85
C ARG C 470 18.38 -24.07 -8.75
N ALA C 471 18.39 -25.26 -8.14
CA ALA C 471 18.35 -26.51 -8.91
C ALA C 471 16.97 -26.69 -9.52
N TRP C 472 15.93 -26.33 -8.78
CA TRP C 472 14.57 -26.35 -9.31
C TRP C 472 14.45 -25.37 -10.47
N ILE C 473 15.03 -24.18 -10.31
CA ILE C 473 15.02 -23.19 -11.35
C ILE C 473 15.69 -23.78 -12.59
N ALA C 474 16.91 -24.31 -12.40
CA ALA C 474 17.70 -24.83 -13.55
C ALA C 474 16.91 -25.90 -14.28
N PHE C 475 16.31 -26.83 -13.53
CA PHE C 475 15.62 -27.95 -14.22
C PHE C 475 14.46 -27.36 -15.01
N ALA C 476 13.72 -26.42 -14.45
CA ALA C 476 12.55 -25.87 -15.18
C ALA C 476 13.05 -25.19 -16.45
N ARG C 477 14.06 -24.34 -16.32
CA ARG C 477 14.62 -23.59 -17.48
C ARG C 477 15.27 -24.50 -18.53
N GLU C 478 16.03 -25.53 -18.14
CA GLU C 478 16.81 -26.30 -19.13
C GLU C 478 16.59 -27.83 -19.09
N GLY C 479 15.74 -28.32 -18.19
CA GLY C 479 15.56 -29.78 -18.06
C GLY C 479 16.73 -30.44 -17.38
N ASN C 480 17.66 -29.67 -16.82
CA ASN C 480 18.81 -30.20 -16.12
C ASN C 480 18.97 -29.39 -14.82
N PRO C 481 19.07 -30.04 -13.65
CA PRO C 481 19.16 -29.34 -12.36
C PRO C 481 20.55 -28.84 -11.92
N GLN C 482 21.56 -28.99 -12.78
CA GLN C 482 22.94 -28.66 -12.42
C GLN C 482 23.10 -27.17 -12.11
N HIS C 483 23.85 -26.82 -11.05
CA HIS C 483 24.36 -25.45 -10.91
C HIS C 483 25.70 -25.48 -10.17
N ASP C 484 26.38 -24.33 -10.11
CA ASP C 484 27.74 -24.28 -9.58
C ASP C 484 27.73 -24.51 -8.06
N GLY C 485 26.70 -24.03 -7.37
CA GLY C 485 26.49 -24.29 -5.95
C GLY C 485 26.47 -25.78 -5.62
N LEU C 486 25.93 -26.61 -6.51
CA LEU C 486 25.88 -28.05 -6.25
C LEU C 486 27.16 -28.74 -6.74
N PRO C 487 27.53 -29.91 -6.17
CA PRO C 487 28.53 -30.76 -6.80
C PRO C 487 27.92 -31.37 -8.05
N GLU C 488 28.76 -32.05 -8.84
CA GLU C 488 28.32 -32.58 -10.12
C GLU C 488 27.23 -33.62 -9.92
N TRP C 489 26.11 -33.51 -10.64
CA TRP C 489 24.95 -34.32 -10.36
C TRP C 489 24.65 -35.20 -11.58
N PRO C 490 24.98 -36.50 -11.57
CA PRO C 490 24.65 -37.39 -12.69
C PRO C 490 23.17 -37.70 -12.69
N ARG C 491 22.65 -37.90 -13.90
CA ARG C 491 21.32 -38.40 -14.13
C ARG C 491 21.13 -39.71 -13.38
N TYR C 492 19.90 -39.94 -12.90
CA TYR C 492 19.59 -41.20 -12.28
C TYR C 492 19.56 -42.28 -13.36
N ASP C 493 20.19 -43.42 -13.09
CA ASP C 493 20.28 -44.49 -14.07
C ASP C 493 20.29 -45.78 -13.28
N LEU C 494 19.89 -46.87 -13.97
CA LEU C 494 19.77 -48.18 -13.37
C LEU C 494 21.15 -48.71 -12.99
N GLU C 495 22.21 -48.29 -13.69
CA GLU C 495 23.57 -48.73 -13.30
C GLU C 495 23.99 -48.02 -12.00
N GLU C 496 24.44 -46.77 -12.08
CA GLU C 496 24.94 -45.99 -10.91
C GLU C 496 23.86 -45.72 -9.84
N ARG C 497 22.61 -45.43 -10.23
CA ARG C 497 21.55 -45.05 -9.26
C ARG C 497 21.98 -43.82 -8.46
N ALA C 498 22.60 -42.84 -9.11
CA ALA C 498 23.10 -41.61 -8.43
C ALA C 498 21.95 -40.81 -7.83
N VAL C 499 22.15 -40.27 -6.63
CA VAL C 499 21.12 -39.46 -5.95
C VAL C 499 21.80 -38.23 -5.32
N MET C 500 21.36 -37.01 -5.66
CA MET C 500 21.92 -35.83 -5.02
C MET C 500 21.35 -35.74 -3.61
N VAL C 501 22.21 -35.49 -2.63
CA VAL C 501 21.77 -35.29 -1.26
C VAL C 501 21.89 -33.82 -0.89
N PHE C 502 20.76 -33.17 -0.61
CA PHE C 502 20.77 -31.79 -0.17
C PHE C 502 20.96 -31.74 1.35
N ALA C 503 22.01 -31.04 1.74
CA ALA C 503 22.48 -30.89 3.11
C ALA C 503 23.30 -29.60 3.18
N VAL C 504 23.74 -29.20 4.38
CA VAL C 504 24.58 -28.03 4.48
C VAL C 504 25.77 -28.18 3.54
N GLU C 505 26.34 -29.39 3.49
CA GLU C 505 27.29 -29.74 2.44
C GLU C 505 26.63 -30.78 1.54
N PRO C 506 26.18 -30.40 0.33
CA PRO C 506 25.54 -31.36 -0.56
C PRO C 506 26.56 -32.38 -1.05
N ARG C 507 26.12 -33.63 -1.22
CA ARG C 507 26.96 -34.70 -1.71
C ARG C 507 26.09 -35.63 -2.58
N VAL C 508 26.77 -36.36 -3.47
CA VAL C 508 26.13 -37.40 -4.27
C VAL C 508 26.31 -38.76 -3.62
N GLU C 509 25.20 -39.51 -3.49
CA GLU C 509 25.21 -40.88 -3.03
C GLU C 509 24.69 -41.77 -4.14
N ARG C 510 25.41 -42.86 -4.41
CA ARG C 510 25.04 -43.82 -5.45
C ARG C 510 24.42 -45.07 -4.80
N ASP C 511 23.20 -45.42 -5.25
CA ASP C 511 22.43 -46.55 -4.75
C ASP C 511 22.35 -46.51 -3.21
N PRO C 512 21.88 -45.41 -2.61
CA PRO C 512 21.81 -45.31 -1.15
C PRO C 512 20.81 -46.27 -0.53
N TRP C 513 19.77 -46.69 -1.28
CA TRP C 513 18.73 -47.53 -0.72
C TRP C 513 18.91 -49.01 -1.12
N ARG C 514 20.14 -49.37 -1.47
CA ARG C 514 20.40 -50.67 -2.08
C ARG C 514 19.98 -51.81 -1.15
N ALA C 515 20.42 -51.72 0.10
CA ALA C 515 20.08 -52.75 1.08
C ALA C 515 18.56 -52.89 1.17
N GLU C 516 17.86 -51.77 1.24
CA GLU C 516 16.42 -51.81 1.36
C GLU C 516 15.77 -52.40 0.11
N ARG C 517 16.24 -52.03 -1.08
CA ARG C 517 15.59 -52.46 -2.31
C ARG C 517 15.62 -54.00 -2.38
N GLU C 518 16.75 -54.60 -1.96
CA GLU C 518 16.91 -56.03 -2.01
C GLU C 518 15.94 -56.70 -1.03
N VAL C 519 15.88 -56.18 0.21
CA VAL C 519 15.12 -56.82 1.27
C VAL C 519 13.65 -56.71 0.99
N TRP C 520 13.21 -55.59 0.43
CA TRP C 520 11.81 -55.45 0.08
C TRP C 520 11.43 -56.42 -1.04
N ALA C 521 12.36 -56.67 -1.95
CA ALA C 521 12.08 -57.50 -3.12
C ALA C 521 12.13 -58.97 -2.69
N ALA C 522 13.08 -59.33 -1.84
CA ALA C 522 13.27 -60.68 -1.34
C ALA C 522 12.97 -60.70 0.16
N GLU D 29 9.14 -7.86 -32.17
CA GLU D 29 7.76 -8.19 -31.73
C GLU D 29 7.06 -6.95 -31.19
N LEU D 30 5.72 -7.01 -31.13
CA LEU D 30 4.93 -5.99 -30.44
C LEU D 30 4.09 -6.65 -29.37
N HIS D 31 4.10 -6.05 -28.17
CA HIS D 31 3.24 -6.50 -27.10
C HIS D 31 2.41 -5.32 -26.59
N ASP D 32 1.19 -5.66 -26.18
CA ASP D 32 0.24 -4.72 -25.58
C ASP D 32 0.76 -4.22 -24.25
N VAL D 33 0.57 -2.92 -23.98
CA VAL D 33 0.90 -2.34 -22.68
C VAL D 33 -0.29 -1.50 -22.26
N ILE D 34 -0.82 -1.76 -21.04
CA ILE D 34 -2.07 -1.12 -20.60
C ILE D 34 -1.76 -0.11 -19.50
N VAL D 35 -2.26 1.11 -19.68
CA VAL D 35 -2.02 2.21 -18.76
C VAL D 35 -3.37 2.82 -18.44
N GLU D 36 -3.50 3.40 -17.24
CA GLU D 36 -4.78 3.89 -16.77
C GLU D 36 -4.73 5.40 -16.72
N THR D 37 -5.68 6.03 -17.42
CA THR D 37 -5.92 7.44 -17.30
C THR D 37 -6.89 7.63 -16.15
N ARG D 38 -7.11 8.89 -15.74
CA ARG D 38 -8.12 9.19 -14.74
C ARG D 38 -9.49 8.71 -15.21
N TYR D 39 -9.71 8.65 -16.53
CA TYR D 39 -11.01 8.30 -17.08
C TYR D 39 -11.09 6.80 -17.34
N GLY D 40 -9.97 6.13 -17.55
CA GLY D 40 -10.03 4.71 -17.88
C GLY D 40 -8.71 4.19 -18.45
N ALA D 41 -8.68 2.86 -18.65
CA ALA D 41 -7.51 2.17 -19.15
C ALA D 41 -7.42 2.32 -20.65
N VAL D 42 -6.18 2.37 -21.17
CA VAL D 42 -5.89 2.38 -22.60
C VAL D 42 -4.85 1.30 -22.90
N ARG D 43 -5.02 0.64 -24.06
CA ARG D 43 -4.16 -0.46 -24.49
C ARG D 43 -3.26 0.00 -25.63
N GLY D 44 -1.96 0.15 -25.36
CA GLY D 44 -0.97 0.59 -26.34
C GLY D 44 0.03 -0.54 -26.65
N ARG D 45 1.04 -0.23 -27.47
CA ARG D 45 1.90 -1.26 -28.05
C ARG D 45 3.35 -0.90 -27.71
N SER D 46 4.19 -1.93 -27.51
CA SER D 46 5.58 -1.75 -27.17
C SER D 46 6.43 -2.84 -27.82
N ASP D 47 7.60 -2.46 -28.33
CA ASP D 47 8.62 -3.41 -28.73
C ASP D 47 9.55 -3.69 -27.55
N GLY D 48 9.31 -3.00 -26.42
CA GLY D 48 10.16 -3.10 -25.25
C GLY D 48 11.22 -2.00 -25.17
N THR D 49 11.44 -1.29 -26.28
CA THR D 49 12.36 -0.16 -26.31
C THR D 49 11.51 1.13 -26.24
N VAL D 50 10.39 1.16 -26.96
CA VAL D 50 9.54 2.35 -27.03
C VAL D 50 8.10 1.90 -26.93
N CYS D 51 7.27 2.78 -26.37
CA CYS D 51 5.84 2.52 -26.20
C CYS D 51 5.06 3.61 -26.94
N VAL D 52 3.91 3.22 -27.53
CA VAL D 52 3.06 4.20 -28.21
C VAL D 52 1.60 3.93 -27.85
N TRP D 53 0.90 5.03 -27.53
CA TRP D 53 -0.55 5.00 -27.33
C TRP D 53 -1.18 6.00 -28.28
N LYS D 54 -2.13 5.48 -29.06
CA LYS D 54 -2.72 6.27 -30.12
C LYS D 54 -4.19 6.42 -29.83
N GLY D 55 -4.73 7.59 -30.12
CA GLY D 55 -6.17 7.77 -30.11
C GLY D 55 -6.72 7.80 -28.68
N VAL D 56 -5.92 8.33 -27.76
CA VAL D 56 -6.34 8.51 -26.37
C VAL D 56 -7.19 9.78 -26.30
N PRO D 57 -8.43 9.72 -25.76
CA PRO D 57 -9.30 10.89 -25.71
C PRO D 57 -9.00 11.80 -24.52
N PHE D 58 -8.88 13.11 -24.78
CA PHE D 58 -8.61 14.08 -23.72
C PHE D 58 -9.87 14.90 -23.42
N ALA D 59 -10.93 14.70 -24.24
CA ALA D 59 -12.15 15.44 -24.10
C ALA D 59 -13.33 14.60 -24.54
N ARG D 60 -14.52 15.05 -24.15
CA ARG D 60 -15.73 14.51 -24.73
C ARG D 60 -15.80 14.87 -26.20
N PRO D 61 -16.38 14.00 -27.06
CA PRO D 61 -16.62 14.39 -28.45
C PRO D 61 -17.42 15.70 -28.53
N PRO D 62 -16.91 16.72 -29.27
CA PRO D 62 -17.59 18.02 -29.36
C PRO D 62 -18.64 17.99 -30.47
N VAL D 63 -19.71 17.22 -30.21
CA VAL D 63 -20.73 16.94 -31.19
C VAL D 63 -22.11 17.21 -30.60
N GLY D 64 -23.08 17.49 -31.48
CA GLY D 64 -24.45 17.77 -31.07
C GLY D 64 -24.50 19.00 -30.18
N PRO D 65 -24.99 18.87 -28.92
CA PRO D 65 -25.01 19.99 -27.97
C PRO D 65 -23.62 20.51 -27.61
N LEU D 66 -22.60 19.64 -27.69
CA LEU D 66 -21.22 20.02 -27.36
C LEU D 66 -20.55 20.76 -28.52
N ARG D 67 -21.14 20.67 -29.72
CA ARG D 67 -20.64 21.43 -30.86
C ARG D 67 -20.70 22.92 -30.53
N PHE D 68 -19.64 23.64 -30.95
CA PHE D 68 -19.48 25.06 -30.74
C PHE D 68 -19.42 25.39 -29.25
N ARG D 69 -19.06 24.42 -28.40
CA ARG D 69 -18.94 24.68 -26.98
C ARG D 69 -17.52 24.37 -26.51
N PRO D 70 -17.05 24.90 -25.36
CA PRO D 70 -15.74 24.51 -24.79
C PRO D 70 -15.57 23.02 -24.55
N PRO D 71 -14.31 22.51 -24.64
CA PRO D 71 -14.04 21.09 -24.47
C PRO D 71 -14.30 20.65 -23.03
N GLU D 72 -14.86 19.45 -22.85
CA GLU D 72 -15.14 18.95 -21.52
C GLU D 72 -14.41 17.63 -21.32
N PRO D 73 -13.99 17.30 -20.10
CA PRO D 73 -13.33 16.03 -19.83
C PRO D 73 -14.16 14.84 -20.27
N PRO D 74 -13.49 13.75 -20.72
CA PRO D 74 -14.18 12.61 -21.29
C PRO D 74 -14.97 11.83 -20.26
N GLU D 75 -16.03 11.18 -20.72
CA GLU D 75 -16.83 10.26 -19.92
C GLU D 75 -16.00 9.06 -19.50
N PRO D 76 -15.99 8.67 -18.19
CA PRO D 76 -15.13 7.58 -17.73
C PRO D 76 -15.59 6.24 -18.33
N TRP D 77 -14.66 5.32 -18.58
CA TRP D 77 -15.04 4.04 -19.17
C TRP D 77 -14.52 2.91 -18.31
N SER D 78 -15.36 1.87 -18.24
CA SER D 78 -14.95 0.59 -17.71
C SER D 78 -14.26 -0.19 -18.84
N GLY D 79 -13.36 -1.08 -18.46
CA GLY D 79 -12.66 -1.91 -19.45
C GLY D 79 -11.43 -1.21 -19.99
N VAL D 80 -10.78 -1.83 -20.98
CA VAL D 80 -9.53 -1.24 -21.52
C VAL D 80 -9.85 -0.66 -22.90
N ARG D 81 -9.63 0.64 -23.07
CA ARG D 81 -9.84 1.29 -24.38
C ARG D 81 -8.73 0.85 -25.36
N ASP D 82 -9.06 0.73 -26.64
CA ASP D 82 -8.03 0.43 -27.65
C ASP D 82 -7.22 1.70 -27.92
N ALA D 83 -5.90 1.63 -27.75
CA ALA D 83 -5.02 2.76 -28.10
C ALA D 83 -4.03 2.33 -29.18
N THR D 84 -4.45 1.37 -30.02
CA THR D 84 -3.56 0.77 -31.02
C THR D 84 -3.63 1.60 -32.30
N ARG D 85 -4.76 2.30 -32.50
CA ARG D 85 -5.06 3.00 -33.75
C ARG D 85 -5.38 4.47 -33.48
N PHE D 86 -5.01 5.31 -34.43
CA PHE D 86 -5.17 6.76 -34.30
C PHE D 86 -6.66 7.05 -34.33
N GLY D 87 -7.09 8.10 -33.62
CA GLY D 87 -8.45 8.61 -33.76
C GLY D 87 -8.69 9.26 -35.14
N PRO D 88 -9.95 9.47 -35.53
CA PRO D 88 -10.28 10.36 -36.64
C PRO D 88 -9.80 11.81 -36.48
N ALA D 89 -9.37 12.41 -37.61
CA ALA D 89 -8.94 13.80 -37.68
C ALA D 89 -10.16 14.72 -37.70
N SER D 90 -9.90 16.00 -37.35
CA SER D 90 -10.93 17.05 -37.42
C SER D 90 -11.38 17.24 -38.85
N VAL D 91 -12.68 17.53 -39.07
CA VAL D 91 -13.17 17.68 -40.43
C VAL D 91 -12.48 18.85 -41.11
N GLN D 92 -11.94 18.62 -42.33
CA GLN D 92 -11.04 19.59 -42.94
C GLN D 92 -11.11 19.53 -44.48
N PRO D 93 -10.74 20.64 -45.16
CA PRO D 93 -10.50 20.62 -46.62
C PRO D 93 -9.24 19.82 -46.90
N GLU D 94 -9.14 19.30 -48.12
CA GLU D 94 -7.93 18.62 -48.54
C GLU D 94 -6.83 19.67 -48.71
N ASP D 95 -5.61 19.34 -48.28
CA ASP D 95 -4.48 20.25 -48.49
C ASP D 95 -3.59 19.67 -49.58
N ARG D 96 -3.86 20.10 -50.81
CA ARG D 96 -3.35 19.42 -51.99
C ARG D 96 -1.86 19.69 -52.10
N LEU D 97 -1.48 20.96 -51.86
CA LEU D 97 -0.12 21.45 -52.00
C LEU D 97 0.85 20.52 -51.27
N ILE D 98 0.65 20.33 -49.96
CA ILE D 98 1.54 19.44 -49.21
C ILE D 98 1.36 18.00 -49.71
N SER D 99 0.09 17.61 -49.95
CA SER D 99 -0.26 16.20 -50.12
C SER D 99 0.39 15.61 -51.38
N ASN D 100 0.40 16.40 -52.46
CA ASN D 100 0.89 15.92 -53.75
C ASN D 100 2.38 15.67 -53.68
N LEU D 101 3.12 16.58 -53.02
CA LEU D 101 4.55 16.40 -52.79
C LEU D 101 4.81 15.20 -51.86
N THR D 102 4.00 15.09 -50.81
CA THR D 102 4.14 14.03 -49.83
C THR D 102 3.32 12.84 -50.31
N GLY D 103 3.27 11.78 -49.48
CA GLY D 103 2.30 10.72 -49.67
C GLY D 103 0.89 11.30 -49.69
N GLY D 104 0.57 12.05 -48.63
CA GLY D 104 -0.67 12.82 -48.57
C GLY D 104 -1.91 11.98 -48.90
N ALA D 105 -2.14 10.88 -48.16
CA ALA D 105 -3.36 10.10 -48.30
C ALA D 105 -4.47 10.74 -47.47
N THR D 106 -5.72 10.58 -47.92
CA THR D 106 -6.86 11.28 -47.33
C THR D 106 -7.00 10.85 -45.87
N LEU D 107 -7.26 11.79 -44.96
CA LEU D 107 -7.34 11.43 -43.55
C LEU D 107 -8.77 10.95 -43.30
N PRO D 108 -8.99 9.88 -42.50
CA PRO D 108 -10.33 9.60 -41.95
C PRO D 108 -10.65 10.76 -41.01
N GLN D 109 -11.91 11.21 -41.05
CA GLN D 109 -12.27 12.47 -40.42
C GLN D 109 -13.61 12.36 -39.74
N ASP D 110 -13.73 12.98 -38.59
CA ASP D 110 -15.00 13.02 -37.86
C ASP D 110 -14.98 14.24 -36.96
N GLU D 111 -16.18 14.78 -36.72
CA GLU D 111 -16.33 15.87 -35.77
C GLU D 111 -15.81 15.44 -34.39
N ASP D 112 -15.93 14.15 -34.08
CA ASP D 112 -15.35 13.55 -32.88
C ASP D 112 -13.85 13.28 -33.11
N CYS D 113 -13.04 14.30 -32.83
CA CYS D 113 -11.65 14.31 -33.26
C CYS D 113 -10.68 14.56 -32.09
N LEU D 114 -11.18 14.74 -30.86
CA LEU D 114 -10.30 15.18 -29.80
C LEU D 114 -9.52 14.01 -29.19
N TYR D 115 -8.34 13.74 -29.77
CA TYR D 115 -7.50 12.63 -29.35
C TYR D 115 -6.07 13.11 -29.35
N LEU D 116 -5.28 12.55 -28.45
CA LEU D 116 -3.84 12.77 -28.45
C LEU D 116 -3.11 11.41 -28.49
N ASN D 117 -1.84 11.46 -28.84
CA ASN D 117 -1.02 10.26 -29.03
C ASN D 117 0.26 10.46 -28.24
N ILE D 118 0.71 9.37 -27.59
CA ILE D 118 1.82 9.45 -26.66
C ILE D 118 2.90 8.43 -27.06
N TRP D 119 4.14 8.91 -27.13
CA TRP D 119 5.31 8.08 -27.27
C TRP D 119 6.19 8.24 -26.03
N SER D 120 6.65 7.12 -25.48
CA SER D 120 7.42 7.09 -24.26
C SER D 120 8.37 5.91 -24.30
N PRO D 121 9.57 6.02 -23.69
CA PRO D 121 10.44 4.85 -23.49
C PRO D 121 9.75 3.77 -22.68
N SER D 122 9.07 4.19 -21.59
CA SER D 122 8.47 3.29 -20.63
C SER D 122 7.39 4.00 -19.81
N PRO D 123 6.32 3.32 -19.37
CA PRO D 123 5.35 3.92 -18.45
C PRO D 123 5.97 4.24 -17.09
N ASP D 124 7.01 3.48 -16.75
CA ASP D 124 7.74 3.75 -15.49
C ASP D 124 8.67 4.95 -15.69
N GLY D 125 9.02 5.65 -14.61
CA GLY D 125 9.89 6.85 -14.69
C GLY D 125 9.13 8.14 -14.88
N ARG D 126 9.85 9.27 -14.86
CA ARG D 126 9.23 10.62 -14.98
C ARG D 126 10.13 11.45 -15.88
N ARG D 127 9.84 11.48 -17.17
CA ARG D 127 10.70 12.10 -18.16
C ARG D 127 10.19 13.50 -18.54
N PRO D 128 11.03 14.37 -19.15
CA PRO D 128 10.54 15.59 -19.77
C PRO D 128 9.54 15.24 -20.87
N VAL D 129 8.55 16.13 -21.08
CA VAL D 129 7.44 15.90 -21.98
C VAL D 129 7.48 17.01 -23.05
N MET D 130 7.29 16.60 -24.31
CA MET D 130 7.26 17.52 -25.45
C MET D 130 5.88 17.44 -26.07
N VAL D 131 5.17 18.60 -26.19
CA VAL D 131 3.79 18.58 -26.67
C VAL D 131 3.73 19.30 -28.00
N TRP D 132 3.28 18.62 -29.07
CA TRP D 132 3.30 19.17 -30.42
C TRP D 132 1.94 19.70 -30.85
N ILE D 133 1.95 20.95 -31.34
CA ILE D 133 0.78 21.55 -32.02
C ILE D 133 1.05 21.63 -33.51
N HIS D 134 0.26 20.92 -34.32
CA HIS D 134 0.45 20.87 -35.77
C HIS D 134 0.01 22.18 -36.40
N GLY D 135 0.58 22.46 -37.58
CA GLY D 135 0.20 23.57 -38.40
C GLY D 135 -0.78 23.14 -39.48
N GLY D 136 -1.03 24.06 -40.43
CA GLY D 136 -2.03 23.87 -41.48
C GLY D 136 -3.10 24.96 -41.47
N ALA D 137 -2.73 26.20 -41.12
CA ALA D 137 -3.57 27.39 -41.33
C ALA D 137 -4.86 27.42 -40.49
N TYR D 138 -4.92 26.64 -39.41
CA TYR D 138 -6.07 26.53 -38.53
C TYR D 138 -7.21 25.81 -39.26
N LEU D 139 -6.91 25.18 -40.41
CA LEU D 139 -7.92 24.55 -41.27
C LEU D 139 -7.63 23.05 -41.49
N THR D 140 -6.33 22.68 -41.47
CA THR D 140 -5.94 21.31 -41.78
C THR D 140 -4.89 20.83 -40.80
N GLY D 141 -4.59 19.52 -40.92
CA GLY D 141 -3.55 18.84 -40.19
C GLY D 141 -4.12 17.89 -39.15
N ALA D 142 -3.24 17.15 -38.51
CA ALA D 142 -3.58 16.26 -37.41
C ALA D 142 -2.27 15.83 -36.74
N GLY D 143 -2.39 15.37 -35.49
CA GLY D 143 -1.27 14.84 -34.77
C GLY D 143 -0.80 13.52 -35.40
N SER D 144 -1.69 12.87 -36.13
CA SER D 144 -1.47 11.53 -36.64
C SER D 144 -0.59 11.54 -37.90
N ILE D 145 -0.29 12.72 -38.45
CA ILE D 145 0.53 12.79 -39.67
C ILE D 145 1.90 12.11 -39.42
N PRO D 146 2.43 11.29 -40.37
CA PRO D 146 3.65 10.50 -40.14
C PRO D 146 4.94 11.26 -39.81
N TRP D 147 5.09 12.46 -40.34
CA TRP D 147 6.30 13.25 -40.10
C TRP D 147 6.37 13.71 -38.65
N TYR D 148 5.23 13.64 -37.93
CA TYR D 148 5.17 14.04 -36.53
C TYR D 148 5.29 12.84 -35.60
N ASP D 149 5.63 11.66 -36.16
CA ASP D 149 5.82 10.49 -35.32
C ASP D 149 6.92 10.78 -34.29
N GLY D 150 6.57 10.43 -33.04
CA GLY D 150 7.35 10.77 -31.86
C GLY D 150 8.33 9.67 -31.48
N THR D 151 8.32 8.51 -32.18
CA THR D 151 9.17 7.39 -31.81
C THR D 151 10.62 7.82 -31.64
N ALA D 152 11.16 8.52 -32.65
CA ALA D 152 12.60 8.79 -32.65
C ALA D 152 12.96 9.78 -31.56
N LEU D 153 12.14 10.79 -31.35
CA LEU D 153 12.36 11.76 -30.27
C LEU D 153 12.39 11.04 -28.91
N ALA D 154 11.41 10.17 -28.68
CA ALA D 154 11.32 9.47 -27.42
C ALA D 154 12.56 8.60 -27.19
N ARG D 155 12.95 7.84 -28.22
CA ARG D 155 14.05 6.91 -28.13
C ARG D 155 15.37 7.65 -27.92
N GLU D 156 15.64 8.63 -28.77
CA GLU D 156 16.90 9.34 -28.74
C GLU D 156 16.96 10.21 -27.47
N GLY D 157 15.85 10.85 -27.07
CA GLY D 157 15.91 11.91 -26.06
C GLY D 157 15.52 11.48 -24.64
N ASP D 158 15.00 10.25 -24.51
CA ASP D 158 14.45 9.76 -23.25
C ASP D 158 13.36 10.73 -22.77
N VAL D 159 12.41 11.02 -23.66
CA VAL D 159 11.40 12.03 -23.42
C VAL D 159 10.07 11.43 -23.82
N VAL D 160 8.98 12.03 -23.31
CA VAL D 160 7.65 11.67 -23.72
C VAL D 160 7.21 12.70 -24.74
N VAL D 161 6.66 12.22 -25.87
CA VAL D 161 6.21 13.09 -26.96
C VAL D 161 4.70 12.94 -27.06
N VAL D 162 4.01 14.09 -27.14
CA VAL D 162 2.56 14.08 -27.28
C VAL D 162 2.21 14.86 -28.54
N THR D 163 1.38 14.26 -29.40
CA THR D 163 0.81 14.97 -30.54
C THR D 163 -0.70 14.95 -30.36
N LEU D 164 -1.36 16.00 -30.85
CA LEU D 164 -2.76 16.20 -30.53
C LEU D 164 -3.50 16.76 -31.73
N ASN D 165 -4.81 16.56 -31.66
CA ASN D 165 -5.75 17.20 -32.57
C ASN D 165 -6.53 18.26 -31.79
N TYR D 166 -6.88 19.34 -32.53
CA TYR D 166 -7.68 20.43 -32.03
C TYR D 166 -8.69 20.71 -33.13
N ARG D 167 -9.83 21.27 -32.74
CA ARG D 167 -10.88 21.56 -33.72
C ARG D 167 -10.35 22.58 -34.73
N LEU D 168 -10.63 22.32 -36.01
CA LEU D 168 -10.10 23.12 -37.11
C LEU D 168 -11.25 23.82 -37.79
N GLY D 169 -10.92 24.93 -38.46
CA GLY D 169 -11.86 25.54 -39.38
C GLY D 169 -13.00 26.18 -38.62
N ALA D 170 -14.21 26.07 -39.20
CA ALA D 170 -15.35 26.75 -38.62
C ALA D 170 -15.68 26.21 -37.22
N LEU D 171 -15.52 24.90 -37.07
CA LEU D 171 -15.86 24.22 -35.84
C LEU D 171 -14.92 24.63 -34.71
N GLY D 172 -13.70 25.07 -35.05
CA GLY D 172 -12.71 25.49 -34.08
C GLY D 172 -12.60 27.00 -33.91
N PHE D 173 -12.91 27.82 -34.96
CA PHE D 173 -12.48 29.21 -34.95
C PHE D 173 -13.56 30.18 -35.46
N LEU D 174 -14.77 29.72 -35.74
CA LEU D 174 -15.83 30.64 -36.17
C LEU D 174 -16.30 31.48 -34.95
N TYR D 175 -16.17 32.80 -35.08
CA TYR D 175 -16.63 33.75 -34.08
C TYR D 175 -18.13 33.98 -34.22
N LEU D 176 -18.93 33.45 -33.26
CA LEU D 176 -20.39 33.47 -33.35
C LEU D 176 -20.99 34.46 -32.35
N GLU D 177 -20.13 35.21 -31.66
CA GLU D 177 -20.57 36.03 -30.55
C GLU D 177 -21.59 37.06 -31.02
N ASP D 178 -21.32 37.73 -32.14
CA ASP D 178 -22.22 38.75 -32.66
C ASP D 178 -23.51 38.10 -33.18
N ALA D 179 -23.38 37.00 -33.92
CA ALA D 179 -24.52 36.40 -34.57
C ALA D 179 -25.43 35.65 -33.60
N PHE D 180 -24.86 34.95 -32.60
CA PHE D 180 -25.66 34.05 -31.78
C PHE D 180 -25.58 34.40 -30.28
N GLY D 181 -24.75 35.37 -29.90
CA GLY D 181 -24.76 35.87 -28.53
C GLY D 181 -23.93 35.03 -27.55
N PRO D 182 -24.18 35.18 -26.22
CA PRO D 182 -23.21 34.82 -25.19
C PRO D 182 -22.90 33.36 -24.92
N GLU D 183 -23.78 32.44 -25.34
CA GLU D 183 -23.49 31.01 -25.21
C GLU D 183 -22.23 30.66 -26.02
N PHE D 184 -21.93 31.49 -27.00
CA PHE D 184 -20.83 31.28 -27.94
C PHE D 184 -19.70 32.23 -27.57
N THR D 185 -19.63 32.70 -26.31
CA THR D 185 -18.44 33.40 -25.83
C THR D 185 -17.24 32.46 -25.96
N GLY D 186 -16.12 32.96 -26.53
CA GLY D 186 -14.94 32.15 -26.81
C GLY D 186 -15.00 31.28 -28.08
N SER D 187 -16.06 31.39 -28.88
CA SER D 187 -16.28 30.53 -30.05
C SER D 187 -15.14 30.65 -31.09
N GLY D 188 -14.55 31.84 -31.16
CA GLY D 188 -13.44 32.11 -32.05
C GLY D 188 -12.17 31.32 -31.69
N ASN D 189 -12.03 30.85 -30.45
CA ASN D 189 -10.81 30.23 -29.94
C ASN D 189 -11.07 28.80 -29.44
N LEU D 190 -12.11 28.16 -29.94
CA LEU D 190 -12.42 26.79 -29.51
C LEU D 190 -11.23 25.84 -29.66
N GLY D 191 -10.51 25.97 -30.80
CA GLY D 191 -9.34 25.16 -31.07
C GLY D 191 -8.26 25.35 -30.01
N ILE D 192 -8.09 26.59 -29.58
CA ILE D 192 -7.11 26.94 -28.58
C ILE D 192 -7.54 26.30 -27.26
N LEU D 193 -8.85 26.37 -26.93
CA LEU D 193 -9.36 25.79 -25.71
C LEU D 193 -9.15 24.27 -25.71
N ASP D 194 -9.25 23.63 -26.88
CA ASP D 194 -8.90 22.22 -27.03
C ASP D 194 -7.41 22.00 -26.68
N GLN D 195 -6.53 22.89 -27.18
CA GLN D 195 -5.12 22.72 -26.91
C GLN D 195 -4.86 22.86 -25.43
N ILE D 196 -5.56 23.78 -24.78
CA ILE D 196 -5.40 23.97 -23.35
C ILE D 196 -5.88 22.72 -22.59
N ALA D 197 -7.03 22.18 -23.03
CA ALA D 197 -7.58 20.98 -22.44
C ALA D 197 -6.59 19.82 -22.56
N ALA D 198 -5.91 19.71 -23.71
CA ALA D 198 -4.97 18.61 -23.89
C ALA D 198 -3.83 18.75 -22.91
N LEU D 199 -3.40 19.99 -22.68
CA LEU D 199 -2.27 20.25 -21.75
C LEU D 199 -2.72 19.89 -20.33
N ARG D 200 -3.97 20.23 -19.99
CA ARG D 200 -4.50 19.89 -18.66
C ARG D 200 -4.54 18.36 -18.52
N TRP D 201 -4.93 17.67 -19.59
CA TRP D 201 -4.93 16.18 -19.57
C TRP D 201 -3.51 15.70 -19.30
N VAL D 202 -2.53 16.29 -19.98
CA VAL D 202 -1.16 15.83 -19.80
C VAL D 202 -0.72 16.08 -18.37
N ARG D 203 -1.03 17.26 -17.83
CA ARG D 203 -0.66 17.55 -16.45
C ARG D 203 -1.21 16.46 -15.53
N GLU D 204 -2.47 16.09 -15.75
CA GLU D 204 -3.23 15.16 -14.92
C GLU D 204 -2.75 13.71 -15.08
N ASN D 205 -2.37 13.28 -16.29
CA ASN D 205 -2.27 11.85 -16.61
C ASN D 205 -0.89 11.40 -17.10
N ILE D 206 0.05 12.35 -17.34
CA ILE D 206 1.26 12.03 -18.08
C ILE D 206 2.14 11.09 -17.26
N ALA D 207 2.00 11.13 -15.92
CA ALA D 207 2.83 10.33 -15.03
C ALA D 207 2.72 8.85 -15.37
N ALA D 208 1.50 8.42 -15.66
CA ALA D 208 1.17 7.05 -15.96
C ALA D 208 1.86 6.58 -17.25
N PHE D 209 2.19 7.51 -18.13
CA PHE D 209 2.89 7.17 -19.36
C PHE D 209 4.39 7.47 -19.24
N GLY D 210 4.87 7.78 -18.03
CA GLY D 210 6.30 7.93 -17.83
C GLY D 210 6.77 9.38 -17.97
N GLY D 211 5.82 10.32 -17.94
CA GLY D 211 6.15 11.72 -18.12
C GLY D 211 6.13 12.47 -16.79
N ASP D 212 6.87 13.58 -16.81
CA ASP D 212 6.90 14.53 -15.71
C ASP D 212 6.01 15.72 -16.00
N PRO D 213 4.90 15.89 -15.25
CA PRO D 213 3.97 17.02 -15.45
C PRO D 213 4.56 18.38 -15.18
N ASP D 214 5.60 18.42 -14.35
CA ASP D 214 6.29 19.67 -14.06
C ASP D 214 7.35 19.99 -15.12
N ARG D 215 7.70 19.03 -15.99
CA ARG D 215 8.62 19.30 -17.09
C ARG D 215 7.89 19.16 -18.43
N VAL D 216 7.18 20.19 -18.86
CA VAL D 216 6.43 20.12 -20.11
C VAL D 216 6.93 21.24 -21.00
N THR D 217 7.35 20.89 -22.22
CA THR D 217 7.69 21.84 -23.26
C THR D 217 6.63 21.77 -24.35
N ILE D 218 6.17 22.94 -24.85
CA ILE D 218 5.29 22.95 -26.02
C ILE D 218 6.08 23.34 -27.27
N PHE D 219 5.79 22.71 -28.40
CA PHE D 219 6.42 23.09 -29.66
C PHE D 219 5.37 23.03 -30.78
N GLY D 220 5.47 23.96 -31.74
CA GLY D 220 4.55 23.99 -32.89
C GLY D 220 5.23 24.58 -34.11
N GLU D 221 4.67 24.29 -35.30
CA GLU D 221 5.11 24.91 -36.55
C GLU D 221 3.92 25.59 -37.25
N SER D 222 4.19 26.73 -37.88
CA SER D 222 3.22 27.47 -38.68
C SER D 222 2.05 27.91 -37.82
N ALA D 223 0.82 27.52 -38.18
CA ALA D 223 -0.36 27.83 -37.38
C ALA D 223 -0.23 27.21 -35.98
N GLY D 224 0.53 26.08 -35.87
CA GLY D 224 0.82 25.49 -34.58
C GLY D 224 1.72 26.37 -33.72
N ALA D 225 2.71 26.99 -34.36
CA ALA D 225 3.53 27.99 -33.71
C ALA D 225 2.75 29.25 -33.38
N GLY D 226 1.80 29.61 -34.24
CA GLY D 226 0.89 30.69 -33.92
C GLY D 226 0.07 30.36 -32.67
N SER D 227 -0.44 29.12 -32.63
CA SER D 227 -1.11 28.58 -31.45
C SER D 227 -0.24 28.66 -30.19
N VAL D 228 1.04 28.31 -30.32
CA VAL D 228 1.99 28.39 -29.21
C VAL D 228 2.08 29.82 -28.70
N GLY D 229 2.24 30.78 -29.63
CA GLY D 229 2.29 32.19 -29.28
C GLY D 229 1.05 32.68 -28.53
N VAL D 230 -0.13 32.17 -28.90
CA VAL D 230 -1.36 32.48 -28.18
C VAL D 230 -1.30 31.87 -26.77
N LEU D 231 -0.76 30.63 -26.66
CA LEU D 231 -0.70 29.97 -25.38
C LEU D 231 0.21 30.71 -24.41
N LEU D 232 1.28 31.33 -24.92
CA LEU D 232 2.13 32.14 -24.08
C LEU D 232 1.36 33.33 -23.49
N ALA D 233 0.35 33.81 -24.22
CA ALA D 233 -0.39 35.01 -23.86
C ALA D 233 -1.55 34.65 -22.94
N ALA D 234 -2.14 33.46 -23.12
CA ALA D 234 -3.41 33.15 -22.50
C ALA D 234 -3.26 32.97 -20.99
N PRO D 235 -4.02 33.71 -20.15
CA PRO D 235 -3.98 33.51 -18.68
C PRO D 235 -4.38 32.10 -18.23
N ALA D 236 -5.36 31.51 -18.94
CA ALA D 236 -5.80 30.18 -18.61
C ALA D 236 -4.69 29.13 -18.81
N ALA D 237 -3.77 29.35 -19.74
CA ALA D 237 -2.73 28.36 -20.08
C ALA D 237 -1.53 28.45 -19.12
N ARG D 238 -1.43 29.56 -18.40
CA ARG D 238 -0.25 29.85 -17.60
C ARG D 238 0.05 28.75 -16.57
N GLY D 239 1.32 28.30 -16.56
CA GLY D 239 1.76 27.23 -15.68
C GLY D 239 1.48 25.82 -16.22
N LEU D 240 0.89 25.68 -17.43
CA LEU D 240 0.82 24.38 -18.08
C LEU D 240 2.12 23.94 -18.76
N PHE D 241 3.09 24.86 -18.94
CA PHE D 241 4.34 24.55 -19.61
C PHE D 241 5.43 25.49 -19.10
N HIS D 242 6.67 24.96 -19.05
CA HIS D 242 7.82 25.71 -18.54
C HIS D 242 8.64 26.28 -19.71
N ARG D 243 8.48 25.67 -20.90
CA ARG D 243 9.26 26.02 -22.06
C ARG D 243 8.44 25.87 -23.34
N ALA D 244 8.79 26.68 -24.36
CA ALA D 244 8.05 26.71 -25.62
C ALA D 244 8.99 26.88 -26.81
N ILE D 245 8.70 26.16 -27.92
CA ILE D 245 9.41 26.31 -29.17
C ILE D 245 8.44 26.76 -30.25
N LEU D 246 8.80 27.82 -31.02
CA LEU D 246 7.95 28.32 -32.09
C LEU D 246 8.72 28.27 -33.40
N GLN D 247 8.27 27.39 -34.31
CA GLN D 247 8.94 27.17 -35.58
C GLN D 247 8.08 27.79 -36.67
N SER D 248 8.65 28.76 -37.41
CA SER D 248 8.00 29.31 -38.57
C SER D 248 6.63 29.89 -38.19
N GLY D 249 6.58 30.59 -37.09
CA GLY D 249 5.32 31.09 -36.56
C GLY D 249 5.54 31.87 -35.27
N SER D 250 4.53 32.67 -34.93
CA SER D 250 4.57 33.56 -33.80
C SER D 250 3.12 33.87 -33.40
N GLY D 251 2.96 34.61 -32.30
CA GLY D 251 1.65 35.01 -31.84
C GLY D 251 0.91 35.87 -32.88
N ALA D 252 1.62 36.53 -33.79
CA ALA D 252 0.97 37.34 -34.82
C ALA D 252 0.24 36.48 -35.85
N LEU D 253 0.68 35.23 -36.09
CA LEU D 253 0.26 34.52 -37.31
C LEU D 253 -1.22 34.11 -37.30
N GLY D 254 -2.05 34.71 -38.17
CA GLY D 254 -3.46 34.37 -38.32
C GLY D 254 -4.39 34.96 -37.23
N VAL D 255 -3.88 35.84 -36.40
CA VAL D 255 -4.66 36.40 -35.29
C VAL D 255 -5.58 37.47 -35.85
N ARG D 256 -6.86 37.43 -35.45
CA ARG D 256 -7.89 38.29 -35.97
C ARG D 256 -8.45 39.17 -34.84
N THR D 257 -8.86 40.39 -35.21
CA THR D 257 -9.65 41.22 -34.31
C THR D 257 -11.04 40.61 -34.25
N ALA D 258 -11.79 40.89 -33.18
CA ALA D 258 -13.16 40.44 -33.09
C ALA D 258 -13.97 40.91 -34.30
N ALA D 259 -13.77 42.18 -34.72
CA ALA D 259 -14.54 42.74 -35.83
C ALA D 259 -14.20 42.03 -37.15
N SER D 260 -12.90 41.81 -37.41
CA SER D 260 -12.47 41.08 -38.60
C SER D 260 -13.09 39.69 -38.59
N ALA D 261 -13.08 39.06 -37.41
CA ALA D 261 -13.55 37.70 -37.28
C ALA D 261 -15.06 37.63 -37.47
N ALA D 262 -15.80 38.63 -36.96
CA ALA D 262 -17.25 38.62 -37.12
C ALA D 262 -17.61 38.84 -38.59
N ARG D 263 -16.84 39.65 -39.32
CA ARG D 263 -17.09 39.84 -40.76
C ARG D 263 -16.91 38.53 -41.53
N VAL D 264 -15.83 37.84 -41.24
CA VAL D 264 -15.57 36.55 -41.86
C VAL D 264 -16.72 35.60 -41.53
N ALA D 265 -17.10 35.54 -40.25
CA ALA D 265 -18.13 34.62 -39.80
C ALA D 265 -19.44 34.83 -40.54
N ALA D 266 -19.82 36.09 -40.76
CA ALA D 266 -21.02 36.41 -41.55
C ALA D 266 -20.95 35.77 -42.95
N ARG D 267 -19.80 35.84 -43.58
CA ARG D 267 -19.61 35.28 -44.92
C ARG D 267 -19.76 33.77 -44.87
N VAL D 268 -19.15 33.15 -43.83
CA VAL D 268 -19.20 31.71 -43.72
C VAL D 268 -20.64 31.26 -43.53
N LEU D 269 -21.38 31.99 -42.70
CA LEU D 269 -22.73 31.59 -42.35
C LEU D 269 -23.59 31.66 -43.61
N GLN D 270 -23.38 32.70 -44.38
CA GLN D 270 -24.06 32.88 -45.65
C GLN D 270 -23.82 31.68 -46.57
N HIS D 271 -22.56 31.27 -46.78
CA HIS D 271 -22.27 30.11 -47.63
C HIS D 271 -22.89 28.85 -47.03
N ALA D 272 -22.79 28.72 -45.70
CA ALA D 272 -23.33 27.58 -44.97
C ALA D 272 -24.83 27.49 -45.14
N GLY D 273 -25.49 28.66 -45.17
CA GLY D 273 -26.93 28.73 -45.30
C GLY D 273 -27.59 28.82 -43.94
N VAL D 274 -26.82 29.22 -42.93
CA VAL D 274 -27.35 29.38 -41.58
C VAL D 274 -27.63 30.87 -41.37
N GLU D 275 -28.88 31.22 -41.06
CA GLU D 275 -29.23 32.60 -40.72
C GLU D 275 -28.70 32.94 -39.33
N PRO D 276 -28.21 34.17 -39.12
CA PRO D 276 -27.75 34.58 -37.79
C PRO D 276 -28.91 34.39 -36.81
N GLY D 277 -28.60 33.81 -35.64
CA GLY D 277 -29.58 33.64 -34.58
C GLY D 277 -30.35 32.32 -34.64
N ASP D 278 -30.15 31.51 -35.70
CA ASP D 278 -30.90 30.27 -35.88
C ASP D 278 -30.08 29.10 -35.29
N ARG D 279 -30.37 28.76 -34.03
CA ARG D 279 -29.57 27.81 -33.27
C ARG D 279 -29.68 26.41 -33.86
N GLU D 280 -30.90 26.07 -34.28
CA GLU D 280 -31.18 24.72 -34.73
C GLU D 280 -30.39 24.47 -36.03
N ALA D 281 -30.44 25.44 -36.97
CA ALA D 281 -29.72 25.31 -38.23
C ALA D 281 -28.21 25.14 -37.97
N LEU D 282 -27.67 25.90 -37.01
CA LEU D 282 -26.26 25.84 -36.66
C LEU D 282 -25.84 24.44 -36.23
N ARG D 283 -26.62 23.83 -35.33
CA ARG D 283 -26.31 22.50 -34.81
C ARG D 283 -26.64 21.43 -35.86
N SER D 284 -27.68 21.69 -36.66
CA SER D 284 -28.14 20.76 -37.67
C SER D 284 -27.12 20.58 -38.81
N LEU D 285 -26.41 21.65 -39.21
CA LEU D 285 -25.55 21.63 -40.39
C LEU D 285 -24.52 20.49 -40.30
N PRO D 286 -24.37 19.64 -41.34
CA PRO D 286 -23.30 18.67 -41.38
C PRO D 286 -21.92 19.31 -41.44
N ALA D 287 -20.96 18.60 -40.85
CA ALA D 287 -19.64 19.13 -40.56
C ALA D 287 -18.92 19.48 -41.85
N ARG D 288 -19.13 18.62 -42.87
CA ARG D 288 -18.52 18.77 -44.18
C ARG D 288 -18.93 20.10 -44.79
N ALA D 289 -20.20 20.50 -44.57
CA ALA D 289 -20.72 21.74 -45.11
C ALA D 289 -19.99 22.93 -44.48
N TRP D 290 -19.58 22.81 -43.22
CA TRP D 290 -18.78 23.85 -42.59
C TRP D 290 -17.43 23.99 -43.29
N ALA D 291 -16.79 22.84 -43.57
CA ALA D 291 -15.54 22.84 -44.31
C ALA D 291 -15.71 23.51 -45.68
N ASN D 292 -16.80 23.19 -46.37
CA ASN D 292 -17.03 23.68 -47.71
C ASN D 292 -17.30 25.19 -47.69
N ALA D 293 -17.99 25.68 -46.65
CA ALA D 293 -18.28 27.11 -46.53
C ALA D 293 -17.01 27.90 -46.34
N VAL D 294 -16.05 27.36 -45.60
CA VAL D 294 -14.78 28.05 -45.40
C VAL D 294 -14.00 28.03 -46.72
N ALA D 295 -14.01 26.88 -47.41
CA ALA D 295 -13.37 26.78 -48.71
C ALA D 295 -13.96 27.82 -49.69
N ALA D 296 -15.27 28.09 -49.58
CA ALA D 296 -15.98 29.05 -50.43
C ALA D 296 -15.46 30.47 -50.26
N LEU D 297 -14.86 30.78 -49.10
CA LEU D 297 -14.34 32.11 -48.90
C LEU D 297 -13.17 32.36 -49.86
N GLY D 298 -12.42 31.29 -50.16
CA GLY D 298 -11.32 31.36 -51.10
C GLY D 298 -9.96 31.28 -50.40
N PRO D 299 -8.86 31.42 -51.14
CA PRO D 299 -7.51 31.24 -50.59
C PRO D 299 -7.12 32.36 -49.62
N GLY D 300 -6.18 32.03 -48.72
CA GLY D 300 -5.80 32.93 -47.64
C GLY D 300 -6.02 32.30 -46.26
N LEU D 301 -6.08 33.16 -45.25
CA LEU D 301 -6.13 32.77 -43.86
C LEU D 301 -7.37 33.39 -43.24
N PRO D 302 -8.59 32.87 -43.52
CA PRO D 302 -9.83 33.50 -43.05
C PRO D 302 -10.07 33.31 -41.55
N LEU D 303 -9.59 32.20 -41.02
CA LEU D 303 -9.86 31.83 -39.63
C LEU D 303 -8.55 31.79 -38.87
N GLY D 304 -8.65 32.12 -37.59
CA GLY D 304 -7.48 32.28 -36.75
C GLY D 304 -7.94 32.61 -35.35
N PRO D 305 -7.01 32.60 -34.39
CA PRO D 305 -7.34 32.93 -33.02
C PRO D 305 -7.78 34.37 -32.98
N VAL D 306 -8.74 34.65 -32.07
CA VAL D 306 -9.45 35.90 -32.07
C VAL D 306 -9.20 36.56 -30.73
N VAL D 307 -8.83 37.84 -30.81
CA VAL D 307 -8.78 38.67 -29.62
C VAL D 307 -10.22 38.97 -29.22
N ASP D 308 -10.82 38.05 -28.47
CA ASP D 308 -12.20 38.12 -28.08
C ASP D 308 -12.35 38.84 -26.75
N GLY D 309 -11.24 39.08 -26.07
CA GLY D 309 -11.27 39.70 -24.74
C GLY D 309 -11.47 38.69 -23.59
N THR D 310 -11.72 37.40 -23.88
CA THR D 310 -11.89 36.38 -22.85
C THR D 310 -10.76 35.35 -22.94
N VAL D 311 -10.86 34.43 -23.89
CA VAL D 311 -9.80 33.45 -24.11
C VAL D 311 -8.52 34.19 -24.46
N LEU D 312 -8.66 35.18 -25.34
CA LEU D 312 -7.55 36.07 -25.65
C LEU D 312 -7.93 37.50 -25.29
N PRO D 313 -7.49 37.99 -24.11
CA PRO D 313 -7.83 39.33 -23.66
C PRO D 313 -7.21 40.43 -24.52
N GLU D 314 -5.98 40.19 -24.99
CA GLU D 314 -5.27 41.17 -25.79
C GLU D 314 -4.51 40.42 -26.88
N HIS D 315 -3.93 41.18 -27.82
CA HIS D 315 -3.09 40.63 -28.85
C HIS D 315 -1.89 39.93 -28.19
N PRO D 316 -1.51 38.72 -28.67
CA PRO D 316 -0.41 37.96 -28.07
C PRO D 316 0.92 38.71 -27.90
N MET D 317 1.25 39.53 -28.88
CA MET D 317 2.51 40.27 -28.89
C MET D 317 2.44 41.38 -27.85
N ALA D 318 1.24 41.97 -27.65
CA ALA D 318 1.03 42.93 -26.56
C ALA D 318 1.29 42.27 -25.21
N ALA D 319 0.77 41.05 -25.06
CA ALA D 319 0.95 40.32 -23.78
C ALA D 319 2.42 39.96 -23.56
N LEU D 320 3.14 39.62 -24.64
CA LEU D 320 4.57 39.26 -24.53
C LEU D 320 5.34 40.48 -24.00
N ALA D 321 5.00 41.67 -24.50
CA ALA D 321 5.65 42.92 -24.04
C ALA D 321 5.36 43.11 -22.56
N ARG D 322 4.14 42.79 -22.14
CA ARG D 322 3.71 42.91 -20.72
C ARG D 322 4.51 41.93 -19.85
N GLY D 323 5.06 40.86 -20.44
CA GLY D 323 5.72 39.82 -19.62
C GLY D 323 4.85 38.63 -19.31
N ALA D 324 3.68 38.54 -19.95
CA ALA D 324 2.86 37.32 -19.78
C ALA D 324 3.73 36.05 -19.88
N ALA D 325 4.78 36.06 -20.71
CA ALA D 325 5.59 34.87 -20.91
C ALA D 325 6.98 35.08 -20.32
N ARG D 326 7.10 36.01 -19.37
CA ARG D 326 8.39 36.38 -18.81
C ARG D 326 9.05 35.17 -18.12
N ASP D 327 8.24 34.24 -17.62
CA ASP D 327 8.74 33.09 -16.89
C ASP D 327 9.17 32.00 -17.86
N VAL D 328 8.58 31.99 -19.07
CA VAL D 328 8.74 30.87 -19.98
C VAL D 328 9.98 31.07 -20.86
N ALA D 329 10.75 30.00 -20.99
CA ALA D 329 11.93 29.95 -21.85
C ALA D 329 11.54 29.54 -23.27
N VAL D 330 12.14 30.18 -24.26
CA VAL D 330 11.68 30.13 -25.64
C VAL D 330 12.84 29.78 -26.59
N LEU D 331 12.59 28.84 -27.51
CA LEU D 331 13.35 28.66 -28.73
C LEU D 331 12.47 29.06 -29.94
N VAL D 332 12.94 30.05 -30.73
CA VAL D 332 12.13 30.61 -31.80
C VAL D 332 12.98 30.69 -33.08
N GLY D 333 12.37 30.40 -34.24
CA GLY D 333 13.10 30.50 -35.48
C GLY D 333 12.24 30.46 -36.72
N VAL D 334 12.94 30.63 -37.86
CA VAL D 334 12.35 30.70 -39.18
C VAL D 334 13.27 29.97 -40.17
N ASN D 335 12.69 29.52 -41.27
CA ASN D 335 13.47 28.99 -42.38
C ASN D 335 13.87 30.17 -43.26
N LYS D 336 15.00 30.04 -43.96
CA LYS D 336 15.56 31.12 -44.76
C LYS D 336 14.62 31.60 -45.87
N ASP D 337 13.89 30.67 -46.54
CA ASP D 337 13.07 31.08 -47.67
C ASP D 337 11.63 30.62 -47.47
N GLU D 338 11.02 31.06 -46.35
CA GLU D 338 9.73 30.57 -45.89
C GLU D 338 8.66 30.70 -46.98
N TYR D 339 8.51 31.90 -47.57
CA TYR D 339 7.32 32.19 -48.36
C TYR D 339 7.32 31.42 -49.67
N ASN D 340 8.50 30.90 -50.09
CA ASN D 340 8.66 30.25 -51.38
C ASN D 340 7.68 29.10 -51.56
N LEU D 341 7.29 28.44 -50.47
CA LEU D 341 6.37 27.34 -50.58
C LEU D 341 5.07 27.81 -51.24
N PHE D 342 4.66 29.01 -50.86
CA PHE D 342 3.37 29.56 -51.28
C PHE D 342 3.43 29.94 -52.75
N ALA D 343 4.63 30.14 -53.29
CA ALA D 343 4.75 30.38 -54.73
C ALA D 343 4.22 29.18 -55.51
N LEU D 344 4.29 27.97 -54.98
CA LEU D 344 3.75 26.82 -55.69
C LEU D 344 2.24 27.00 -55.90
N GLN D 345 1.58 27.61 -54.92
CA GLN D 345 0.15 27.88 -55.01
C GLN D 345 -0.10 29.08 -55.93
N ASP D 346 0.80 30.08 -55.92
CA ASP D 346 0.69 31.18 -56.89
C ASP D 346 1.95 31.28 -57.75
N PRO D 347 1.91 30.92 -59.05
CA PRO D 347 3.10 30.93 -59.89
C PRO D 347 3.73 32.30 -60.14
N ALA D 348 2.96 33.39 -59.96
CA ALA D 348 3.46 34.72 -60.26
C ALA D 348 4.72 35.02 -59.44
N TRP D 349 4.83 34.49 -58.20
CA TRP D 349 6.03 34.78 -57.41
C TRP D 349 7.28 34.23 -58.11
N LEU D 350 7.12 33.18 -58.91
CA LEU D 350 8.25 32.66 -59.68
C LEU D 350 8.43 33.46 -60.96
N GLY D 351 7.36 34.13 -61.38
CA GLY D 351 7.31 34.79 -62.67
C GLY D 351 7.85 36.22 -62.61
N ASP D 352 7.86 36.88 -63.76
CA ASP D 352 8.50 38.17 -63.90
C ASP D 352 7.60 39.26 -63.30
N ASP D 353 8.15 40.47 -63.18
CA ASP D 353 7.53 41.60 -62.48
C ASP D 353 6.15 41.93 -63.02
N GLU D 354 5.16 41.96 -62.13
CA GLU D 354 3.78 42.18 -62.52
C GLU D 354 3.15 43.11 -61.49
N ALA D 355 2.09 43.79 -61.93
CA ALA D 355 1.25 44.60 -61.08
C ALA D 355 0.67 43.77 -59.95
N ALA D 356 0.29 42.53 -60.25
CA ALA D 356 -0.27 41.60 -59.29
C ALA D 356 0.69 41.31 -58.15
N LEU D 357 2.00 41.16 -58.43
CA LEU D 357 2.99 40.95 -57.39
C LEU D 357 2.99 42.09 -56.37
N ARG D 358 2.98 43.33 -56.89
CA ARG D 358 2.85 44.52 -56.07
C ARG D 358 1.54 44.45 -55.27
N GLN D 359 0.47 44.01 -55.91
CA GLN D 359 -0.82 43.96 -55.24
C GLN D 359 -0.75 42.98 -54.07
N ARG D 360 -0.09 41.83 -54.20
CA ARG D 360 -0.02 40.86 -53.12
C ARG D 360 0.82 41.40 -51.96
N VAL D 361 1.91 42.08 -52.27
CA VAL D 361 2.72 42.74 -51.26
C VAL D 361 1.88 43.83 -50.58
N GLU D 362 1.17 44.63 -51.37
CA GLU D 362 0.36 45.74 -50.88
C GLU D 362 -0.74 45.23 -49.96
N ALA D 363 -1.37 44.09 -50.29
CA ALA D 363 -2.35 43.45 -49.42
C ALA D 363 -1.79 43.25 -48.02
N VAL D 364 -0.53 42.86 -47.91
CA VAL D 364 0.05 42.54 -46.63
C VAL D 364 0.57 43.80 -45.93
N VAL D 365 1.27 44.70 -46.65
CA VAL D 365 1.94 45.82 -45.98
C VAL D 365 1.33 47.19 -46.34
N GLY D 366 0.28 47.23 -47.15
CA GLY D 366 -0.46 48.48 -47.37
C GLY D 366 0.42 49.61 -47.91
N PRO D 367 0.51 50.79 -47.23
CA PRO D 367 1.33 51.92 -47.70
C PRO D 367 2.84 51.73 -47.77
N ALA D 368 3.39 50.86 -46.92
CA ALA D 368 4.83 50.63 -46.87
C ALA D 368 5.33 49.84 -48.09
N ALA D 369 4.40 49.26 -48.86
CA ALA D 369 4.75 48.25 -49.84
C ALA D 369 5.67 48.84 -50.92
N GLY D 370 5.30 50.03 -51.42
CA GLY D 370 6.03 50.69 -52.48
C GLY D 370 7.52 50.85 -52.13
N ARG D 371 7.80 51.46 -50.98
CA ARG D 371 9.17 51.68 -50.57
C ARG D 371 9.91 50.36 -50.38
N LEU D 372 9.23 49.37 -49.76
CA LEU D 372 9.88 48.10 -49.43
C LEU D 372 10.19 47.34 -50.72
N ILE D 373 9.33 47.46 -51.71
CA ILE D 373 9.53 46.76 -52.96
C ILE D 373 10.83 47.24 -53.63
N GLU D 374 11.13 48.53 -53.53
CA GLU D 374 12.35 49.06 -54.16
C GLU D 374 13.61 48.53 -53.46
N PHE D 375 13.56 48.44 -52.13
CA PHE D 375 14.72 47.88 -51.36
C PHE D 375 14.91 46.42 -51.75
N TYR D 376 13.82 45.66 -51.76
CA TYR D 376 13.92 44.21 -52.06
C TYR D 376 14.22 43.98 -53.55
N ARG D 377 13.72 44.85 -54.43
CA ARG D 377 14.03 44.73 -55.88
C ARG D 377 15.52 44.89 -56.08
N SER D 378 16.12 45.84 -55.35
CA SER D 378 17.57 46.10 -55.50
C SER D 378 18.35 44.86 -55.07
N ARG D 379 17.90 44.18 -54.02
CA ARG D 379 18.68 43.04 -53.48
C ARG D 379 18.27 41.70 -54.08
N GLY D 380 19.13 40.69 -53.98
CA GLY D 380 18.83 39.33 -54.40
C GLY D 380 19.02 39.13 -55.89
N GLU D 381 18.52 38.00 -56.39
CA GLU D 381 18.71 37.60 -57.77
C GLU D 381 17.40 37.01 -58.28
N GLY D 382 17.27 36.94 -59.61
CA GLY D 382 16.13 36.31 -60.25
C GLY D 382 15.06 37.32 -60.62
N SER D 383 13.87 36.79 -60.97
CA SER D 383 12.68 37.60 -61.27
C SER D 383 12.33 38.49 -60.06
N LEU D 384 11.58 39.57 -60.32
CA LEU D 384 11.16 40.45 -59.24
C LEU D 384 10.34 39.68 -58.19
N GLY D 385 9.52 38.71 -58.61
CA GLY D 385 8.77 37.88 -57.66
C GLY D 385 9.70 37.13 -56.71
N ARG D 386 10.74 36.52 -57.30
CA ARG D 386 11.78 35.86 -56.52
C ARG D 386 12.45 36.84 -55.55
N ARG D 387 12.61 38.09 -55.98
CA ARG D 387 13.23 39.11 -55.15
C ARG D 387 12.26 39.61 -54.07
N LEU D 388 10.96 39.54 -54.35
CA LEU D 388 9.93 39.99 -53.40
C LEU D 388 9.58 38.89 -52.38
N LEU D 389 9.94 37.64 -52.64
CA LEU D 389 9.59 36.56 -51.73
C LEU D 389 10.19 36.81 -50.34
N PRO D 390 11.45 37.28 -50.20
CA PRO D 390 11.98 37.67 -48.89
C PRO D 390 11.14 38.70 -48.14
N LEU D 391 10.55 39.63 -48.89
CA LEU D 391 9.71 40.67 -48.32
C LEU D 391 8.52 40.02 -47.62
N MET D 392 7.91 39.06 -48.31
CA MET D 392 6.76 38.35 -47.77
C MET D 392 7.22 37.47 -46.60
N SER D 393 8.39 36.84 -46.72
CA SER D 393 8.92 36.02 -45.64
C SER D 393 9.08 36.88 -44.38
N TYR D 394 9.56 38.11 -44.54
CA TYR D 394 9.79 38.98 -43.40
C TYR D 394 8.46 39.38 -42.77
N ALA D 395 7.50 39.79 -43.59
CA ALA D 395 6.25 40.31 -43.08
C ALA D 395 5.49 39.23 -42.31
N VAL D 396 5.47 38.03 -42.87
CA VAL D 396 4.65 36.97 -42.30
C VAL D 396 5.38 36.26 -41.15
N PHE D 397 6.70 36.07 -41.26
CA PHE D 397 7.41 35.18 -40.36
C PHE D 397 8.49 35.90 -39.57
N VAL D 398 9.41 36.60 -40.25
CA VAL D 398 10.59 37.11 -39.56
C VAL D 398 10.18 38.19 -38.56
N ARG D 399 9.27 39.06 -38.95
CA ARG D 399 8.87 40.17 -38.09
C ARG D 399 8.33 39.65 -36.77
N GLY D 400 7.44 38.67 -36.85
CA GLY D 400 6.88 38.06 -35.64
C GLY D 400 7.96 37.38 -34.81
N MET D 401 8.85 36.64 -35.45
CA MET D 401 9.91 35.96 -34.74
C MET D 401 10.70 36.98 -33.93
N LEU D 402 11.13 38.06 -34.57
CA LEU D 402 12.01 39.03 -33.95
C LEU D 402 11.28 39.78 -32.82
N ALA D 403 10.00 40.11 -33.02
CA ALA D 403 9.23 40.77 -31.99
C ALA D 403 9.09 39.87 -30.76
N THR D 404 8.84 38.56 -30.99
CA THR D 404 8.79 37.57 -29.92
C THR D 404 10.12 37.52 -29.20
N ALA D 405 11.23 37.47 -29.95
CA ALA D 405 12.54 37.34 -29.34
C ALA D 405 12.89 38.59 -28.54
N ASP D 406 12.52 39.76 -29.06
CA ASP D 406 12.84 41.04 -28.44
C ASP D 406 12.06 41.17 -27.12
N ALA D 407 10.78 40.82 -27.15
CA ALA D 407 9.95 40.88 -25.95
C ALA D 407 10.52 39.96 -24.86
N GLN D 408 10.92 38.75 -25.20
CA GLN D 408 11.40 37.80 -24.19
C GLN D 408 12.73 38.26 -23.60
N ALA D 409 13.59 38.83 -24.44
CA ALA D 409 14.87 39.34 -23.99
C ALA D 409 14.65 40.47 -22.99
N ARG D 410 13.71 41.38 -23.31
CA ARG D 410 13.40 42.51 -22.46
C ARG D 410 12.84 42.03 -21.11
N VAL D 411 11.95 41.04 -21.11
CA VAL D 411 11.35 40.53 -19.89
C VAL D 411 12.36 39.66 -19.12
N GLY D 412 13.44 39.23 -19.77
CA GLY D 412 14.50 38.51 -19.08
C GLY D 412 14.29 37.00 -19.12
N ALA D 413 13.36 36.55 -19.97
CA ALA D 413 13.15 35.13 -20.18
C ALA D 413 14.36 34.59 -20.94
N PRO D 414 14.83 33.36 -20.69
CA PRO D 414 15.84 32.75 -21.57
C PRO D 414 15.29 32.56 -22.98
N VAL D 415 16.05 32.97 -24.01
CA VAL D 415 15.61 32.87 -25.41
C VAL D 415 16.77 32.47 -26.31
N TRP D 416 16.50 31.56 -27.25
CA TRP D 416 17.42 31.20 -28.32
C TRP D 416 16.71 31.33 -29.66
N ALA D 417 17.47 31.75 -30.67
CA ALA D 417 16.94 31.99 -31.99
C ALA D 417 17.72 31.15 -33.01
N TYR D 418 17.00 30.64 -34.02
CA TYR D 418 17.63 29.88 -35.08
C TYR D 418 17.11 30.31 -36.44
N ARG D 419 17.93 30.05 -37.47
CA ARG D 419 17.53 30.12 -38.87
C ARG D 419 17.95 28.81 -39.53
N PHE D 420 17.00 28.19 -40.24
CA PHE D 420 17.23 26.93 -40.91
C PHE D 420 17.55 27.22 -42.37
N ASP D 421 18.74 26.80 -42.84
CA ASP D 421 19.21 27.17 -44.17
C ASP D 421 19.28 25.98 -45.13
N PHE D 422 18.91 24.77 -44.70
CA PHE D 422 18.99 23.60 -45.56
C PHE D 422 17.98 23.78 -46.70
N GLU D 423 18.42 23.58 -47.94
CA GLU D 423 17.60 23.84 -49.10
C GLU D 423 17.16 22.53 -49.73
N THR D 424 15.89 22.50 -50.16
CA THR D 424 15.41 21.35 -50.90
C THR D 424 15.81 21.57 -52.35
N PRO D 425 16.27 20.52 -53.05
CA PRO D 425 16.60 20.62 -54.48
C PRO D 425 15.39 20.59 -55.42
N VAL D 426 14.21 20.22 -54.89
CA VAL D 426 13.09 19.86 -55.74
C VAL D 426 12.56 21.12 -56.44
N LEU D 427 11.98 20.90 -57.63
CA LEU D 427 11.47 21.94 -58.51
C LEU D 427 12.55 22.94 -58.86
N GLY D 428 13.78 22.45 -59.10
CA GLY D 428 14.83 23.28 -59.63
C GLY D 428 15.39 24.25 -58.60
N GLY D 429 15.13 24.02 -57.30
CA GLY D 429 15.71 24.81 -56.24
C GLY D 429 14.99 26.15 -56.07
N VAL D 430 13.74 26.20 -56.57
CA VAL D 430 12.95 27.42 -56.44
C VAL D 430 12.50 27.61 -54.97
N LEU D 431 12.32 26.50 -54.26
CA LEU D 431 11.84 26.53 -52.90
C LEU D 431 12.87 27.01 -51.92
N GLY D 432 14.15 26.70 -52.16
CA GLY D 432 15.20 26.90 -51.15
C GLY D 432 14.86 26.24 -49.80
N ALA D 433 15.15 26.97 -48.72
CA ALA D 433 14.74 26.58 -47.38
C ALA D 433 13.31 27.05 -47.09
N CYS D 434 12.33 26.38 -47.70
CA CYS D 434 10.96 26.82 -47.67
C CYS D 434 10.28 26.50 -46.32
N HIS D 435 9.10 27.07 -46.16
CA HIS D 435 8.21 26.79 -45.05
C HIS D 435 7.99 25.28 -44.93
N ALA D 436 8.09 24.76 -43.69
CA ALA D 436 7.70 23.41 -43.31
C ALA D 436 8.80 22.38 -43.61
N LEU D 437 9.92 22.80 -44.21
CA LEU D 437 10.99 21.86 -44.56
C LEU D 437 11.66 21.31 -43.31
N GLU D 438 11.73 22.10 -42.23
CA GLU D 438 12.44 21.73 -41.01
C GLU D 438 11.77 20.59 -40.25
N ILE D 439 10.49 20.35 -40.49
CA ILE D 439 9.74 19.42 -39.66
C ILE D 439 10.35 18.02 -39.60
N PRO D 440 10.69 17.36 -40.73
CA PRO D 440 11.28 16.02 -40.68
C PRO D 440 12.63 16.02 -39.96
N PHE D 441 13.35 17.14 -40.01
CA PHE D 441 14.64 17.27 -39.37
C PHE D 441 14.47 17.22 -37.86
N VAL D 442 13.52 18.03 -37.35
CA VAL D 442 13.22 18.08 -35.91
C VAL D 442 12.76 16.71 -35.39
N PHE D 443 11.85 16.06 -36.13
CA PHE D 443 11.30 14.77 -35.71
C PHE D 443 12.16 13.58 -36.10
N ASN D 444 13.20 13.80 -36.91
CA ASN D 444 14.02 12.66 -37.46
C ASN D 444 13.06 11.73 -38.19
N THR D 445 12.24 12.27 -39.08
CA THR D 445 11.21 11.48 -39.83
C THR D 445 11.56 11.36 -41.30
N LEU D 446 12.83 11.50 -41.67
CA LEU D 446 13.27 11.51 -43.09
C LEU D 446 12.87 10.17 -43.74
N ASP D 447 12.94 9.08 -43.00
CA ASP D 447 12.57 7.72 -43.49
C ASP D 447 11.10 7.72 -43.90
N ARG D 448 10.25 8.54 -43.26
CA ARG D 448 8.81 8.50 -43.58
C ARG D 448 8.71 8.79 -45.06
N ALA D 449 7.77 8.15 -45.77
CA ALA D 449 7.83 8.13 -47.25
C ALA D 449 7.79 9.51 -47.91
N GLY D 450 6.96 10.42 -47.43
CA GLY D 450 6.86 11.73 -48.10
C GLY D 450 8.16 12.52 -48.06
N ALA D 451 8.91 12.48 -46.97
CA ALA D 451 10.07 13.39 -46.77
C ALA D 451 11.18 13.26 -47.80
N ASP D 452 11.57 12.06 -48.22
CA ASP D 452 12.75 11.98 -49.14
C ASP D 452 12.43 12.74 -50.44
N ARG D 453 11.21 12.61 -50.94
CA ARG D 453 10.79 13.36 -52.16
C ARG D 453 10.79 14.87 -51.89
N PHE D 454 10.54 15.29 -50.66
CA PHE D 454 10.47 16.71 -50.30
C PHE D 454 11.88 17.24 -50.05
N THR D 455 12.75 16.47 -49.37
CA THR D 455 14.00 17.00 -48.88
C THR D 455 15.13 16.69 -49.84
N GLY D 456 14.92 15.82 -50.83
CA GLY D 456 16.04 15.26 -51.60
C GLY D 456 16.59 14.03 -50.88
N THR D 457 17.57 13.33 -51.49
CA THR D 457 18.17 12.13 -50.90
C THR D 457 19.65 12.34 -50.57
N ALA D 458 20.07 13.60 -50.39
CA ALA D 458 21.44 13.90 -50.06
C ALA D 458 21.83 13.33 -48.70
N PRO D 459 23.05 12.75 -48.57
CA PRO D 459 23.51 12.15 -47.32
C PRO D 459 23.67 13.13 -46.14
N GLU D 460 23.95 14.38 -46.44
CA GLU D 460 24.23 15.38 -45.43
C GLU D 460 22.97 15.72 -44.63
N ARG D 461 21.79 15.43 -45.16
CA ARG D 461 20.55 15.78 -44.46
C ARG D 461 20.48 15.08 -43.12
N TYR D 462 21.01 13.83 -43.03
CA TYR D 462 20.98 13.03 -41.81
C TYR D 462 21.67 13.76 -40.66
N ALA D 463 22.85 14.34 -40.90
CA ALA D 463 23.56 15.08 -39.87
C ALA D 463 22.81 16.35 -39.47
N VAL D 464 22.18 17.06 -40.43
CA VAL D 464 21.44 18.27 -40.10
C VAL D 464 20.24 17.89 -39.22
N ALA D 465 19.52 16.82 -39.57
CA ALA D 465 18.41 16.34 -38.77
C ALA D 465 18.87 15.99 -37.35
N GLN D 466 20.03 15.35 -37.24
CA GLN D 466 20.55 14.91 -35.95
C GLN D 466 20.83 16.15 -35.09
N ALA D 467 21.51 17.13 -35.68
CA ALA D 467 21.84 18.38 -34.98
C ALA D 467 20.57 19.08 -34.45
N MET D 468 19.52 19.10 -35.30
CA MET D 468 18.28 19.78 -34.97
C MET D 468 17.52 18.98 -33.91
N HIS D 469 17.35 17.67 -34.20
CA HIS D 469 16.67 16.74 -33.33
C HIS D 469 17.25 16.82 -31.92
N ARG D 470 18.59 16.78 -31.82
CA ARG D 470 19.25 16.78 -30.52
C ARG D 470 19.08 18.09 -29.78
N ALA D 471 19.04 19.21 -30.51
CA ALA D 471 18.90 20.52 -29.90
C ALA D 471 17.48 20.70 -29.33
N TRP D 472 16.49 20.18 -30.04
CA TRP D 472 15.12 20.20 -29.53
C TRP D 472 15.03 19.36 -28.27
N ILE D 473 15.67 18.18 -28.31
CA ILE D 473 15.70 17.32 -27.15
C ILE D 473 16.35 18.08 -26.00
N ALA D 474 17.51 18.68 -26.26
CA ALA D 474 18.27 19.32 -25.20
C ALA D 474 17.46 20.44 -24.57
N PHE D 475 16.73 21.18 -25.38
CA PHE D 475 15.97 22.32 -24.89
C PHE D 475 14.80 21.85 -24.01
N ALA D 476 14.15 20.74 -24.40
CA ALA D 476 13.05 20.20 -23.65
C ALA D 476 13.54 19.66 -22.30
N ARG D 477 14.76 19.11 -22.31
CA ARG D 477 15.31 18.39 -21.17
C ARG D 477 15.91 19.38 -20.18
N GLU D 478 16.64 20.40 -20.68
CA GLU D 478 17.46 21.24 -19.84
C GLU D 478 17.13 22.71 -20.01
N GLY D 479 16.25 23.06 -20.94
CA GLY D 479 15.96 24.46 -21.23
C GLY D 479 17.14 25.17 -21.91
N ASN D 480 18.10 24.39 -22.42
CA ASN D 480 19.18 24.92 -23.22
C ASN D 480 19.33 24.05 -24.47
N PRO D 481 19.26 24.66 -25.67
CA PRO D 481 19.34 23.89 -26.92
C PRO D 481 20.74 23.38 -27.28
N GLN D 482 21.78 24.04 -26.75
CA GLN D 482 23.15 23.78 -27.14
C GLN D 482 23.54 22.35 -26.78
N HIS D 483 24.24 21.67 -27.70
CA HIS D 483 24.77 20.33 -27.47
C HIS D 483 26.17 20.21 -28.09
N ASP D 484 26.87 19.10 -27.83
CA ASP D 484 28.26 18.98 -28.22
C ASP D 484 28.39 18.88 -29.75
N GLY D 485 27.41 18.22 -30.39
CA GLY D 485 27.35 18.13 -31.85
C GLY D 485 27.33 19.51 -32.51
N LEU D 486 26.65 20.47 -31.89
CA LEU D 486 26.58 21.82 -32.45
C LEU D 486 27.79 22.65 -31.96
N PRO D 487 28.18 23.73 -32.66
CA PRO D 487 29.07 24.74 -32.10
C PRO D 487 28.34 25.46 -30.98
N GLU D 488 29.08 26.28 -30.24
CA GLU D 488 28.54 27.00 -29.11
C GLU D 488 27.41 27.91 -29.55
N TRP D 489 26.26 27.83 -28.88
CA TRP D 489 25.08 28.57 -29.27
C TRP D 489 24.73 29.60 -28.20
N PRO D 490 25.03 30.90 -28.40
CA PRO D 490 24.67 31.94 -27.43
C PRO D 490 23.17 32.17 -27.39
N ARG D 491 22.70 32.53 -26.21
CA ARG D 491 21.34 33.00 -26.03
C ARG D 491 21.10 34.19 -26.96
N TYR D 492 19.87 34.30 -27.49
CA TYR D 492 19.46 35.51 -28.17
C TYR D 492 19.41 36.67 -27.18
N ASP D 493 19.97 37.81 -27.58
CA ASP D 493 20.02 38.97 -26.72
C ASP D 493 19.88 40.19 -27.62
N LEU D 494 19.50 41.32 -27.03
CA LEU D 494 19.19 42.51 -27.81
C LEU D 494 20.45 43.13 -28.41
N GLU D 495 21.55 43.09 -27.66
CA GLU D 495 22.77 43.74 -28.11
C GLU D 495 23.38 42.99 -29.30
N GLU D 496 23.54 41.66 -29.17
CA GLU D 496 24.19 40.86 -30.24
C GLU D 496 23.19 40.32 -31.27
N ARG D 497 21.96 40.01 -30.84
CA ARG D 497 20.96 39.40 -31.69
C ARG D 497 21.51 38.12 -32.31
N ALA D 498 22.15 37.28 -31.48
CA ALA D 498 22.78 36.07 -31.96
C ALA D 498 21.73 35.06 -32.43
N VAL D 499 21.96 34.47 -33.62
CA VAL D 499 21.05 33.47 -34.17
C VAL D 499 21.88 32.25 -34.58
N MET D 500 21.50 31.04 -34.14
CA MET D 500 22.15 29.83 -34.64
C MET D 500 21.64 29.58 -36.06
N VAL D 501 22.55 29.28 -36.98
CA VAL D 501 22.17 28.91 -38.33
C VAL D 501 22.37 27.43 -38.49
N PHE D 502 21.28 26.68 -38.73
CA PHE D 502 21.39 25.29 -39.12
C PHE D 502 21.66 25.22 -40.63
N ALA D 503 22.82 24.64 -40.98
CA ALA D 503 23.33 24.58 -42.35
C ALA D 503 24.25 23.38 -42.44
N VAL D 504 24.76 23.11 -43.64
CA VAL D 504 25.74 22.03 -43.80
C VAL D 504 26.87 22.26 -42.80
N GLU D 505 27.32 23.51 -42.66
CA GLU D 505 28.18 23.91 -41.57
C GLU D 505 27.37 24.81 -40.65
N PRO D 506 26.96 24.33 -39.46
CA PRO D 506 26.24 25.17 -38.51
C PRO D 506 27.16 26.28 -38.05
N ARG D 507 26.60 27.47 -37.90
CA ARG D 507 27.37 28.66 -37.56
C ARG D 507 26.43 29.59 -36.84
N VAL D 508 26.98 30.41 -35.92
CA VAL D 508 26.21 31.42 -35.21
C VAL D 508 26.47 32.76 -35.85
N GLU D 509 25.38 33.47 -36.19
CA GLU D 509 25.43 34.72 -36.90
C GLU D 509 24.66 35.76 -36.11
N ARG D 510 25.22 36.97 -36.04
CA ARG D 510 24.72 38.01 -35.17
C ARG D 510 24.03 39.09 -35.99
N ASP D 511 22.78 39.41 -35.61
CA ASP D 511 21.97 40.43 -36.26
C ASP D 511 21.91 40.18 -37.77
N PRO D 512 21.51 38.97 -38.21
CA PRO D 512 21.46 38.67 -39.64
C PRO D 512 20.42 39.48 -40.41
N TRP D 513 19.36 39.96 -39.74
CA TRP D 513 18.29 40.67 -40.43
C TRP D 513 18.40 42.17 -40.27
N ARG D 514 19.59 42.65 -39.91
CA ARG D 514 19.76 44.03 -39.50
C ARG D 514 19.33 45.01 -40.59
N ALA D 515 19.80 44.79 -41.80
CA ALA D 515 19.45 45.67 -42.92
C ALA D 515 17.93 45.73 -43.09
N GLU D 516 17.28 44.55 -43.02
CA GLU D 516 15.84 44.52 -43.17
C GLU D 516 15.15 45.24 -42.00
N ARG D 517 15.61 45.01 -40.78
CA ARG D 517 14.93 45.58 -39.61
C ARG D 517 14.92 47.11 -39.71
N GLU D 518 16.01 47.70 -40.22
CA GLU D 518 16.08 49.15 -40.36
C GLU D 518 15.06 49.63 -41.38
N VAL D 519 15.00 48.95 -42.53
CA VAL D 519 14.13 49.34 -43.63
C VAL D 519 12.67 49.22 -43.21
N TRP D 520 12.34 48.13 -42.50
CA TRP D 520 10.98 47.94 -42.06
C TRP D 520 10.57 48.98 -41.04
N ALA D 521 11.52 49.44 -40.22
CA ALA D 521 11.24 50.46 -39.23
C ALA D 521 11.07 51.81 -39.94
N ALA D 522 11.82 52.00 -41.02
CA ALA D 522 11.81 53.23 -41.79
C ALA D 522 10.44 53.50 -42.45
N ALA D 523 9.74 52.45 -42.92
CA ALA D 523 8.37 52.59 -43.41
C ALA D 523 7.45 51.58 -42.74
N GLY D 524 6.35 52.06 -42.13
CA GLY D 524 5.40 51.23 -41.40
C GLY D 524 5.98 49.88 -40.96
S SO4 E . 7.58 -11.88 -0.54
O1 SO4 E . 7.44 -13.31 -0.51
O2 SO4 E . 7.51 -11.40 0.77
O3 SO4 E . 8.86 -11.51 -1.12
O4 SO4 E . 6.52 -11.29 -1.35
#